data_2AIN
#
_entry.id   2AIN
#
loop_
_entity.id
_entity.type
_entity.pdbx_description
1 polymer Afadin
2 polymer '6-mer peptide from Breakpoint cluster region protein'
#
loop_
_entity_poly.entity_id
_entity_poly.type
_entity_poly.pdbx_seq_one_letter_code
_entity_poly.pdbx_strand_id
1 'polypeptide(L)'
;MKEPEIITVTLKKQNGMGLSIVAAKGAGQDKLGIYVKSVVKGGAADVDGRLAAGDQLLSVDGRSLVGLSQERAAELMTRT
SSVVTLEVAKQGA
;
A
2 'polypeptide(L)' LFSTEV B
#
# COMPACT_ATOMS: atom_id res chain seq x y z
N MET A 1 -2.66 11.19 -17.61
CA MET A 1 -3.91 10.93 -16.83
C MET A 1 -5.02 10.40 -17.73
N LYS A 2 -5.51 9.21 -17.41
CA LYS A 2 -6.58 8.57 -18.19
C LYS A 2 -7.29 7.50 -17.37
N GLU A 3 -7.55 7.81 -16.10
CA GLU A 3 -8.24 6.88 -15.19
C GLU A 3 -7.43 5.59 -15.00
N PRO A 4 -6.69 5.48 -13.88
CA PRO A 4 -5.87 4.30 -13.58
C PRO A 4 -6.72 3.06 -13.27
N GLU A 5 -6.06 1.98 -12.86
CA GLU A 5 -6.74 0.72 -12.56
C GLU A 5 -6.58 0.36 -11.08
N ILE A 6 -7.55 0.77 -10.28
CA ILE A 6 -7.54 0.50 -8.84
C ILE A 6 -8.26 -0.81 -8.54
N ILE A 7 -7.64 -1.64 -7.71
CA ILE A 7 -8.22 -2.94 -7.33
C ILE A 7 -7.83 -3.32 -5.91
N THR A 8 -8.73 -4.02 -5.22
CA THR A 8 -8.47 -4.46 -3.84
C THR A 8 -8.34 -5.97 -3.77
N VAL A 9 -7.22 -6.44 -3.22
CA VAL A 9 -6.95 -7.87 -3.10
C VAL A 9 -7.22 -8.36 -1.67
N THR A 10 -7.90 -9.50 -1.56
CA THR A 10 -8.22 -10.10 -0.27
C THR A 10 -7.29 -11.26 0.04
N LEU A 11 -6.25 -10.99 0.82
CA LEU A 11 -5.28 -12.02 1.19
C LEU A 11 -5.19 -12.17 2.71
N LYS A 12 -4.61 -13.28 3.16
CA LYS A 12 -4.46 -13.54 4.59
C LYS A 12 -3.00 -13.42 5.02
N LYS A 13 -2.79 -12.85 6.20
CA LYS A 13 -1.43 -12.67 6.73
C LYS A 13 -0.89 -13.99 7.30
N GLN A 14 0.12 -14.54 6.61
CA GLN A 14 0.73 -15.80 7.05
C GLN A 14 1.78 -15.54 8.13
N ASN A 15 2.60 -14.51 7.92
CA ASN A 15 3.65 -14.13 8.87
C ASN A 15 4.22 -12.75 8.51
N GLY A 16 3.35 -11.84 8.07
CA GLY A 16 3.77 -10.51 7.70
C GLY A 16 3.60 -10.23 6.21
N MET A 17 3.86 -9.00 5.80
CA MET A 17 3.71 -8.62 4.39
C MET A 17 5.07 -8.52 3.69
N GLY A 18 6.02 -7.84 4.34
CA GLY A 18 7.34 -7.69 3.78
C GLY A 18 7.34 -6.88 2.50
N LEU A 19 7.33 -5.55 2.64
CA LEU A 19 7.33 -4.64 1.48
C LEU A 19 7.80 -3.24 1.90
N SER A 20 7.85 -2.33 0.93
CA SER A 20 8.28 -0.95 1.20
C SER A 20 7.32 0.06 0.56
N ILE A 21 7.16 1.20 1.22
CA ILE A 21 6.27 2.24 0.73
C ILE A 21 6.84 3.65 0.99
N VAL A 22 6.44 4.61 0.15
CA VAL A 22 6.90 5.99 0.29
C VAL A 22 5.75 6.99 0.11
N ALA A 23 5.72 8.00 0.98
CA ALA A 23 4.68 9.03 0.94
C ALA A 23 5.05 10.14 -0.03
N ALA A 24 4.12 10.51 -0.90
CA ALA A 24 4.36 11.57 -1.89
C ALA A 24 3.16 12.52 -1.98
N LYS A 25 3.45 13.81 -2.17
CA LYS A 25 2.41 14.84 -2.27
C LYS A 25 2.53 15.59 -3.60
N GLY A 26 1.63 16.55 -3.80
CA GLY A 26 1.65 17.34 -5.03
C GLY A 26 0.83 18.60 -4.89
N ALA A 27 0.13 18.96 -5.95
CA ALA A 27 -0.72 20.15 -5.92
C ALA A 27 -2.19 19.77 -5.81
N GLY A 28 -2.95 20.56 -5.07
CA GLY A 28 -4.37 20.27 -4.88
C GLY A 28 -4.57 18.95 -4.16
N GLN A 29 -3.66 18.63 -3.24
CA GLN A 29 -3.72 17.38 -2.49
C GLN A 29 -3.61 17.65 -0.99
N ASP A 30 -4.73 17.55 -0.29
CA ASP A 30 -4.76 17.77 1.15
C ASP A 30 -4.56 16.46 1.92
N LYS A 31 -4.00 15.46 1.24
CA LYS A 31 -3.77 14.15 1.85
C LYS A 31 -2.40 13.60 1.44
N LEU A 32 -2.16 12.32 1.73
CA LEU A 32 -0.90 11.68 1.38
C LEU A 32 -1.12 10.23 0.94
N GLY A 33 -0.53 9.87 -0.20
CA GLY A 33 -0.68 8.52 -0.74
C GLY A 33 0.47 7.61 -0.35
N ILE A 34 0.16 6.38 0.05
CA ILE A 34 1.19 5.41 0.44
C ILE A 34 1.62 4.59 -0.77
N TYR A 35 2.55 5.12 -1.55
CA TYR A 35 3.06 4.44 -2.74
C TYR A 35 3.99 3.29 -2.37
N VAL A 36 4.22 2.38 -3.32
CA VAL A 36 5.09 1.23 -3.09
C VAL A 36 6.50 1.50 -3.63
N LYS A 37 7.51 1.15 -2.83
CA LYS A 37 8.91 1.33 -3.23
C LYS A 37 9.56 0.00 -3.59
N SER A 38 9.21 -1.06 -2.85
CA SER A 38 9.78 -2.39 -3.11
C SER A 38 8.97 -3.46 -2.37
N VAL A 39 9.29 -4.73 -2.64
CA VAL A 39 8.60 -5.86 -2.02
C VAL A 39 9.61 -6.86 -1.47
N VAL A 40 9.48 -7.19 -0.18
CA VAL A 40 10.38 -8.14 0.46
C VAL A 40 10.03 -9.58 0.08
N LYS A 41 11.06 -10.42 -0.04
CA LYS A 41 10.87 -11.82 -0.40
C LYS A 41 10.17 -12.59 0.71
N GLY A 42 9.42 -13.62 0.32
CA GLY A 42 8.71 -14.44 1.29
C GLY A 42 7.57 -13.69 1.97
N GLY A 43 7.11 -12.61 1.34
CA GLY A 43 6.02 -11.83 1.90
C GLY A 43 4.66 -12.27 1.36
N ALA A 44 3.61 -11.95 2.12
CA ALA A 44 2.25 -12.32 1.73
C ALA A 44 1.90 -11.81 0.32
N ALA A 45 2.41 -10.63 -0.03
CA ALA A 45 2.16 -10.04 -1.33
C ALA A 45 3.15 -10.56 -2.38
N ASP A 46 4.38 -10.85 -1.95
CA ASP A 46 5.41 -11.36 -2.86
C ASP A 46 5.14 -12.81 -3.26
N VAL A 47 4.78 -13.64 -2.28
CA VAL A 47 4.50 -15.05 -2.53
C VAL A 47 3.24 -15.22 -3.39
N ASP A 48 2.19 -14.47 -3.05
CA ASP A 48 0.93 -14.53 -3.79
C ASP A 48 1.08 -13.84 -5.16
N GLY A 49 1.82 -12.74 -5.19
CA GLY A 49 2.02 -12.00 -6.42
C GLY A 49 0.81 -11.15 -6.80
N ARG A 50 0.72 -9.96 -6.21
CA ARG A 50 -0.40 -9.06 -6.50
C ARG A 50 0.10 -7.63 -6.76
N LEU A 51 0.74 -7.03 -5.75
CA LEU A 51 1.25 -5.67 -5.87
C LEU A 51 2.74 -5.66 -6.20
N ALA A 52 3.21 -4.57 -6.82
CA ALA A 52 4.62 -4.42 -7.18
C ALA A 52 5.15 -3.04 -6.82
N ALA A 53 6.46 -2.85 -6.99
CA ALA A 53 7.11 -1.58 -6.69
C ALA A 53 6.69 -0.49 -7.68
N GLY A 54 6.48 0.72 -7.17
CA GLY A 54 6.08 1.82 -8.02
C GLY A 54 4.58 1.90 -8.21
N ASP A 55 3.82 1.61 -7.14
CA ASP A 55 2.36 1.64 -7.19
C ASP A 55 1.80 2.63 -6.17
N GLN A 56 0.47 2.76 -6.15
CA GLN A 56 -0.19 3.69 -5.22
C GLN A 56 -1.24 2.97 -4.37
N LEU A 57 -1.30 3.34 -3.09
CA LEU A 57 -2.27 2.74 -2.15
C LEU A 57 -3.39 3.72 -1.82
N LEU A 58 -4.59 3.18 -1.58
CA LEU A 58 -5.76 4.01 -1.25
C LEU A 58 -6.42 3.54 0.05
N SER A 59 -6.86 2.28 0.07
CA SER A 59 -7.52 1.72 1.25
C SER A 59 -6.85 0.44 1.73
N VAL A 60 -6.83 0.27 3.05
CA VAL A 60 -6.23 -0.91 3.65
C VAL A 60 -7.14 -1.49 4.73
N ASP A 61 -7.50 -2.77 4.59
CA ASP A 61 -8.38 -3.43 5.54
C ASP A 61 -9.72 -2.71 5.64
N GLY A 62 -10.16 -2.14 4.52
CA GLY A 62 -11.43 -1.43 4.49
C GLY A 62 -11.40 -0.12 5.25
N ARG A 63 -10.20 0.45 5.41
CA ARG A 63 -10.06 1.72 6.12
C ARG A 63 -9.60 2.81 5.15
N SER A 64 -10.23 3.98 5.23
CA SER A 64 -9.90 5.10 4.37
C SER A 64 -8.70 5.86 4.94
N LEU A 65 -7.50 5.41 4.59
CA LEU A 65 -6.27 6.04 5.07
C LEU A 65 -5.83 7.15 4.11
N VAL A 66 -6.74 8.08 3.84
CA VAL A 66 -6.45 9.20 2.95
C VAL A 66 -6.17 10.46 3.75
N GLY A 67 -4.89 10.76 3.91
CA GLY A 67 -4.47 11.95 4.66
C GLY A 67 -3.76 11.59 5.95
N LEU A 68 -3.04 10.48 5.95
CA LEU A 68 -2.30 10.03 7.13
C LEU A 68 -0.80 10.00 6.86
N SER A 69 -0.02 9.97 7.93
CA SER A 69 1.44 9.93 7.82
C SER A 69 1.92 8.50 7.60
N GLN A 70 3.06 8.34 6.95
CA GLN A 70 3.62 7.02 6.69
C GLN A 70 3.60 6.14 7.94
N GLU A 71 3.96 6.73 9.08
CA GLU A 71 3.98 6.00 10.35
C GLU A 71 2.61 5.42 10.66
N ARG A 72 1.57 6.26 10.59
CA ARG A 72 0.21 5.81 10.87
C ARG A 72 -0.29 4.87 9.77
N ALA A 73 0.10 5.16 8.52
CA ALA A 73 -0.32 4.34 7.39
C ALA A 73 0.30 2.94 7.44
N ALA A 74 1.63 2.87 7.47
CA ALA A 74 2.33 1.58 7.52
C ALA A 74 1.96 0.81 8.79
N GLU A 75 1.97 1.49 9.94
CA GLU A 75 1.63 0.87 11.20
C GLU A 75 0.25 0.21 11.14
N LEU A 76 -0.74 0.97 10.68
CA LEU A 76 -2.11 0.45 10.57
C LEU A 76 -2.18 -0.73 9.60
N MET A 77 -1.46 -0.63 8.48
CA MET A 77 -1.44 -1.69 7.47
C MET A 77 -0.98 -3.02 8.07
N THR A 78 0.15 -3.00 8.78
CA THR A 78 0.67 -4.20 9.41
C THR A 78 -0.23 -4.61 10.58
N ARG A 79 -0.91 -3.62 11.17
CA ARG A 79 -1.80 -3.86 12.30
C ARG A 79 -3.20 -4.30 11.82
N THR A 80 -3.25 -5.22 10.86
CA THR A 80 -4.52 -5.72 10.34
C THR A 80 -4.86 -7.10 10.92
N SER A 81 -6.08 -7.57 10.66
CA SER A 81 -6.53 -8.87 11.15
C SER A 81 -6.10 -9.99 10.20
N SER A 82 -6.67 -11.18 10.38
CA SER A 82 -6.33 -12.32 9.53
C SER A 82 -6.55 -11.98 8.05
N VAL A 83 -7.65 -11.31 7.74
CA VAL A 83 -7.96 -10.92 6.38
C VAL A 83 -7.46 -9.50 6.09
N VAL A 84 -6.92 -9.30 4.89
CA VAL A 84 -6.39 -8.00 4.49
C VAL A 84 -6.93 -7.57 3.13
N THR A 85 -7.36 -6.32 3.03
CA THR A 85 -7.90 -5.77 1.78
C THR A 85 -7.11 -4.54 1.34
N LEU A 86 -6.05 -4.78 0.56
CA LEU A 86 -5.21 -3.69 0.06
C LEU A 86 -5.65 -3.24 -1.33
N GLU A 87 -6.02 -1.97 -1.44
CA GLU A 87 -6.46 -1.41 -2.71
C GLU A 87 -5.31 -0.65 -3.38
N VAL A 88 -4.70 -1.29 -4.38
CA VAL A 88 -3.59 -0.70 -5.11
C VAL A 88 -4.01 -0.22 -6.50
N ALA A 89 -3.35 0.82 -7.00
CA ALA A 89 -3.66 1.38 -8.30
C ALA A 89 -2.59 1.02 -9.34
N LYS A 90 -3.01 0.87 -10.59
CA LYS A 90 -2.10 0.53 -11.69
C LYS A 90 -1.76 1.77 -12.51
N GLN A 91 -0.48 2.15 -12.49
CA GLN A 91 -0.01 3.32 -13.23
C GLN A 91 1.51 3.32 -13.35
N GLY A 92 2.06 4.40 -13.89
CA GLY A 92 3.50 4.51 -14.03
C GLY A 92 3.90 5.48 -15.13
N ALA A 93 4.94 6.25 -14.87
CA ALA A 93 5.46 7.22 -15.83
C ALA A 93 6.88 6.90 -16.25
N LEU B 1 8.22 11.62 2.74
CA LEU B 1 9.02 11.12 1.59
C LEU B 1 10.05 10.07 2.01
N PHE B 2 9.71 9.28 3.03
CA PHE B 2 10.60 8.22 3.53
C PHE B 2 10.14 6.86 3.02
N SER B 3 10.95 5.82 3.27
CA SER B 3 10.61 4.47 2.83
C SER B 3 10.60 3.49 4.00
N THR B 4 9.41 3.19 4.50
CA THR B 4 9.24 2.27 5.62
C THR B 4 9.01 0.84 5.11
N GLU B 5 8.71 -0.08 6.03
CA GLU B 5 8.45 -1.47 5.67
C GLU B 5 7.31 -2.04 6.51
N VAL B 6 6.23 -2.44 5.84
CA VAL B 6 5.06 -2.99 6.52
C VAL B 6 4.95 -4.51 6.31
N MET A 1 -1.64 11.14 -16.25
CA MET A 1 -2.85 11.50 -17.05
C MET A 1 -3.86 10.35 -17.06
N LYS A 2 -5.07 10.64 -17.56
CA LYS A 2 -6.15 9.64 -17.63
C LYS A 2 -6.53 9.16 -16.22
N GLU A 3 -7.43 8.16 -16.17
CA GLU A 3 -7.88 7.61 -14.90
C GLU A 3 -7.05 6.38 -14.52
N PRO A 4 -6.56 6.33 -13.26
CA PRO A 4 -5.74 5.20 -12.77
C PRO A 4 -6.51 3.87 -12.77
N GLU A 5 -5.97 2.88 -12.06
CA GLU A 5 -6.61 1.57 -11.97
C GLU A 5 -6.67 1.09 -10.53
N ILE A 6 -7.85 1.22 -9.94
CA ILE A 6 -8.08 0.80 -8.56
C ILE A 6 -8.54 -0.65 -8.49
N ILE A 7 -7.86 -1.46 -7.67
CA ILE A 7 -8.20 -2.86 -7.52
C ILE A 7 -7.95 -3.34 -6.08
N THR A 8 -8.88 -4.12 -5.55
CA THR A 8 -8.76 -4.63 -4.19
C THR A 8 -8.07 -6.00 -4.18
N VAL A 9 -7.19 -6.21 -3.21
CA VAL A 9 -6.46 -7.46 -3.09
C VAL A 9 -6.76 -8.14 -1.75
N THR A 10 -7.36 -9.33 -1.81
CA THR A 10 -7.69 -10.08 -0.61
C THR A 10 -6.82 -11.32 -0.47
N LEU A 11 -5.82 -11.24 0.41
CA LEU A 11 -4.90 -12.36 0.65
C LEU A 11 -4.76 -12.65 2.14
N LYS A 12 -4.34 -13.87 2.46
CA LYS A 12 -4.14 -14.27 3.85
C LYS A 12 -2.75 -13.85 4.34
N LYS A 13 -2.69 -13.29 5.55
CA LYS A 13 -1.43 -12.84 6.13
C LYS A 13 -0.50 -14.02 6.45
N GLN A 14 0.42 -14.30 5.53
CA GLN A 14 1.37 -15.40 5.72
C GLN A 14 2.73 -14.85 6.16
N ASN A 15 3.00 -14.93 7.46
CA ASN A 15 4.26 -14.42 8.03
C ASN A 15 4.48 -12.95 7.66
N GLY A 16 3.39 -12.19 7.58
CA GLY A 16 3.47 -10.79 7.24
C GLY A 16 3.31 -10.55 5.75
N MET A 17 3.50 -9.30 5.33
CA MET A 17 3.36 -8.94 3.92
C MET A 17 4.73 -8.77 3.27
N GLY A 18 5.69 -8.22 4.02
CA GLY A 18 7.03 -8.01 3.50
C GLY A 18 7.06 -7.06 2.31
N LEU A 19 7.01 -5.76 2.60
CA LEU A 19 7.03 -4.74 1.55
C LEU A 19 7.43 -3.37 2.12
N SER A 20 7.49 -2.36 1.25
CA SER A 20 7.88 -1.01 1.65
C SER A 20 6.90 0.04 1.11
N ILE A 21 6.84 1.20 1.76
CA ILE A 21 5.94 2.28 1.33
C ILE A 21 6.57 3.66 1.54
N VAL A 22 6.24 4.59 0.63
CA VAL A 22 6.76 5.96 0.69
C VAL A 22 5.65 6.98 0.48
N ALA A 23 5.63 8.02 1.32
CA ALA A 23 4.63 9.08 1.22
C ALA A 23 5.15 10.22 0.35
N ALA A 24 4.41 10.53 -0.71
CA ALA A 24 4.80 11.61 -1.63
C ALA A 24 3.60 12.48 -2.00
N LYS A 25 3.87 13.77 -2.27
CA LYS A 25 2.82 14.72 -2.63
C LYS A 25 2.97 15.18 -4.08
N GLY A 26 2.07 16.05 -4.52
CA GLY A 26 2.11 16.56 -5.87
C GLY A 26 1.25 17.80 -6.03
N ALA A 27 0.56 17.90 -7.15
CA ALA A 27 -0.31 19.04 -7.41
C ALA A 27 -1.78 18.63 -7.31
N GLY A 28 -2.62 19.55 -6.83
CA GLY A 28 -4.03 19.27 -6.68
C GLY A 28 -4.27 18.11 -5.74
N GLN A 29 -3.50 18.07 -4.65
CA GLN A 29 -3.60 17.01 -3.67
C GLN A 29 -3.62 17.57 -2.25
N ASP A 30 -4.80 17.53 -1.62
CA ASP A 30 -4.96 18.03 -0.25
C ASP A 30 -4.73 16.92 0.77
N LYS A 31 -4.07 15.85 0.34
CA LYS A 31 -3.78 14.71 1.21
C LYS A 31 -2.43 14.08 0.84
N LEU A 32 -2.13 12.93 1.44
CA LEU A 32 -0.88 12.22 1.17
C LEU A 32 -1.15 10.80 0.69
N GLY A 33 -0.41 10.38 -0.34
CA GLY A 33 -0.58 9.04 -0.88
C GLY A 33 0.49 8.08 -0.42
N ILE A 34 0.07 6.96 0.16
CA ILE A 34 1.00 5.94 0.65
C ILE A 34 1.42 5.01 -0.49
N TYR A 35 2.43 5.43 -1.24
CA TYR A 35 2.94 4.64 -2.36
C TYR A 35 3.83 3.49 -1.90
N VAL A 36 4.15 2.58 -2.81
CA VAL A 36 4.99 1.42 -2.49
C VAL A 36 6.41 1.61 -3.02
N LYS A 37 7.40 1.40 -2.15
CA LYS A 37 8.81 1.53 -2.53
C LYS A 37 9.30 0.23 -3.17
N SER A 38 8.97 -0.90 -2.55
CA SER A 38 9.38 -2.21 -3.05
C SER A 38 8.67 -3.34 -2.29
N VAL A 39 8.92 -4.58 -2.72
CA VAL A 39 8.31 -5.74 -2.07
C VAL A 39 9.39 -6.69 -1.53
N VAL A 40 9.27 -7.05 -0.25
CA VAL A 40 10.23 -7.94 0.38
C VAL A 40 9.87 -9.41 0.13
N LYS A 41 10.84 -10.16 -0.39
CA LYS A 41 10.64 -11.58 -0.69
C LYS A 41 10.35 -12.36 0.59
N GLY A 42 9.49 -13.37 0.48
CA GLY A 42 9.14 -14.18 1.63
C GLY A 42 7.83 -13.77 2.29
N GLY A 43 7.35 -12.56 1.97
CA GLY A 43 6.11 -12.08 2.54
C GLY A 43 4.89 -12.75 1.93
N ALA A 44 3.76 -12.04 1.94
CA ALA A 44 2.51 -12.56 1.40
C ALA A 44 2.30 -12.12 -0.06
N ALA A 45 2.23 -10.80 -0.26
CA ALA A 45 2.02 -10.25 -1.60
C ALA A 45 3.17 -10.61 -2.55
N ASP A 46 4.35 -10.86 -1.99
CA ASP A 46 5.51 -11.22 -2.81
C ASP A 46 5.37 -12.64 -3.34
N VAL A 47 5.01 -13.57 -2.46
CA VAL A 47 4.85 -14.97 -2.84
C VAL A 47 3.56 -15.18 -3.65
N ASP A 48 2.51 -14.46 -3.28
CA ASP A 48 1.23 -14.56 -3.98
C ASP A 48 1.28 -13.84 -5.33
N GLY A 49 1.83 -12.63 -5.32
CA GLY A 49 1.94 -11.85 -6.55
C GLY A 49 0.78 -10.88 -6.71
N ARG A 50 0.71 -9.89 -5.81
CA ARG A 50 -0.35 -8.88 -5.86
C ARG A 50 0.19 -7.49 -5.52
N LEU A 51 1.45 -7.24 -5.85
CA LEU A 51 2.07 -5.94 -5.58
C LEU A 51 3.22 -5.66 -6.54
N ALA A 52 3.74 -4.43 -6.49
CA ALA A 52 4.85 -4.02 -7.34
C ALA A 52 5.43 -2.69 -6.90
N ALA A 53 6.75 -2.57 -6.98
CA ALA A 53 7.43 -1.33 -6.58
C ALA A 53 6.97 -0.16 -7.43
N GLY A 54 6.35 0.83 -6.79
CA GLY A 54 5.87 2.00 -7.50
C GLY A 54 4.35 2.02 -7.62
N ASP A 55 3.67 1.47 -6.63
CA ASP A 55 2.20 1.43 -6.62
C ASP A 55 1.63 2.41 -5.59
N GLN A 56 0.30 2.43 -5.47
CA GLN A 56 -0.37 3.33 -4.53
C GLN A 56 -1.28 2.54 -3.58
N LEU A 57 -1.62 3.16 -2.45
CA LEU A 57 -2.49 2.52 -1.45
C LEU A 57 -3.69 3.41 -1.14
N LEU A 58 -4.86 3.00 -1.63
CA LEU A 58 -6.11 3.75 -1.40
C LEU A 58 -6.62 3.56 0.03
N SER A 59 -6.99 2.33 0.37
CA SER A 59 -7.50 2.02 1.69
C SER A 59 -7.13 0.60 2.13
N VAL A 60 -7.15 0.36 3.44
CA VAL A 60 -6.81 -0.95 3.99
C VAL A 60 -7.91 -1.43 4.93
N ASP A 61 -8.43 -2.63 4.66
CA ASP A 61 -9.49 -3.22 5.47
C ASP A 61 -10.71 -2.29 5.56
N GLY A 62 -10.97 -1.55 4.47
CA GLY A 62 -12.09 -0.63 4.43
C GLY A 62 -11.92 0.55 5.36
N ARG A 63 -10.69 1.05 5.49
CA ARG A 63 -10.40 2.19 6.35
C ARG A 63 -9.84 3.36 5.55
N SER A 64 -10.05 4.57 6.05
CA SER A 64 -9.57 5.78 5.39
C SER A 64 -8.08 6.00 5.67
N LEU A 65 -7.27 5.99 4.62
CA LEU A 65 -5.83 6.20 4.74
C LEU A 65 -5.36 7.33 3.82
N VAL A 66 -6.23 8.32 3.60
CA VAL A 66 -5.90 9.45 2.74
C VAL A 66 -5.88 10.75 3.55
N GLY A 67 -4.67 11.17 3.90
CA GLY A 67 -4.49 12.40 4.67
C GLY A 67 -3.55 12.21 5.84
N LEU A 68 -3.53 11.00 6.41
CA LEU A 68 -2.65 10.70 7.53
C LEU A 68 -1.18 10.74 7.12
N SER A 69 -0.29 10.63 8.09
CA SER A 69 1.14 10.63 7.83
C SER A 69 1.59 9.21 7.46
N GLN A 70 2.75 9.13 6.81
CA GLN A 70 3.31 7.83 6.40
C GLN A 70 3.37 6.86 7.58
N GLU A 71 3.62 7.40 8.78
CA GLU A 71 3.71 6.60 9.99
C GLU A 71 2.40 5.84 10.25
N ARG A 72 1.29 6.58 10.31
CA ARG A 72 -0.03 5.99 10.55
C ARG A 72 -0.37 4.99 9.45
N ALA A 73 0.00 5.33 8.21
CA ALA A 73 -0.28 4.46 7.07
C ALA A 73 0.24 3.05 7.30
N ALA A 74 1.55 2.92 7.48
CA ALA A 74 2.15 1.61 7.74
C ALA A 74 1.57 1.02 9.02
N GLU A 75 1.83 1.69 10.15
CA GLU A 75 1.34 1.27 11.46
C GLU A 75 -0.06 0.65 11.38
N LEU A 76 -0.94 1.25 10.57
CA LEU A 76 -2.31 0.76 10.42
C LEU A 76 -2.33 -0.61 9.74
N MET A 77 -1.59 -0.77 8.64
CA MET A 77 -1.53 -2.03 7.91
C MET A 77 -0.68 -3.08 8.63
N THR A 78 0.34 -2.63 9.37
CA THR A 78 1.21 -3.54 10.10
C THR A 78 0.40 -4.39 11.09
N ARG A 79 -0.68 -3.80 11.62
CA ARG A 79 -1.54 -4.51 12.57
C ARG A 79 -2.70 -5.20 11.85
N THR A 80 -2.39 -5.87 10.73
CA THR A 80 -3.41 -6.58 9.95
C THR A 80 -3.74 -7.94 10.56
N SER A 81 -4.89 -8.48 10.20
CA SER A 81 -5.32 -9.78 10.71
C SER A 81 -5.11 -10.88 9.66
N SER A 82 -5.74 -12.04 9.89
CA SER A 82 -5.63 -13.17 8.96
C SER A 82 -5.90 -12.73 7.52
N VAL A 83 -6.93 -11.91 7.33
CA VAL A 83 -7.29 -11.41 6.00
C VAL A 83 -6.67 -10.03 5.76
N VAL A 84 -6.17 -9.83 4.54
CA VAL A 84 -5.55 -8.55 4.17
C VAL A 84 -6.24 -7.96 2.94
N THR A 85 -7.19 -7.06 3.17
CA THR A 85 -7.92 -6.42 2.09
C THR A 85 -7.32 -5.05 1.78
N LEU A 86 -6.36 -5.02 0.86
CA LEU A 86 -5.70 -3.78 0.46
C LEU A 86 -5.97 -3.47 -1.01
N GLU A 87 -6.43 -2.24 -1.28
CA GLU A 87 -6.71 -1.81 -2.64
C GLU A 87 -5.55 -0.99 -3.20
N VAL A 88 -4.86 -1.55 -4.19
CA VAL A 88 -3.72 -0.88 -4.81
C VAL A 88 -4.12 -0.15 -6.09
N ALA A 89 -3.53 1.03 -6.32
CA ALA A 89 -3.81 1.82 -7.52
C ALA A 89 -2.65 1.72 -8.51
N LYS A 90 -2.88 1.02 -9.61
CA LYS A 90 -1.85 0.84 -10.65
C LYS A 90 -1.60 2.15 -11.40
N GLN A 91 -0.32 2.48 -11.58
CA GLN A 91 0.05 3.70 -12.28
C GLN A 91 0.31 3.43 -13.76
N GLY A 92 0.57 4.50 -14.52
CA GLY A 92 0.84 4.38 -15.94
C GLY A 92 2.31 4.35 -16.29
N ALA A 93 3.13 4.43 -15.28
CA ALA A 93 4.58 4.42 -15.43
C ALA A 93 5.12 2.99 -15.43
N LEU B 1 8.34 11.64 2.97
CA LEU B 1 9.11 10.91 1.90
C LEU B 1 10.11 9.92 2.51
N PHE B 2 9.60 8.92 3.21
CA PHE B 2 10.44 7.89 3.83
C PHE B 2 10.06 6.50 3.31
N SER B 3 10.67 5.46 3.87
CA SER B 3 10.38 4.09 3.43
C SER B 3 10.28 3.13 4.61
N THR B 4 9.06 2.78 4.99
CA THR B 4 8.83 1.84 6.09
C THR B 4 8.67 0.42 5.57
N GLU B 5 8.32 -0.51 6.45
CA GLU B 5 8.12 -1.90 6.07
C GLU B 5 6.93 -2.50 6.81
N VAL B 6 5.79 -2.61 6.11
CA VAL B 6 4.57 -3.17 6.69
C VAL B 6 4.49 -4.69 6.47
N MET A 1 -8.07 9.03 -21.41
CA MET A 1 -8.14 8.09 -20.26
C MET A 1 -7.44 8.66 -19.03
N LYS A 2 -8.19 9.41 -18.21
CA LYS A 2 -7.64 10.02 -17.00
C LYS A 2 -8.22 9.33 -15.75
N GLU A 3 -8.48 8.04 -15.84
CA GLU A 3 -9.04 7.27 -14.73
C GLU A 3 -8.27 5.96 -14.54
N PRO A 4 -7.31 5.93 -13.59
CA PRO A 4 -6.50 4.74 -13.32
C PRO A 4 -7.35 3.52 -12.91
N GLU A 5 -6.67 2.41 -12.61
CA GLU A 5 -7.36 1.18 -12.22
C GLU A 5 -7.00 0.80 -10.79
N ILE A 6 -7.84 1.24 -9.85
CA ILE A 6 -7.64 0.94 -8.44
C ILE A 6 -8.45 -0.29 -8.03
N ILE A 7 -7.75 -1.36 -7.68
CA ILE A 7 -8.39 -2.61 -7.27
C ILE A 7 -7.86 -3.09 -5.92
N THR A 8 -8.71 -3.80 -5.18
CA THR A 8 -8.32 -4.33 -3.87
C THR A 8 -8.17 -5.84 -3.92
N VAL A 9 -7.07 -6.34 -3.38
CA VAL A 9 -6.79 -7.77 -3.35
C VAL A 9 -6.97 -8.34 -1.95
N THR A 10 -7.86 -9.34 -1.82
CA THR A 10 -8.13 -9.96 -0.54
C THR A 10 -7.30 -11.24 -0.38
N LEU A 11 -6.23 -11.16 0.42
CA LEU A 11 -5.35 -12.30 0.66
C LEU A 11 -5.21 -12.59 2.15
N LYS A 12 -4.52 -13.68 2.49
CA LYS A 12 -4.30 -14.06 3.87
C LYS A 12 -2.83 -14.01 4.24
N LYS A 13 -2.53 -13.58 5.46
CA LYS A 13 -1.16 -13.48 5.93
C LYS A 13 -0.59 -14.85 6.31
N GLN A 14 0.64 -15.12 5.88
CA GLN A 14 1.29 -16.40 6.17
C GLN A 14 2.11 -16.30 7.46
N ASN A 15 3.09 -15.38 7.45
CA ASN A 15 3.95 -15.17 8.62
C ASN A 15 4.58 -13.78 8.58
N GLY A 16 3.83 -12.80 8.07
CA GLY A 16 4.33 -11.44 7.97
C GLY A 16 4.29 -10.92 6.54
N MET A 17 4.00 -9.63 6.39
CA MET A 17 3.92 -9.02 5.06
C MET A 17 5.31 -8.85 4.46
N GLY A 18 6.17 -8.08 5.13
CA GLY A 18 7.52 -7.86 4.65
C GLY A 18 7.55 -7.04 3.37
N LEU A 19 7.46 -5.72 3.51
CA LEU A 19 7.50 -4.81 2.36
C LEU A 19 7.83 -3.38 2.81
N SER A 20 7.91 -2.46 1.85
CA SER A 20 8.23 -1.06 2.14
C SER A 20 7.33 -0.11 1.36
N ILE A 21 7.05 1.06 1.95
CA ILE A 21 6.21 2.06 1.30
C ILE A 21 6.78 3.47 1.44
N VAL A 22 6.40 4.37 0.53
CA VAL A 22 6.86 5.75 0.55
C VAL A 22 5.70 6.74 0.51
N ALA A 23 5.87 7.87 1.19
CA ALA A 23 4.86 8.92 1.24
C ALA A 23 5.21 10.06 0.30
N ALA A 24 4.20 10.63 -0.37
CA ALA A 24 4.41 11.73 -1.31
C ALA A 24 3.29 12.76 -1.23
N LYS A 25 3.65 14.04 -1.36
CA LYS A 25 2.68 15.13 -1.32
C LYS A 25 2.25 15.54 -2.74
N GLY A 26 1.38 16.55 -2.82
CA GLY A 26 0.91 17.03 -4.11
C GLY A 26 0.34 18.42 -4.02
N ALA A 27 0.54 19.22 -5.05
CA ALA A 27 0.03 20.59 -5.05
C ALA A 27 -1.50 20.57 -5.12
N GLY A 28 -2.14 21.49 -4.39
CA GLY A 28 -3.59 21.52 -4.36
C GLY A 28 -4.15 20.18 -3.91
N GLN A 29 -3.42 19.55 -2.99
CA GLN A 29 -3.79 18.24 -2.47
C GLN A 29 -3.59 18.21 -0.96
N ASP A 30 -4.68 18.16 -0.23
CA ASP A 30 -4.63 18.13 1.23
C ASP A 30 -4.55 16.68 1.76
N LYS A 31 -3.99 15.78 0.93
CA LYS A 31 -3.84 14.38 1.31
C LYS A 31 -2.44 13.88 0.98
N LEU A 32 -2.22 12.57 1.14
CA LEU A 32 -0.92 11.97 0.86
C LEU A 32 -1.09 10.58 0.24
N GLY A 33 -0.35 10.33 -0.84
CA GLY A 33 -0.43 9.04 -1.50
C GLY A 33 0.63 8.08 -1.00
N ILE A 34 0.20 6.95 -0.43
CA ILE A 34 1.12 5.94 0.08
C ILE A 34 1.52 4.96 -1.01
N TYR A 35 2.74 5.11 -1.51
CA TYR A 35 3.24 4.24 -2.58
C TYR A 35 4.13 3.14 -2.01
N VAL A 36 4.48 2.16 -2.85
CA VAL A 36 5.34 1.05 -2.43
C VAL A 36 6.80 1.31 -2.82
N LYS A 37 7.70 0.96 -1.90
CA LYS A 37 9.13 1.13 -2.12
C LYS A 37 9.78 -0.19 -2.53
N SER A 38 9.43 -1.26 -1.82
CA SER A 38 9.98 -2.59 -2.08
C SER A 38 9.11 -3.69 -1.46
N VAL A 39 9.40 -4.94 -1.81
CA VAL A 39 8.65 -6.07 -1.29
C VAL A 39 9.60 -7.17 -0.81
N VAL A 40 9.58 -7.43 0.50
CA VAL A 40 10.45 -8.44 1.08
C VAL A 40 10.01 -9.85 0.69
N LYS A 41 10.94 -10.63 0.15
CA LYS A 41 10.66 -12.00 -0.28
C LYS A 41 10.18 -12.85 0.90
N GLY A 42 9.32 -13.83 0.60
CA GLY A 42 8.80 -14.70 1.64
C GLY A 42 7.41 -14.29 2.11
N GLY A 43 7.06 -13.02 1.94
CA GLY A 43 5.75 -12.54 2.35
C GLY A 43 4.63 -13.08 1.47
N ALA A 44 3.45 -12.48 1.58
CA ALA A 44 2.30 -12.90 0.79
C ALA A 44 2.21 -12.15 -0.54
N ALA A 45 2.24 -10.82 -0.45
CA ALA A 45 2.14 -9.97 -1.64
C ALA A 45 3.14 -10.39 -2.72
N ASP A 46 4.34 -10.78 -2.30
CA ASP A 46 5.38 -11.19 -3.23
C ASP A 46 5.04 -12.51 -3.92
N VAL A 47 4.78 -13.55 -3.13
CA VAL A 47 4.45 -14.86 -3.66
C VAL A 47 3.13 -14.82 -4.44
N ASP A 48 2.21 -13.95 -4.02
CA ASP A 48 0.91 -13.81 -4.69
C ASP A 48 1.08 -13.28 -6.11
N GLY A 49 1.72 -12.12 -6.25
CA GLY A 49 1.92 -11.52 -7.56
C GLY A 49 0.76 -10.65 -8.00
N ARG A 50 0.47 -9.63 -7.19
CA ARG A 50 -0.63 -8.70 -7.49
C ARG A 50 -0.09 -7.27 -7.62
N LEU A 51 0.76 -6.86 -6.68
CA LEU A 51 1.34 -5.52 -6.69
C LEU A 51 2.86 -5.59 -6.56
N ALA A 52 3.51 -4.42 -6.64
CA ALA A 52 4.96 -4.33 -6.53
C ALA A 52 5.40 -2.93 -6.13
N ALA A 53 6.72 -2.70 -6.12
CA ALA A 53 7.28 -1.40 -5.76
C ALA A 53 6.94 -0.34 -6.80
N GLY A 54 6.37 0.78 -6.34
CA GLY A 54 6.00 1.86 -7.24
C GLY A 54 4.50 1.91 -7.51
N ASP A 55 3.71 1.41 -6.57
CA ASP A 55 2.25 1.38 -6.71
C ASP A 55 1.60 2.23 -5.62
N GLN A 56 0.57 2.99 -5.99
CA GLN A 56 -0.14 3.83 -5.03
C GLN A 56 -1.19 3.04 -4.26
N LEU A 57 -1.47 3.48 -3.04
CA LEU A 57 -2.46 2.82 -2.18
C LEU A 57 -3.61 3.77 -1.83
N LEU A 58 -4.82 3.22 -1.74
CA LEU A 58 -6.00 4.02 -1.40
C LEU A 58 -6.60 3.57 -0.07
N SER A 59 -7.03 2.31 -0.01
CA SER A 59 -7.63 1.75 1.20
C SER A 59 -6.88 0.53 1.69
N VAL A 60 -7.01 0.24 2.99
CA VAL A 60 -6.34 -0.92 3.59
C VAL A 60 -7.24 -1.59 4.63
N ASP A 61 -7.54 -2.87 4.41
CA ASP A 61 -8.39 -3.64 5.33
C ASP A 61 -9.75 -2.97 5.51
N GLY A 62 -10.27 -2.37 4.44
CA GLY A 62 -11.55 -1.70 4.49
C GLY A 62 -11.50 -0.38 5.26
N ARG A 63 -10.30 0.20 5.38
CA ARG A 63 -10.12 1.48 6.08
C ARG A 63 -9.70 2.57 5.11
N SER A 64 -10.14 3.80 5.39
CA SER A 64 -9.81 4.95 4.55
C SER A 64 -8.71 5.80 5.19
N LEU A 65 -7.49 5.66 4.66
CA LEU A 65 -6.35 6.41 5.17
C LEU A 65 -5.90 7.49 4.18
N VAL A 66 -6.87 8.18 3.59
CA VAL A 66 -6.58 9.24 2.63
C VAL A 66 -6.38 10.57 3.34
N GLY A 67 -5.12 10.93 3.53
CA GLY A 67 -4.78 12.18 4.21
C GLY A 67 -4.08 11.95 5.54
N LEU A 68 -3.17 10.97 5.57
CA LEU A 68 -2.44 10.63 6.78
C LEU A 68 -0.94 10.61 6.51
N SER A 69 -0.15 10.78 7.56
CA SER A 69 1.31 10.76 7.44
C SER A 69 1.79 9.35 7.15
N GLN A 70 3.00 9.23 6.60
CA GLN A 70 3.57 7.91 6.28
C GLN A 70 3.57 7.01 7.51
N GLU A 71 3.90 7.58 8.68
CA GLU A 71 3.94 6.82 9.92
C GLU A 71 2.58 6.17 10.19
N ARG A 72 1.50 6.95 10.03
CA ARG A 72 0.15 6.45 10.24
C ARG A 72 -0.22 5.47 9.13
N ALA A 73 0.21 5.76 7.90
CA ALA A 73 -0.07 4.90 6.75
C ALA A 73 0.36 3.46 7.04
N ALA A 74 1.65 3.27 7.33
CA ALA A 74 2.16 1.94 7.63
C ALA A 74 1.45 1.37 8.85
N GLU A 75 1.67 2.00 10.02
CA GLU A 75 1.05 1.59 11.28
C GLU A 75 -0.39 1.08 11.08
N LEU A 76 -1.15 1.76 10.22
CA LEU A 76 -2.54 1.37 9.94
C LEU A 76 -2.62 -0.02 9.31
N MET A 77 -1.81 -0.24 8.26
CA MET A 77 -1.79 -1.53 7.56
C MET A 77 -1.14 -2.60 8.44
N THR A 78 -0.15 -2.20 9.25
CA THR A 78 0.54 -3.11 10.15
C THR A 78 -0.42 -3.70 11.18
N ARG A 79 -1.46 -2.94 11.54
CA ARG A 79 -2.45 -3.38 12.52
C ARG A 79 -3.63 -4.11 11.85
N THR A 80 -3.32 -4.98 10.88
CA THR A 80 -4.36 -5.73 10.18
C THR A 80 -4.49 -7.15 10.74
N SER A 81 -5.53 -7.86 10.32
CA SER A 81 -5.78 -9.23 10.77
C SER A 81 -5.29 -10.24 9.73
N SER A 82 -5.77 -11.48 9.82
CA SER A 82 -5.40 -12.52 8.86
C SER A 82 -5.72 -12.09 7.43
N VAL A 83 -6.87 -11.44 7.26
CA VAL A 83 -7.30 -10.95 5.95
C VAL A 83 -6.64 -9.62 5.63
N VAL A 84 -6.33 -9.40 4.34
CA VAL A 84 -5.70 -8.17 3.90
C VAL A 84 -6.30 -7.68 2.59
N THR A 85 -6.84 -6.46 2.60
CA THR A 85 -7.44 -5.87 1.40
C THR A 85 -6.75 -4.55 1.07
N LEU A 86 -5.83 -4.59 0.10
CA LEU A 86 -5.09 -3.39 -0.31
C LEU A 86 -5.57 -2.90 -1.67
N GLU A 87 -6.16 -1.71 -1.69
CA GLU A 87 -6.65 -1.11 -2.93
C GLU A 87 -5.49 -0.45 -3.69
N VAL A 88 -4.83 -1.23 -4.54
CA VAL A 88 -3.71 -0.75 -5.33
C VAL A 88 -4.14 -0.23 -6.70
N ALA A 89 -3.41 0.74 -7.24
CA ALA A 89 -3.72 1.30 -8.55
C ALA A 89 -2.79 0.76 -9.64
N LYS A 90 -3.34 0.57 -10.84
CA LYS A 90 -2.57 0.06 -11.97
C LYS A 90 -1.79 1.19 -12.64
N GLN A 91 -0.69 1.59 -12.00
CA GLN A 91 0.17 2.65 -12.50
C GLN A 91 1.62 2.19 -12.64
N GLY A 92 2.48 3.07 -13.15
CA GLY A 92 3.88 2.73 -13.32
C GLY A 92 4.78 3.43 -12.30
N ALA A 93 5.95 3.85 -12.76
CA ALA A 93 6.91 4.54 -11.90
C ALA A 93 6.88 6.05 -12.13
N LEU B 1 11.32 9.35 -1.62
CA LEU B 1 12.56 9.30 -0.79
C LEU B 1 12.36 8.43 0.45
N PHE B 2 11.24 8.62 1.15
CA PHE B 2 10.92 7.86 2.36
C PHE B 2 10.83 6.35 2.06
N SER B 3 10.69 5.54 3.11
CA SER B 3 10.57 4.09 2.96
C SER B 3 10.44 3.40 4.32
N THR B 4 9.20 3.03 4.68
CA THR B 4 8.95 2.34 5.95
C THR B 4 8.85 0.83 5.71
N GLU B 5 8.29 0.10 6.68
CA GLU B 5 8.14 -1.35 6.55
C GLU B 5 6.92 -1.84 7.33
N VAL B 6 5.90 -2.29 6.61
CA VAL B 6 4.67 -2.79 7.22
C VAL B 6 4.66 -4.32 7.28
N MET A 1 -12.90 11.90 -17.45
CA MET A 1 -11.66 11.28 -18.02
C MET A 1 -10.67 10.90 -16.91
N LYS A 2 -9.54 10.31 -17.31
CA LYS A 2 -8.51 9.88 -16.36
C LYS A 2 -9.05 8.80 -15.43
N GLU A 3 -9.02 7.55 -15.91
CA GLU A 3 -9.50 6.42 -15.14
C GLU A 3 -8.40 5.37 -14.95
N PRO A 4 -7.61 5.50 -13.87
CA PRO A 4 -6.51 4.57 -13.57
C PRO A 4 -6.99 3.14 -13.32
N GLU A 5 -6.08 2.28 -12.87
CA GLU A 5 -6.40 0.89 -12.59
C GLU A 5 -6.30 0.61 -11.09
N ILE A 6 -7.43 0.75 -10.40
CA ILE A 6 -7.50 0.52 -8.97
C ILE A 6 -7.98 -0.90 -8.68
N ILE A 7 -7.26 -1.59 -7.79
CA ILE A 7 -7.62 -2.97 -7.42
C ILE A 7 -7.23 -3.27 -5.98
N THR A 8 -8.06 -4.09 -5.31
CA THR A 8 -7.81 -4.46 -3.92
C THR A 8 -7.50 -5.95 -3.81
N VAL A 9 -6.38 -6.28 -3.17
CA VAL A 9 -5.96 -7.67 -2.99
C VAL A 9 -6.32 -8.16 -1.59
N THR A 10 -7.25 -9.12 -1.52
CA THR A 10 -7.68 -9.67 -0.25
C THR A 10 -6.97 -11.01 0.02
N LEU A 11 -5.83 -10.96 0.71
CA LEU A 11 -5.07 -12.16 1.02
C LEU A 11 -5.00 -12.40 2.53
N LYS A 12 -4.43 -13.54 2.92
CA LYS A 12 -4.32 -13.91 4.34
C LYS A 12 -2.89 -13.65 4.84
N LYS A 13 -2.75 -13.59 6.17
CA LYS A 13 -1.44 -13.34 6.78
C LYS A 13 -0.76 -14.65 7.18
N GLN A 14 0.35 -14.95 6.52
CA GLN A 14 1.12 -16.16 6.80
C GLN A 14 2.35 -15.83 7.65
N ASN A 15 3.01 -14.72 7.30
CA ASN A 15 4.20 -14.27 8.02
C ASN A 15 4.51 -12.81 7.69
N GLY A 16 3.46 -11.98 7.69
CA GLY A 16 3.63 -10.56 7.38
C GLY A 16 3.50 -10.28 5.90
N MET A 17 3.10 -9.05 5.56
CA MET A 17 2.94 -8.66 4.16
C MET A 17 4.26 -8.75 3.41
N GLY A 18 5.33 -8.19 3.99
CA GLY A 18 6.63 -8.24 3.37
C GLY A 18 6.77 -7.24 2.23
N LEU A 19 6.81 -5.95 2.58
CA LEU A 19 6.95 -4.88 1.59
C LEU A 19 7.43 -3.59 2.26
N SER A 20 7.65 -2.55 1.46
CA SER A 20 8.11 -1.27 1.98
C SER A 20 7.37 -0.12 1.30
N ILE A 21 6.90 0.85 2.09
CA ILE A 21 6.17 1.99 1.55
C ILE A 21 6.86 3.32 1.88
N VAL A 22 6.43 4.38 1.19
CA VAL A 22 6.96 5.73 1.39
C VAL A 22 5.90 6.78 1.10
N ALA A 23 5.81 7.79 1.95
CA ALA A 23 4.84 8.87 1.77
C ALA A 23 5.43 10.00 0.90
N ALA A 24 4.73 10.32 -0.18
CA ALA A 24 5.18 11.37 -1.10
C ALA A 24 4.01 12.24 -1.57
N LYS A 25 4.34 13.46 -2.01
CA LYS A 25 3.33 14.40 -2.51
C LYS A 25 3.65 14.84 -3.93
N GLY A 26 2.79 15.69 -4.49
CA GLY A 26 2.98 16.18 -5.85
C GLY A 26 2.10 17.38 -6.14
N ALA A 27 1.58 17.43 -7.36
CA ALA A 27 0.69 18.52 -7.76
C ALA A 27 -0.75 18.04 -7.87
N GLY A 28 -1.69 18.93 -7.54
CA GLY A 28 -3.10 18.57 -7.60
C GLY A 28 -3.42 17.42 -6.66
N GLN A 29 -2.77 17.41 -5.50
CA GLN A 29 -2.96 16.37 -4.51
C GLN A 29 -3.22 16.97 -3.13
N ASP A 30 -4.47 16.91 -2.68
CA ASP A 30 -4.83 17.44 -1.37
C ASP A 30 -4.69 16.37 -0.28
N LYS A 31 -3.94 15.30 -0.59
CA LYS A 31 -3.72 14.22 0.36
C LYS A 31 -2.31 13.65 0.21
N LEU A 32 -2.04 12.53 0.88
CA LEU A 32 -0.74 11.87 0.81
C LEU A 32 -0.89 10.43 0.36
N GLY A 33 0.02 9.98 -0.50
CA GLY A 33 -0.03 8.61 -1.00
C GLY A 33 1.04 7.72 -0.39
N ILE A 34 0.62 6.53 0.05
CA ILE A 34 1.55 5.57 0.64
C ILE A 34 2.10 4.62 -0.43
N TYR A 35 2.96 5.15 -1.29
CA TYR A 35 3.55 4.37 -2.38
C TYR A 35 4.42 3.23 -1.84
N VAL A 36 4.79 2.31 -2.73
CA VAL A 36 5.63 1.17 -2.36
C VAL A 36 7.01 1.27 -3.00
N LYS A 37 8.05 1.20 -2.17
CA LYS A 37 9.43 1.29 -2.65
C LYS A 37 9.97 -0.09 -3.05
N SER A 38 9.58 -1.13 -2.33
CA SER A 38 10.03 -2.49 -2.62
C SER A 38 9.15 -3.53 -1.92
N VAL A 39 9.18 -4.77 -2.43
CA VAL A 39 8.39 -5.85 -1.86
C VAL A 39 9.30 -6.96 -1.34
N VAL A 40 9.17 -7.27 -0.06
CA VAL A 40 9.97 -8.33 0.56
C VAL A 40 9.45 -9.72 0.20
N LYS A 41 10.37 -10.61 -0.17
CA LYS A 41 10.01 -11.98 -0.54
C LYS A 41 9.58 -12.77 0.70
N GLY A 42 8.77 -13.79 0.49
CA GLY A 42 8.31 -14.62 1.58
C GLY A 42 6.94 -14.22 2.10
N GLY A 43 6.52 -12.98 1.84
CA GLY A 43 5.22 -12.52 2.28
C GLY A 43 4.08 -13.17 1.52
N ALA A 44 2.89 -12.58 1.62
CA ALA A 44 1.70 -13.12 0.94
C ALA A 44 1.45 -12.43 -0.40
N ALA A 45 1.76 -11.13 -0.48
CA ALA A 45 1.55 -10.37 -1.70
C ALA A 45 2.60 -10.71 -2.76
N ASP A 46 3.87 -10.74 -2.35
CA ASP A 46 4.97 -11.05 -3.28
C ASP A 46 4.79 -12.44 -3.90
N VAL A 47 4.31 -13.39 -3.11
CA VAL A 47 4.09 -14.75 -3.60
C VAL A 47 2.87 -14.83 -4.52
N ASP A 48 1.87 -14.00 -4.24
CA ASP A 48 0.65 -13.97 -5.05
C ASP A 48 0.93 -13.42 -6.45
N GLY A 49 1.74 -12.36 -6.52
CA GLY A 49 2.08 -11.75 -7.79
C GLY A 49 0.94 -10.94 -8.37
N ARG A 50 0.36 -10.05 -7.56
CA ARG A 50 -0.74 -9.20 -8.01
C ARG A 50 -0.27 -7.76 -8.25
N LEU A 51 0.65 -7.28 -7.41
CA LEU A 51 1.17 -5.93 -7.53
C LEU A 51 2.69 -5.92 -7.65
N ALA A 52 3.26 -4.74 -7.90
CA ALA A 52 4.71 -4.58 -8.05
C ALA A 52 5.19 -3.29 -7.39
N ALA A 53 6.50 -3.18 -7.19
CA ALA A 53 7.10 -2.00 -6.57
C ALA A 53 6.75 -0.71 -7.34
N GLY A 54 6.24 0.28 -6.62
CA GLY A 54 5.88 1.54 -7.25
C GLY A 54 4.38 1.71 -7.41
N ASP A 55 3.62 1.27 -6.40
CA ASP A 55 2.16 1.38 -6.44
C ASP A 55 1.66 2.29 -5.31
N GLN A 56 0.65 3.09 -5.61
CA GLN A 56 0.07 4.01 -4.63
C GLN A 56 -0.99 3.32 -3.78
N LEU A 57 -1.04 3.68 -2.50
CA LEU A 57 -2.02 3.09 -1.58
C LEU A 57 -3.22 4.02 -1.37
N LEU A 58 -4.41 3.42 -1.23
CA LEU A 58 -5.63 4.19 -1.02
C LEU A 58 -6.33 3.77 0.27
N SER A 59 -6.69 2.48 0.36
CA SER A 59 -7.37 1.96 1.55
C SER A 59 -6.86 0.56 1.93
N VAL A 60 -6.99 0.23 3.21
CA VAL A 60 -6.56 -1.07 3.72
C VAL A 60 -7.62 -1.66 4.65
N ASP A 61 -8.25 -2.76 4.21
CA ASP A 61 -9.29 -3.43 4.98
C ASP A 61 -10.45 -2.47 5.30
N GLY A 62 -10.73 -1.55 4.37
CA GLY A 62 -11.80 -0.59 4.56
C GLY A 62 -11.32 0.75 5.12
N ARG A 63 -10.13 0.76 5.74
CA ARG A 63 -9.59 1.99 6.32
C ARG A 63 -9.15 2.96 5.21
N SER A 64 -9.21 4.25 5.51
CA SER A 64 -8.82 5.28 4.55
C SER A 64 -7.48 5.91 4.93
N LEU A 65 -6.50 5.79 4.05
CA LEU A 65 -5.17 6.36 4.29
C LEU A 65 -4.88 7.55 3.38
N VAL A 66 -5.76 7.78 2.39
CA VAL A 66 -5.58 8.90 1.47
C VAL A 66 -5.79 10.24 2.18
N GLY A 67 -4.73 10.71 2.82
CA GLY A 67 -4.77 11.96 3.55
C GLY A 67 -4.00 11.91 4.86
N LEU A 68 -3.82 10.69 5.39
CA LEU A 68 -3.08 10.50 6.65
C LEU A 68 -1.57 10.49 6.41
N SER A 69 -0.82 10.55 7.50
CA SER A 69 0.65 10.53 7.42
C SER A 69 1.17 9.09 7.38
N GLN A 70 2.44 8.94 7.04
CA GLN A 70 3.07 7.62 6.96
C GLN A 70 2.98 6.88 8.31
N GLU A 71 2.94 7.64 9.41
CA GLU A 71 2.85 7.04 10.74
C GLU A 71 1.53 6.31 10.92
N ARG A 72 0.44 6.97 10.53
CA ARG A 72 -0.89 6.36 10.64
C ARG A 72 -1.02 5.16 9.73
N ALA A 73 -0.73 5.35 8.44
CA ALA A 73 -0.80 4.26 7.47
C ALA A 73 0.09 3.10 7.88
N ALA A 74 1.35 3.40 8.20
CA ALA A 74 2.29 2.37 8.62
C ALA A 74 1.77 1.62 9.84
N GLU A 75 1.59 2.32 10.95
CA GLU A 75 1.10 1.74 12.20
C GLU A 75 -0.13 0.84 11.97
N LEU A 76 -1.10 1.34 11.21
CA LEU A 76 -2.32 0.59 10.92
C LEU A 76 -2.03 -0.62 10.02
N MET A 77 -0.98 -0.51 9.19
CA MET A 77 -0.60 -1.59 8.28
C MET A 77 0.32 -2.61 8.97
N THR A 78 0.97 -2.22 10.06
CA THR A 78 1.87 -3.09 10.78
C THR A 78 1.08 -4.16 11.53
N ARG A 79 0.00 -3.75 12.18
CA ARG A 79 -0.85 -4.65 12.96
C ARG A 79 -2.04 -5.14 12.11
N THR A 80 -1.74 -5.89 11.06
CA THR A 80 -2.80 -6.41 10.18
C THR A 80 -3.39 -7.70 10.75
N SER A 81 -4.69 -7.91 10.50
CA SER A 81 -5.38 -9.11 10.97
C SER A 81 -5.18 -10.28 10.01
N SER A 82 -5.96 -11.34 10.19
CA SER A 82 -5.87 -12.52 9.33
C SER A 82 -6.08 -12.14 7.86
N VAL A 83 -7.07 -11.29 7.60
CA VAL A 83 -7.36 -10.85 6.25
C VAL A 83 -6.77 -9.47 5.98
N VAL A 84 -6.31 -9.25 4.76
CA VAL A 84 -5.73 -7.96 4.37
C VAL A 84 -6.21 -7.55 2.99
N THR A 85 -6.98 -6.46 2.94
CA THR A 85 -7.51 -5.95 1.67
C THR A 85 -6.86 -4.61 1.31
N LEU A 86 -5.71 -4.68 0.64
CA LEU A 86 -4.98 -3.48 0.24
C LEU A 86 -5.34 -3.06 -1.18
N GLU A 87 -5.78 -1.80 -1.32
CA GLU A 87 -6.15 -1.27 -2.63
C GLU A 87 -5.01 -0.43 -3.20
N VAL A 88 -4.53 -0.82 -4.37
CA VAL A 88 -3.43 -0.11 -5.02
C VAL A 88 -3.85 0.48 -6.36
N ALA A 89 -2.99 1.34 -6.91
CA ALA A 89 -3.26 1.99 -8.20
C ALA A 89 -2.08 1.81 -9.15
N LYS A 90 -2.29 1.02 -10.21
CA LYS A 90 -1.25 0.77 -11.21
C LYS A 90 -0.89 2.06 -11.94
N GLN A 91 0.32 2.57 -11.68
CA GLN A 91 0.78 3.81 -12.30
C GLN A 91 2.31 3.93 -12.23
N GLY A 92 2.83 5.05 -12.73
CA GLY A 92 4.26 5.27 -12.71
C GLY A 92 4.68 6.43 -13.59
N ALA A 93 5.60 7.25 -13.08
CA ALA A 93 6.09 8.41 -13.81
C ALA A 93 7.62 8.44 -13.81
N LEU B 1 7.74 12.00 4.92
CA LEU B 1 8.43 11.45 3.74
C LEU B 1 9.48 10.41 4.14
N PHE B 2 9.03 9.35 4.79
CA PHE B 2 9.92 8.27 5.24
C PHE B 2 9.49 6.93 4.62
N SER B 3 10.27 5.88 4.88
CA SER B 3 9.97 4.56 4.33
C SER B 3 9.71 3.53 5.44
N THR B 4 8.64 2.75 5.28
CA THR B 4 8.27 1.72 6.27
C THR B 4 8.75 0.34 5.80
N GLU B 5 8.05 -0.72 6.23
CA GLU B 5 8.40 -2.09 5.86
C GLU B 5 7.34 -3.05 6.36
N VAL B 6 6.10 -2.66 6.15
CA VAL B 6 4.94 -3.43 6.58
C VAL B 6 4.94 -4.84 5.98
N MET A 1 -9.10 13.10 -17.69
CA MET A 1 -9.55 12.05 -18.66
C MET A 1 -8.85 10.71 -18.40
N LYS A 2 -7.61 10.76 -17.87
CA LYS A 2 -6.86 9.54 -17.58
C LYS A 2 -7.65 8.59 -16.69
N GLU A 3 -8.01 7.44 -17.24
CA GLU A 3 -8.78 6.44 -16.49
C GLU A 3 -7.89 5.27 -16.09
N PRO A 4 -7.29 5.32 -14.89
CA PRO A 4 -6.41 4.25 -14.41
C PRO A 4 -7.19 2.98 -14.05
N GLU A 5 -6.49 2.03 -13.42
CA GLU A 5 -7.11 0.76 -13.03
C GLU A 5 -6.82 0.46 -11.56
N ILE A 6 -7.82 0.66 -10.73
CA ILE A 6 -7.71 0.41 -9.29
C ILE A 6 -8.28 -0.96 -8.94
N ILE A 7 -7.57 -1.68 -8.08
CA ILE A 7 -8.00 -3.01 -7.64
C ILE A 7 -7.57 -3.29 -6.20
N THR A 8 -8.37 -4.10 -5.51
CA THR A 8 -8.08 -4.46 -4.12
C THR A 8 -7.75 -5.96 -4.00
N VAL A 9 -6.65 -6.25 -3.31
CA VAL A 9 -6.21 -7.63 -3.11
C VAL A 9 -6.55 -8.12 -1.71
N THR A 10 -7.41 -9.12 -1.64
CA THR A 10 -7.84 -9.70 -0.36
C THR A 10 -7.16 -11.05 -0.13
N LEU A 11 -6.08 -11.05 0.65
CA LEU A 11 -5.34 -12.27 0.95
C LEU A 11 -5.18 -12.45 2.46
N LYS A 12 -5.01 -13.70 2.90
CA LYS A 12 -4.83 -14.00 4.32
C LYS A 12 -3.36 -13.92 4.71
N LYS A 13 -3.11 -13.61 6.00
CA LYS A 13 -1.75 -13.51 6.51
C LYS A 13 -1.08 -14.87 6.60
N GLN A 14 -0.16 -15.12 5.66
CA GLN A 14 0.57 -16.39 5.62
C GLN A 14 1.91 -16.28 6.35
N ASN A 15 2.57 -15.13 6.20
CA ASN A 15 3.86 -14.88 6.84
C ASN A 15 4.17 -13.38 6.89
N GLY A 16 3.14 -12.58 7.22
CA GLY A 16 3.31 -11.14 7.28
C GLY A 16 3.38 -10.51 5.90
N MET A 17 3.08 -9.22 5.81
CA MET A 17 3.10 -8.51 4.53
C MET A 17 4.53 -8.46 3.98
N GLY A 18 5.45 -7.92 4.78
CA GLY A 18 6.85 -7.82 4.38
C GLY A 18 7.04 -6.97 3.13
N LEU A 19 7.01 -5.65 3.31
CA LEU A 19 7.20 -4.73 2.19
C LEU A 19 7.60 -3.34 2.67
N SER A 20 7.84 -2.43 1.73
CA SER A 20 8.23 -1.06 2.06
C SER A 20 7.29 -0.06 1.39
N ILE A 21 7.15 1.13 2.00
CA ILE A 21 6.28 2.17 1.47
C ILE A 21 6.84 3.57 1.69
N VAL A 22 6.37 4.53 0.89
CA VAL A 22 6.82 5.93 0.99
C VAL A 22 5.71 6.89 0.56
N ALA A 23 5.61 8.02 1.26
CA ALA A 23 4.59 9.03 0.96
C ALA A 23 5.03 9.90 -0.22
N ALA A 24 4.05 10.40 -0.96
CA ALA A 24 4.32 11.25 -2.12
C ALA A 24 3.22 12.29 -2.31
N LYS A 25 3.62 13.54 -2.56
CA LYS A 25 2.67 14.63 -2.78
C LYS A 25 2.85 15.24 -4.17
N GLY A 26 2.03 16.25 -4.47
CA GLY A 26 2.11 16.91 -5.76
C GLY A 26 1.40 18.25 -5.74
N ALA A 27 0.66 18.54 -6.80
CA ALA A 27 -0.08 19.78 -6.89
C ALA A 27 -1.58 19.53 -6.79
N GLY A 28 -2.28 20.44 -6.13
CA GLY A 28 -3.72 20.31 -5.95
C GLY A 28 -4.07 19.06 -5.17
N GLN A 29 -3.33 18.81 -4.09
CA GLN A 29 -3.55 17.64 -3.25
C GLN A 29 -3.54 18.01 -1.78
N ASP A 30 -4.71 17.99 -1.15
CA ASP A 30 -4.84 18.32 0.26
C ASP A 30 -4.70 17.07 1.15
N LYS A 31 -4.06 16.03 0.61
CA LYS A 31 -3.86 14.78 1.34
C LYS A 31 -2.50 14.17 0.99
N LEU A 32 -2.27 12.95 1.45
CA LEU A 32 -1.02 12.25 1.20
C LEU A 32 -1.27 10.79 0.81
N GLY A 33 -0.56 10.32 -0.20
CA GLY A 33 -0.71 8.95 -0.65
C GLY A 33 0.38 8.02 -0.13
N ILE A 34 0.12 6.72 -0.17
CA ILE A 34 1.08 5.72 0.30
C ILE A 34 1.58 4.84 -0.84
N TYR A 35 2.80 5.11 -1.31
CA TYR A 35 3.39 4.35 -2.40
C TYR A 35 4.18 3.15 -1.87
N VAL A 36 4.49 2.20 -2.74
CA VAL A 36 5.24 1.00 -2.35
C VAL A 36 6.68 1.08 -2.86
N LYS A 37 7.62 1.18 -1.92
CA LYS A 37 9.05 1.26 -2.25
C LYS A 37 9.55 -0.09 -2.78
N SER A 38 9.14 -1.17 -2.12
CA SER A 38 9.57 -2.52 -2.51
C SER A 38 8.80 -3.58 -1.72
N VAL A 39 8.89 -4.83 -2.15
CA VAL A 39 8.21 -5.93 -1.47
C VAL A 39 9.21 -6.97 -0.99
N VAL A 40 9.14 -7.32 0.29
CA VAL A 40 10.04 -8.30 0.88
C VAL A 40 9.64 -9.72 0.48
N LYS A 41 10.57 -10.43 -0.16
CA LYS A 41 10.32 -11.80 -0.61
C LYS A 41 10.09 -12.73 0.58
N GLY A 42 9.36 -13.82 0.34
CA GLY A 42 9.07 -14.78 1.40
C GLY A 42 7.67 -14.62 1.97
N GLY A 43 7.21 -13.38 2.08
CA GLY A 43 5.87 -13.12 2.59
C GLY A 43 4.77 -13.67 1.70
N ALA A 44 3.52 -13.44 2.08
CA ALA A 44 2.37 -13.92 1.30
C ALA A 44 1.94 -12.96 0.19
N ALA A 45 2.61 -11.80 0.09
CA ALA A 45 2.26 -10.82 -0.94
C ALA A 45 3.10 -11.00 -2.21
N ASP A 46 4.38 -11.32 -2.02
CA ASP A 46 5.29 -11.51 -3.15
C ASP A 46 5.06 -12.86 -3.83
N VAL A 47 4.78 -13.90 -3.02
CA VAL A 47 4.53 -15.24 -3.55
C VAL A 47 3.27 -15.26 -4.43
N ASP A 48 2.29 -14.43 -4.07
CA ASP A 48 1.04 -14.35 -4.83
C ASP A 48 1.26 -13.67 -6.17
N GLY A 49 2.00 -12.56 -6.17
CA GLY A 49 2.27 -11.83 -7.40
C GLY A 49 1.12 -10.92 -7.80
N ARG A 50 0.36 -10.44 -6.81
CA ARG A 50 -0.77 -9.56 -7.08
C ARG A 50 -0.34 -8.08 -7.08
N LEU A 51 0.64 -7.75 -6.25
CA LEU A 51 1.16 -6.39 -6.14
C LEU A 51 2.68 -6.35 -6.34
N ALA A 52 3.23 -5.14 -6.45
CA ALA A 52 4.67 -4.97 -6.63
C ALA A 52 5.12 -3.56 -6.23
N ALA A 53 6.40 -3.27 -6.45
CA ALA A 53 6.98 -1.96 -6.10
C ALA A 53 6.51 -0.89 -7.08
N GLY A 54 6.65 0.37 -6.68
CA GLY A 54 6.24 1.49 -7.52
C GLY A 54 4.74 1.54 -7.73
N ASP A 55 3.99 1.25 -6.66
CA ASP A 55 2.53 1.25 -6.72
C ASP A 55 1.94 2.13 -5.63
N GLN A 56 0.85 2.84 -5.97
CA GLN A 56 0.19 3.72 -5.01
C GLN A 56 -0.89 2.96 -4.23
N LEU A 57 -1.30 3.52 -3.08
CA LEU A 57 -2.32 2.88 -2.25
C LEU A 57 -3.47 3.83 -1.96
N LEU A 58 -4.64 3.25 -1.67
CA LEU A 58 -5.84 4.04 -1.37
C LEU A 58 -6.46 3.60 -0.03
N SER A 59 -6.78 2.31 0.08
CA SER A 59 -7.38 1.77 1.29
C SER A 59 -6.74 0.45 1.70
N VAL A 60 -6.58 0.25 3.01
CA VAL A 60 -5.97 -0.99 3.53
C VAL A 60 -6.77 -1.51 4.73
N ASP A 61 -6.90 -2.83 4.80
CA ASP A 61 -7.63 -3.51 5.89
C ASP A 61 -8.94 -2.79 6.23
N GLY A 62 -9.70 -2.41 5.18
CA GLY A 62 -10.96 -1.72 5.40
C GLY A 62 -10.77 -0.32 6.00
N ARG A 63 -9.67 0.34 5.65
CA ARG A 63 -9.37 1.69 6.16
C ARG A 63 -8.80 2.56 5.05
N SER A 64 -8.84 3.89 5.25
CA SER A 64 -8.32 4.82 4.25
C SER A 64 -7.08 5.55 4.78
N LEU A 65 -6.08 5.69 3.91
CA LEU A 65 -4.84 6.37 4.28
C LEU A 65 -4.63 7.61 3.43
N VAL A 66 -5.69 8.41 3.27
CA VAL A 66 -5.62 9.63 2.49
C VAL A 66 -5.70 10.86 3.39
N GLY A 67 -4.54 11.45 3.65
CA GLY A 67 -4.48 12.63 4.50
C GLY A 67 -3.57 12.42 5.70
N LEU A 68 -3.60 11.21 6.26
CA LEU A 68 -2.79 10.88 7.42
C LEU A 68 -1.32 10.72 7.01
N SER A 69 -0.41 11.07 7.93
CA SER A 69 1.02 10.96 7.67
C SER A 69 1.42 9.50 7.49
N GLN A 70 2.55 9.27 6.81
CA GLN A 70 3.03 7.91 6.56
C GLN A 70 3.13 7.12 7.86
N GLU A 71 3.57 7.76 8.93
CA GLU A 71 3.71 7.10 10.23
C GLU A 71 2.40 6.40 10.60
N ARG A 72 1.28 7.10 10.37
CA ARG A 72 -0.04 6.56 10.64
C ARG A 72 -0.42 5.53 9.57
N ALA A 73 -0.09 5.85 8.32
CA ALA A 73 -0.38 4.95 7.20
C ALA A 73 0.25 3.57 7.43
N ALA A 74 1.57 3.54 7.60
CA ALA A 74 2.26 2.29 7.85
C ALA A 74 1.71 1.62 9.11
N GLU A 75 1.90 2.29 10.26
CA GLU A 75 1.41 1.79 11.55
C GLU A 75 0.04 1.13 11.43
N LEU A 76 -0.88 1.79 10.71
CA LEU A 76 -2.22 1.26 10.52
C LEU A 76 -2.18 -0.10 9.80
N MET A 77 -1.35 -0.18 8.76
CA MET A 77 -1.19 -1.41 7.99
C MET A 77 -0.34 -2.44 8.73
N THR A 78 0.60 -1.95 9.55
CA THR A 78 1.47 -2.84 10.32
C THR A 78 0.66 -3.71 11.29
N ARG A 79 -0.50 -3.20 11.72
CA ARG A 79 -1.37 -3.94 12.63
C ARG A 79 -2.48 -4.69 11.86
N THR A 80 -2.17 -5.14 10.64
CA THR A 80 -3.14 -5.87 9.82
C THR A 80 -3.62 -7.14 10.52
N SER A 81 -4.88 -7.50 10.29
CA SER A 81 -5.47 -8.69 10.87
C SER A 81 -5.18 -9.92 10.01
N SER A 82 -5.89 -11.01 10.27
CA SER A 82 -5.73 -12.26 9.51
C SER A 82 -5.93 -12.01 8.01
N VAL A 83 -6.81 -11.06 7.68
CA VAL A 83 -7.09 -10.73 6.28
C VAL A 83 -6.41 -9.42 5.89
N VAL A 84 -5.91 -9.39 4.66
CA VAL A 84 -5.23 -8.21 4.13
C VAL A 84 -5.92 -7.71 2.87
N THR A 85 -6.50 -6.51 2.95
CA THR A 85 -7.20 -5.91 1.81
C THR A 85 -6.51 -4.63 1.36
N LEU A 86 -5.55 -4.76 0.45
CA LEU A 86 -4.79 -3.62 -0.07
C LEU A 86 -5.29 -3.22 -1.46
N GLU A 87 -5.49 -1.92 -1.65
CA GLU A 87 -5.96 -1.39 -2.94
C GLU A 87 -4.90 -0.48 -3.57
N VAL A 88 -4.56 -0.78 -4.83
CA VAL A 88 -3.56 0.01 -5.55
C VAL A 88 -4.13 0.55 -6.86
N ALA A 89 -3.38 1.44 -7.51
CA ALA A 89 -3.80 2.04 -8.77
C ALA A 89 -2.72 1.86 -9.84
N LYS A 90 -3.13 1.42 -11.02
CA LYS A 90 -2.20 1.22 -12.14
C LYS A 90 -1.68 2.56 -12.66
N GLN A 91 -0.54 2.98 -12.12
CA GLN A 91 0.07 4.25 -12.51
C GLN A 91 1.57 4.24 -12.23
N GLY A 92 2.26 5.30 -12.64
CA GLY A 92 3.69 5.39 -12.44
C GLY A 92 4.52 4.90 -13.61
N ALA A 93 3.82 4.47 -14.64
CA ALA A 93 4.44 3.96 -15.86
C ALA A 93 3.92 4.71 -17.09
N LEU B 1 7.64 6.95 7.91
CA LEU B 1 7.59 8.39 7.53
C LEU B 1 7.59 8.56 6.01
N PHE B 2 8.47 7.83 5.32
CA PHE B 2 8.56 7.88 3.86
C PHE B 2 9.48 6.78 3.31
N SER B 3 9.52 5.63 3.99
CA SER B 3 10.35 4.50 3.57
C SER B 3 10.41 3.43 4.67
N THR B 4 9.25 3.14 5.28
CA THR B 4 9.18 2.13 6.34
C THR B 4 9.04 0.74 5.75
N GLU B 5 8.86 -0.25 6.63
CA GLU B 5 8.70 -1.63 6.22
C GLU B 5 7.47 -2.27 6.88
N VAL B 6 6.30 -1.98 6.32
CA VAL B 6 5.05 -2.51 6.84
C VAL B 6 4.89 -4.01 6.54
N MET A 1 -12.70 12.54 -17.94
CA MET A 1 -11.52 12.92 -17.11
C MET A 1 -10.60 11.72 -16.88
N LYS A 2 -9.38 11.99 -16.41
CA LYS A 2 -8.40 10.93 -16.14
C LYS A 2 -8.88 10.00 -15.02
N GLU A 3 -8.89 8.70 -15.31
CA GLU A 3 -9.33 7.71 -14.33
C GLU A 3 -8.36 6.53 -14.27
N PRO A 4 -7.63 6.39 -13.15
CA PRO A 4 -6.66 5.30 -12.96
C PRO A 4 -7.34 3.94 -12.78
N GLU A 5 -6.55 2.93 -12.42
CA GLU A 5 -7.06 1.59 -12.21
C GLU A 5 -6.78 1.11 -10.79
N ILE A 6 -7.77 1.22 -9.93
CA ILE A 6 -7.64 0.81 -8.53
C ILE A 6 -8.19 -0.60 -8.32
N ILE A 7 -7.38 -1.45 -7.70
CA ILE A 7 -7.76 -2.83 -7.42
C ILE A 7 -7.19 -3.32 -6.09
N THR A 8 -7.98 -4.10 -5.35
CA THR A 8 -7.53 -4.62 -4.06
C THR A 8 -7.34 -6.14 -4.12
N VAL A 9 -6.41 -6.66 -3.32
CA VAL A 9 -6.13 -8.09 -3.28
C VAL A 9 -6.50 -8.68 -1.93
N THR A 10 -7.43 -9.63 -1.93
CA THR A 10 -7.88 -10.28 -0.71
C THR A 10 -7.11 -11.59 -0.50
N LEU A 11 -6.10 -11.54 0.39
CA LEU A 11 -5.28 -12.70 0.69
C LEU A 11 -5.15 -12.93 2.20
N LYS A 12 -4.73 -14.13 2.58
CA LYS A 12 -4.56 -14.47 4.00
C LYS A 12 -3.13 -14.19 4.46
N LYS A 13 -3.01 -13.47 5.58
CA LYS A 13 -1.70 -13.12 6.13
C LYS A 13 -1.13 -14.26 6.98
N GLN A 14 0.17 -14.50 6.85
CA GLN A 14 0.83 -15.56 7.61
C GLN A 14 1.42 -15.00 8.91
N ASN A 15 2.30 -14.00 8.77
CA ASN A 15 2.94 -13.36 9.92
C ASN A 15 3.47 -11.98 9.55
N GLY A 16 2.70 -11.27 8.72
CA GLY A 16 3.10 -9.95 8.27
C GLY A 16 2.98 -9.79 6.77
N MET A 17 3.54 -8.70 6.24
CA MET A 17 3.48 -8.44 4.80
C MET A 17 4.89 -8.47 4.17
N GLY A 18 5.86 -7.86 4.86
CA GLY A 18 7.22 -7.83 4.34
C GLY A 18 7.37 -6.98 3.09
N LEU A 19 7.33 -5.67 3.26
CA LEU A 19 7.49 -4.74 2.13
C LEU A 19 7.87 -3.35 2.61
N SER A 20 8.08 -2.42 1.67
CA SER A 20 8.46 -1.05 2.00
C SER A 20 7.57 -0.04 1.27
N ILE A 21 7.39 1.13 1.90
CA ILE A 21 6.56 2.19 1.31
C ILE A 21 7.15 3.58 1.57
N VAL A 22 6.86 4.51 0.67
CA VAL A 22 7.34 5.89 0.80
C VAL A 22 6.21 6.90 0.55
N ALA A 23 6.14 7.91 1.40
CA ALA A 23 5.12 8.95 1.29
C ALA A 23 5.58 10.08 0.37
N ALA A 24 4.69 10.52 -0.53
CA ALA A 24 5.01 11.59 -1.47
C ALA A 24 3.79 12.48 -1.74
N LYS A 25 4.04 13.74 -2.08
CA LYS A 25 2.97 14.69 -2.36
C LYS A 25 3.14 15.31 -3.76
N GLY A 26 2.22 16.20 -4.12
CA GLY A 26 2.28 16.86 -5.42
C GLY A 26 1.56 18.19 -5.41
N ALA A 27 0.86 18.48 -6.49
CA ALA A 27 0.12 19.73 -6.59
C ALA A 27 -1.38 19.47 -6.54
N GLY A 28 -2.11 20.34 -5.85
CA GLY A 28 -3.55 20.18 -5.73
C GLY A 28 -3.91 18.87 -5.03
N GLN A 29 -3.21 18.60 -3.93
CA GLN A 29 -3.43 17.37 -3.17
C GLN A 29 -3.52 17.67 -1.67
N ASP A 30 -4.72 17.57 -1.12
CA ASP A 30 -4.93 17.80 0.30
C ASP A 30 -4.78 16.51 1.10
N LYS A 31 -4.09 15.53 0.52
CA LYS A 31 -3.85 14.24 1.16
C LYS A 31 -2.47 13.70 0.83
N LEU A 32 -2.22 12.43 1.16
CA LEU A 32 -0.93 11.79 0.89
C LEU A 32 -1.13 10.38 0.35
N GLY A 33 -0.22 9.96 -0.53
CA GLY A 33 -0.30 8.63 -1.12
C GLY A 33 0.78 7.69 -0.62
N ILE A 34 0.38 6.52 -0.15
CA ILE A 34 1.33 5.52 0.37
C ILE A 34 1.86 4.64 -0.77
N TYR A 35 2.93 5.11 -1.41
CA TYR A 35 3.56 4.38 -2.53
C TYR A 35 4.44 3.24 -2.02
N VAL A 36 4.85 2.36 -2.95
CA VAL A 36 5.71 1.22 -2.60
C VAL A 36 7.17 1.49 -2.92
N LYS A 37 8.05 1.13 -1.99
CA LYS A 37 9.49 1.32 -2.15
C LYS A 37 10.18 0.03 -2.57
N SER A 38 9.77 -1.10 -1.97
CA SER A 38 10.36 -2.41 -2.28
C SER A 38 9.67 -3.52 -1.48
N VAL A 39 9.18 -4.54 -2.18
CA VAL A 39 8.51 -5.66 -1.52
C VAL A 39 9.51 -6.74 -1.12
N VAL A 40 9.35 -7.26 0.10
CA VAL A 40 10.22 -8.30 0.62
C VAL A 40 9.68 -9.69 0.32
N LYS A 41 10.52 -10.54 -0.27
CA LYS A 41 10.12 -11.89 -0.61
C LYS A 41 9.78 -12.71 0.63
N GLY A 42 8.84 -13.64 0.47
CA GLY A 42 8.42 -14.47 1.59
C GLY A 42 7.11 -14.01 2.20
N GLY A 43 6.86 -12.70 2.13
CA GLY A 43 5.63 -12.16 2.68
C GLY A 43 4.39 -12.63 1.93
N ALA A 44 3.26 -12.68 2.63
CA ALA A 44 1.99 -13.12 2.05
C ALA A 44 1.70 -12.42 0.72
N ALA A 45 2.05 -11.14 0.63
CA ALA A 45 1.82 -10.36 -0.58
C ALA A 45 2.75 -10.78 -1.71
N ASP A 46 4.04 -10.98 -1.37
CA ASP A 46 5.04 -11.38 -2.37
C ASP A 46 4.73 -12.77 -2.92
N VAL A 47 4.30 -13.68 -2.04
CA VAL A 47 3.97 -15.04 -2.45
C VAL A 47 2.92 -15.06 -3.56
N ASP A 48 1.92 -14.18 -3.45
CA ASP A 48 0.86 -14.09 -4.44
C ASP A 48 1.33 -13.35 -5.69
N GLY A 49 1.93 -12.18 -5.48
CA GLY A 49 2.43 -11.39 -6.60
C GLY A 49 1.35 -10.56 -7.27
N ARG A 50 0.96 -9.46 -6.65
CA ARG A 50 -0.05 -8.57 -7.21
C ARG A 50 0.31 -7.09 -7.02
N LEU A 51 1.60 -6.81 -6.85
CA LEU A 51 2.08 -5.44 -6.66
C LEU A 51 3.61 -5.40 -6.61
N ALA A 52 4.19 -4.26 -6.98
CA ALA A 52 5.65 -4.11 -6.97
C ALA A 52 6.06 -2.70 -6.54
N ALA A 53 7.37 -2.45 -6.50
CA ALA A 53 7.89 -1.16 -6.09
C ALA A 53 7.50 -0.08 -7.10
N GLY A 54 7.13 1.09 -6.59
CA GLY A 54 6.74 2.20 -7.46
C GLY A 54 5.25 2.24 -7.73
N ASP A 55 4.47 1.61 -6.83
CA ASP A 55 3.01 1.59 -6.98
C ASP A 55 2.36 2.56 -6.00
N GLN A 56 1.04 2.70 -6.10
CA GLN A 56 0.29 3.61 -5.22
C GLN A 56 -0.84 2.86 -4.49
N LEU A 57 -1.06 3.23 -3.23
CA LEU A 57 -2.10 2.60 -2.41
C LEU A 57 -3.29 3.55 -2.20
N LEU A 58 -4.41 2.99 -1.76
CA LEU A 58 -5.62 3.78 -1.51
C LEU A 58 -6.35 3.31 -0.25
N SER A 59 -6.69 2.01 -0.20
CA SER A 59 -7.39 1.44 0.94
C SER A 59 -6.67 0.22 1.51
N VAL A 60 -6.89 -0.06 2.79
CA VAL A 60 -6.28 -1.19 3.46
C VAL A 60 -7.24 -1.86 4.44
N ASP A 61 -7.74 -3.04 4.08
CA ASP A 61 -8.67 -3.78 4.93
C ASP A 61 -9.93 -2.95 5.22
N GLY A 62 -10.53 -2.41 4.16
CA GLY A 62 -11.72 -1.59 4.32
C GLY A 62 -11.44 -0.25 4.98
N ARG A 63 -10.19 0.19 4.92
CA ARG A 63 -9.78 1.47 5.51
C ARG A 63 -9.36 2.44 4.42
N SER A 64 -9.35 3.74 4.76
CA SER A 64 -8.96 4.77 3.80
C SER A 64 -7.67 5.46 4.24
N LEU A 65 -6.60 5.23 3.49
CA LEU A 65 -5.31 5.85 3.80
C LEU A 65 -5.10 7.11 2.96
N VAL A 66 -6.15 7.92 2.85
CA VAL A 66 -6.08 9.16 2.08
C VAL A 66 -6.01 10.37 3.02
N GLY A 67 -4.79 10.88 3.20
CA GLY A 67 -4.58 12.02 4.07
C GLY A 67 -3.96 11.63 5.40
N LEU A 68 -3.16 10.57 5.39
CA LEU A 68 -2.50 10.09 6.60
C LEU A 68 -0.98 10.06 6.43
N SER A 69 -0.27 10.09 7.55
CA SER A 69 1.19 10.07 7.53
C SER A 69 1.71 8.64 7.32
N GLN A 70 2.97 8.53 6.92
CA GLN A 70 3.59 7.22 6.69
C GLN A 70 3.45 6.33 7.93
N GLU A 71 3.56 6.95 9.11
CA GLU A 71 3.44 6.23 10.37
C GLU A 71 2.05 5.62 10.53
N ARG A 72 1.02 6.46 10.52
CA ARG A 72 -0.36 6.00 10.67
C ARG A 72 -0.73 5.03 9.55
N ALA A 73 -0.23 5.30 8.35
CA ALA A 73 -0.51 4.44 7.19
C ALA A 73 0.08 3.05 7.36
N ALA A 74 1.41 2.97 7.47
CA ALA A 74 2.09 1.69 7.65
C ALA A 74 1.56 0.93 8.86
N GLU A 75 1.44 1.63 9.99
CA GLU A 75 0.93 1.01 11.21
C GLU A 75 -0.44 0.39 10.98
N LEU A 76 -1.39 1.19 10.49
CA LEU A 76 -2.74 0.71 10.22
C LEU A 76 -2.73 -0.52 9.32
N MET A 77 -1.76 -0.59 8.41
CA MET A 77 -1.64 -1.72 7.49
C MET A 77 -1.10 -2.97 8.18
N THR A 78 0.03 -2.82 8.88
CA THR A 78 0.65 -3.95 9.59
C THR A 78 -0.28 -4.49 10.68
N ARG A 79 -1.04 -3.59 11.31
CA ARG A 79 -1.96 -3.97 12.38
C ARG A 79 -3.31 -4.47 11.82
N THR A 80 -3.27 -5.36 10.83
CA THR A 80 -4.49 -5.90 10.22
C THR A 80 -4.84 -7.27 10.81
N SER A 81 -5.94 -7.85 10.34
CA SER A 81 -6.39 -9.16 10.81
C SER A 81 -5.86 -10.27 9.89
N SER A 82 -6.43 -11.48 10.03
CA SER A 82 -6.01 -12.62 9.21
C SER A 82 -6.12 -12.29 7.72
N VAL A 83 -7.23 -11.66 7.33
CA VAL A 83 -7.45 -11.29 5.93
C VAL A 83 -6.77 -9.95 5.62
N VAL A 84 -6.27 -9.82 4.38
CA VAL A 84 -5.62 -8.60 3.95
C VAL A 84 -6.22 -8.11 2.64
N THR A 85 -6.63 -6.84 2.63
CA THR A 85 -7.24 -6.25 1.43
C THR A 85 -6.58 -4.91 1.10
N LEU A 86 -5.44 -4.97 0.39
CA LEU A 86 -4.69 -3.78 0.01
C LEU A 86 -5.10 -3.28 -1.38
N GLU A 87 -5.62 -2.06 -1.44
CA GLU A 87 -6.03 -1.46 -2.70
C GLU A 87 -4.85 -0.76 -3.38
N VAL A 88 -4.43 -1.28 -4.53
CA VAL A 88 -3.30 -0.72 -5.26
C VAL A 88 -3.75 -0.16 -6.62
N ALA A 89 -3.04 0.87 -7.10
CA ALA A 89 -3.34 1.51 -8.37
C ALA A 89 -2.32 1.11 -9.45
N LYS A 90 -2.72 1.29 -10.71
CA LYS A 90 -1.84 0.97 -11.83
C LYS A 90 -1.45 2.23 -12.60
N GLN A 91 -0.22 2.69 -12.40
CA GLN A 91 0.28 3.88 -13.06
C GLN A 91 0.79 3.56 -14.46
N GLY A 92 1.23 4.60 -15.18
CA GLY A 92 1.76 4.43 -16.53
C GLY A 92 3.25 4.21 -16.58
N ALA A 93 3.86 4.23 -15.43
CA ALA A 93 5.31 4.03 -15.29
C ALA A 93 5.62 2.88 -14.33
N LEU B 1 8.95 11.24 2.98
CA LEU B 1 10.26 11.10 2.26
C LEU B 1 11.13 10.00 2.89
N PHE B 2 10.49 8.95 3.40
CA PHE B 2 11.22 7.83 4.01
C PHE B 2 10.68 6.50 3.49
N SER B 3 11.38 5.40 3.80
CA SER B 3 10.96 4.07 3.35
C SER B 3 10.73 3.16 4.56
N THR B 4 9.48 3.14 5.04
CA THR B 4 9.12 2.30 6.18
C THR B 4 8.87 0.85 5.74
N GLU B 5 8.62 -0.03 6.70
CA GLU B 5 8.37 -1.44 6.40
C GLU B 5 7.08 -1.91 7.08
N VAL B 6 6.20 -2.54 6.28
CA VAL B 6 4.93 -3.05 6.78
C VAL B 6 4.74 -4.52 6.41
N MET A 1 -12.71 11.48 -17.95
CA MET A 1 -12.39 10.69 -16.74
C MET A 1 -10.99 10.08 -16.83
N LYS A 2 -10.03 10.68 -16.14
CA LYS A 2 -8.65 10.19 -16.14
C LYS A 2 -8.36 9.37 -14.87
N GLU A 3 -9.36 8.61 -14.41
CA GLU A 3 -9.21 7.79 -13.22
C GLU A 3 -8.53 6.46 -13.56
N PRO A 4 -7.41 6.14 -12.88
CA PRO A 4 -6.65 4.90 -13.11
C PRO A 4 -7.48 3.64 -12.78
N GLU A 5 -6.79 2.50 -12.68
CA GLU A 5 -7.45 1.24 -12.38
C GLU A 5 -7.10 0.77 -10.97
N ILE A 6 -7.92 1.18 -10.02
CA ILE A 6 -7.73 0.82 -8.61
C ILE A 6 -8.53 -0.44 -8.26
N ILE A 7 -7.88 -1.34 -7.52
CA ILE A 7 -8.53 -2.60 -7.12
C ILE A 7 -8.07 -3.04 -5.72
N THR A 8 -8.93 -3.79 -5.04
CA THR A 8 -8.62 -4.28 -3.70
C THR A 8 -8.43 -5.79 -3.70
N VAL A 9 -7.46 -6.26 -2.92
CA VAL A 9 -7.17 -7.69 -2.82
C VAL A 9 -7.32 -8.19 -1.38
N THR A 10 -8.00 -9.32 -1.22
CA THR A 10 -8.21 -9.89 0.10
C THR A 10 -7.39 -11.18 0.27
N LEU A 11 -6.21 -11.05 0.86
CA LEU A 11 -5.32 -12.19 1.07
C LEU A 11 -5.10 -12.44 2.57
N LYS A 12 -4.42 -13.54 2.90
CA LYS A 12 -4.15 -13.89 4.29
C LYS A 12 -2.73 -13.48 4.68
N LYS A 13 -2.48 -13.43 5.99
CA LYS A 13 -1.16 -13.06 6.51
C LYS A 13 -0.18 -14.22 6.40
N GLN A 14 0.67 -14.18 5.38
CA GLN A 14 1.67 -15.23 5.16
C GLN A 14 2.98 -14.87 5.85
N ASN A 15 3.05 -15.11 7.16
CA ASN A 15 4.23 -14.79 7.96
C ASN A 15 4.57 -13.31 7.87
N GLY A 16 3.53 -12.46 7.80
CA GLY A 16 3.73 -11.03 7.71
C GLY A 16 3.67 -10.53 6.28
N MET A 17 3.28 -9.26 6.11
CA MET A 17 3.20 -8.67 4.77
C MET A 17 4.55 -8.70 4.07
N GLY A 18 5.56 -8.12 4.72
CA GLY A 18 6.90 -8.10 4.15
C GLY A 18 7.00 -7.18 2.94
N LEU A 19 6.98 -5.88 3.19
CA LEU A 19 7.07 -4.89 2.12
C LEU A 19 7.50 -3.53 2.68
N SER A 20 7.66 -2.55 1.79
CA SER A 20 8.06 -1.22 2.19
C SER A 20 7.21 -0.17 1.48
N ILE A 21 6.58 0.72 2.24
CA ILE A 21 5.74 1.76 1.67
C ILE A 21 6.28 3.15 1.99
N VAL A 22 6.42 3.99 0.96
CA VAL A 22 6.93 5.35 1.12
C VAL A 22 5.83 6.38 0.85
N ALA A 23 5.77 7.40 1.70
CA ALA A 23 4.80 8.47 1.57
C ALA A 23 5.41 9.65 0.83
N ALA A 24 4.82 10.02 -0.32
CA ALA A 24 5.34 11.13 -1.11
C ALA A 24 4.23 12.08 -1.54
N LYS A 25 4.58 13.36 -1.67
CA LYS A 25 3.62 14.39 -2.08
C LYS A 25 4.13 15.14 -3.32
N GLY A 26 3.35 16.11 -3.78
CA GLY A 26 3.74 16.89 -4.94
C GLY A 26 2.92 18.15 -5.06
N ALA A 27 2.57 18.51 -6.28
CA ALA A 27 1.78 19.71 -6.51
C ALA A 27 0.34 19.34 -6.88
N GLY A 28 -0.60 20.20 -6.50
CA GLY A 28 -2.00 19.93 -6.78
C GLY A 28 -2.48 18.64 -6.13
N GLN A 29 -1.91 18.35 -4.96
CA GLN A 29 -2.25 17.14 -4.22
C GLN A 29 -2.61 17.46 -2.77
N ASP A 30 -3.90 17.45 -2.46
CA ASP A 30 -4.36 17.74 -1.10
C ASP A 30 -4.45 16.46 -0.27
N LYS A 31 -3.73 15.42 -0.69
CA LYS A 31 -3.73 14.14 0.01
C LYS A 31 -2.33 13.53 -0.01
N LEU A 32 -2.23 12.25 0.38
CA LEU A 32 -0.95 11.56 0.40
C LEU A 32 -1.11 10.11 -0.05
N GLY A 33 -0.35 9.72 -1.07
CA GLY A 33 -0.42 8.36 -1.58
C GLY A 33 0.67 7.48 -1.01
N ILE A 34 0.28 6.45 -0.27
CA ILE A 34 1.22 5.52 0.33
C ILE A 34 1.75 4.53 -0.72
N TYR A 35 2.81 4.95 -1.42
CA TYR A 35 3.40 4.12 -2.47
C TYR A 35 4.21 2.96 -1.89
N VAL A 36 4.49 1.96 -2.72
CA VAL A 36 5.26 0.79 -2.30
C VAL A 36 6.68 0.86 -2.85
N LYS A 37 7.63 1.12 -1.96
CA LYS A 37 9.05 1.20 -2.34
C LYS A 37 9.54 -0.14 -2.89
N SER A 38 9.22 -1.21 -2.17
CA SER A 38 9.64 -2.56 -2.59
C SER A 38 9.06 -3.63 -1.67
N VAL A 39 8.59 -4.72 -2.26
CA VAL A 39 8.02 -5.83 -1.49
C VAL A 39 9.11 -6.80 -1.07
N VAL A 40 9.04 -7.26 0.18
CA VAL A 40 10.02 -8.20 0.71
C VAL A 40 9.79 -9.61 0.16
N LYS A 41 10.88 -10.32 -0.13
CA LYS A 41 10.81 -11.67 -0.66
C LYS A 41 10.14 -12.62 0.34
N GLY A 42 9.52 -13.67 -0.19
CA GLY A 42 8.85 -14.65 0.66
C GLY A 42 7.63 -14.07 1.37
N GLY A 43 7.10 -12.96 0.85
CA GLY A 43 5.94 -12.34 1.45
C GLY A 43 4.63 -12.88 0.89
N ALA A 44 3.57 -12.10 1.02
CA ALA A 44 2.25 -12.51 0.52
C ALA A 44 1.96 -11.92 -0.85
N ALA A 45 2.42 -10.68 -1.08
CA ALA A 45 2.21 -10.00 -2.37
C ALA A 45 3.30 -10.38 -3.38
N ASP A 46 4.51 -10.60 -2.89
CA ASP A 46 5.64 -10.95 -3.76
C ASP A 46 5.41 -12.32 -4.43
N VAL A 47 4.89 -13.28 -3.67
CA VAL A 47 4.65 -14.62 -4.19
C VAL A 47 3.36 -14.68 -5.01
N ASP A 48 2.31 -14.02 -4.52
CA ASP A 48 1.02 -14.00 -5.21
C ASP A 48 1.14 -13.35 -6.59
N GLY A 49 1.64 -12.13 -6.62
CA GLY A 49 1.79 -11.41 -7.88
C GLY A 49 0.65 -10.45 -8.14
N ARG A 50 0.35 -9.61 -7.14
CA ARG A 50 -0.72 -8.63 -7.26
C ARG A 50 -0.14 -7.23 -7.44
N LEU A 51 0.66 -6.80 -6.47
CA LEU A 51 1.29 -5.47 -6.53
C LEU A 51 2.81 -5.60 -6.59
N ALA A 52 3.46 -4.63 -7.23
CA ALA A 52 4.90 -4.63 -7.37
C ALA A 52 5.51 -3.34 -6.82
N ALA A 53 6.83 -3.19 -6.97
CA ALA A 53 7.53 -2.00 -6.49
C ALA A 53 7.19 -0.78 -7.35
N GLY A 54 6.84 0.32 -6.70
CA GLY A 54 6.50 1.54 -7.43
C GLY A 54 5.00 1.69 -7.66
N ASP A 55 4.20 1.11 -6.76
CA ASP A 55 2.74 1.18 -6.86
C ASP A 55 2.19 2.21 -5.88
N GLN A 56 0.89 2.51 -5.99
CA GLN A 56 0.24 3.48 -5.12
C GLN A 56 -0.91 2.84 -4.33
N LEU A 57 -1.01 3.18 -3.05
CA LEU A 57 -2.07 2.64 -2.19
C LEU A 57 -3.18 3.66 -1.99
N LEU A 58 -4.35 3.18 -1.55
CA LEU A 58 -5.51 4.03 -1.31
C LEU A 58 -6.27 3.60 -0.06
N SER A 59 -6.64 2.33 0.00
CA SER A 59 -7.38 1.79 1.13
C SER A 59 -6.67 0.59 1.77
N VAL A 60 -6.88 0.41 3.07
CA VAL A 60 -6.27 -0.68 3.82
C VAL A 60 -7.26 -1.29 4.80
N ASP A 61 -7.35 -2.61 4.82
CA ASP A 61 -8.26 -3.33 5.72
C ASP A 61 -9.70 -2.82 5.56
N GLY A 62 -10.08 -2.51 4.32
CA GLY A 62 -11.42 -2.03 4.05
C GLY A 62 -11.66 -0.61 4.55
N ARG A 63 -10.60 0.19 4.64
CA ARG A 63 -10.70 1.57 5.11
C ARG A 63 -10.02 2.53 4.13
N SER A 64 -10.55 3.74 4.03
CA SER A 64 -9.99 4.75 3.13
C SER A 64 -8.92 5.58 3.84
N LEU A 65 -7.79 5.80 3.15
CA LEU A 65 -6.70 6.57 3.71
C LEU A 65 -6.24 7.65 2.73
N VAL A 66 -7.19 8.43 2.22
CA VAL A 66 -6.89 9.49 1.27
C VAL A 66 -6.72 10.83 2.00
N GLY A 67 -5.47 11.20 2.22
CA GLY A 67 -5.16 12.45 2.91
C GLY A 67 -4.69 12.23 4.34
N LEU A 68 -3.95 11.14 4.56
CA LEU A 68 -3.44 10.81 5.88
C LEU A 68 -1.91 10.71 5.87
N SER A 69 -1.29 10.95 7.01
CA SER A 69 0.16 10.87 7.13
C SER A 69 0.61 9.41 7.15
N GLN A 70 1.88 9.17 6.81
CA GLN A 70 2.43 7.82 6.80
C GLN A 70 2.30 7.14 8.17
N GLU A 71 2.23 7.94 9.23
CA GLU A 71 2.10 7.40 10.59
C GLU A 71 0.85 6.54 10.71
N ARG A 72 -0.28 7.07 10.25
CA ARG A 72 -1.55 6.35 10.30
C ARG A 72 -1.52 5.14 9.37
N ALA A 73 -1.15 5.37 8.12
CA ALA A 73 -1.09 4.30 7.12
C ALA A 73 -0.12 3.20 7.55
N ALA A 74 1.09 3.59 7.95
CA ALA A 74 2.10 2.65 8.39
C ALA A 74 1.62 1.81 9.56
N GLU A 75 1.22 2.47 10.64
CA GLU A 75 0.73 1.78 11.85
C GLU A 75 -0.43 0.85 11.51
N LEU A 76 -1.46 1.38 10.85
CA LEU A 76 -2.62 0.58 10.48
C LEU A 76 -2.22 -0.56 9.55
N MET A 77 -1.20 -0.34 8.73
CA MET A 77 -0.72 -1.37 7.80
C MET A 77 -0.04 -2.51 8.55
N THR A 78 1.08 -2.20 9.23
CA THR A 78 1.81 -3.22 9.99
C THR A 78 0.90 -3.88 11.02
N ARG A 79 0.00 -3.11 11.61
CA ARG A 79 -0.94 -3.63 12.61
C ARG A 79 -2.19 -4.21 11.94
N THR A 80 -1.99 -5.11 10.99
CA THR A 80 -3.11 -5.74 10.28
C THR A 80 -3.47 -7.08 10.93
N SER A 81 -4.63 -7.63 10.55
CA SER A 81 -5.08 -8.91 11.09
C SER A 81 -4.72 -10.06 10.15
N SER A 82 -5.36 -11.21 10.33
CA SER A 82 -5.11 -12.38 9.50
C SER A 82 -5.39 -12.07 8.02
N VAL A 83 -6.28 -11.11 7.77
CA VAL A 83 -6.63 -10.72 6.41
C VAL A 83 -5.89 -9.45 6.00
N VAL A 84 -5.61 -9.33 4.71
CA VAL A 84 -4.90 -8.17 4.17
C VAL A 84 -5.69 -7.55 3.01
N THR A 85 -6.61 -6.65 3.33
CA THR A 85 -7.43 -5.99 2.32
C THR A 85 -6.79 -4.68 1.87
N LEU A 86 -5.81 -4.78 0.97
CA LEU A 86 -5.10 -3.60 0.46
C LEU A 86 -5.57 -3.24 -0.95
N GLU A 87 -5.83 -1.95 -1.16
CA GLU A 87 -6.28 -1.46 -2.46
C GLU A 87 -5.16 -0.68 -3.15
N VAL A 88 -4.65 -1.25 -4.24
CA VAL A 88 -3.57 -0.62 -5.00
C VAL A 88 -4.05 -0.14 -6.36
N ALA A 89 -3.47 0.96 -6.83
CA ALA A 89 -3.84 1.53 -8.13
C ALA A 89 -2.87 1.07 -9.22
N LYS A 90 -3.42 0.64 -10.35
CA LYS A 90 -2.61 0.17 -11.47
C LYS A 90 -1.85 1.34 -12.10
N GLN A 91 -0.64 1.58 -11.62
CA GLN A 91 0.19 2.68 -12.12
C GLN A 91 1.64 2.52 -11.67
N GLY A 92 2.49 3.48 -12.04
CA GLY A 92 3.89 3.44 -11.66
C GLY A 92 4.80 4.06 -12.70
N ALA A 93 5.80 4.79 -12.24
CA ALA A 93 6.75 5.43 -13.14
C ALA A 93 8.01 4.58 -13.34
N LEU B 1 11.51 10.39 7.04
CA LEU B 1 12.15 10.14 5.73
C LEU B 1 11.19 9.45 4.74
N PHE B 2 10.15 8.80 5.27
CA PHE B 2 9.15 8.12 4.45
C PHE B 2 9.76 6.88 3.78
N SER B 3 9.59 5.73 4.43
CA SER B 3 10.13 4.47 3.91
C SER B 3 9.32 3.28 4.43
N THR B 4 9.12 3.22 5.75
CA THR B 4 8.34 2.15 6.40
C THR B 4 8.89 0.76 6.01
N GLU B 5 8.15 -0.29 6.42
CA GLU B 5 8.54 -1.67 6.14
C GLU B 5 7.51 -2.59 6.77
N VAL B 6 6.25 -2.32 6.45
CA VAL B 6 5.14 -3.09 6.98
C VAL B 6 5.17 -4.55 6.50
N MET A 1 -8.97 13.77 -16.72
CA MET A 1 -9.49 12.82 -17.73
C MET A 1 -8.80 11.45 -17.64
N LYS A 2 -7.50 11.45 -17.28
CA LYS A 2 -6.73 10.21 -17.16
C LYS A 2 -7.39 9.26 -16.16
N GLU A 3 -7.86 8.11 -16.64
CA GLU A 3 -8.50 7.12 -15.80
C GLU A 3 -7.55 5.98 -15.48
N PRO A 4 -6.97 5.97 -14.26
CA PRO A 4 -6.04 4.92 -13.82
C PRO A 4 -6.72 3.57 -13.60
N GLU A 5 -5.97 2.61 -13.05
CA GLU A 5 -6.51 1.27 -12.79
C GLU A 5 -6.25 0.86 -11.34
N ILE A 6 -7.30 0.90 -10.54
CA ILE A 6 -7.23 0.53 -9.13
C ILE A 6 -7.82 -0.86 -8.90
N ILE A 7 -7.18 -1.65 -8.02
CA ILE A 7 -7.65 -3.00 -7.71
C ILE A 7 -7.39 -3.36 -6.24
N THR A 8 -8.23 -4.24 -5.70
CA THR A 8 -8.09 -4.68 -4.31
C THR A 8 -7.71 -6.16 -4.24
N VAL A 9 -6.81 -6.50 -3.31
CA VAL A 9 -6.36 -7.88 -3.14
C VAL A 9 -6.60 -8.35 -1.70
N THR A 10 -7.26 -9.51 -1.58
CA THR A 10 -7.56 -10.08 -0.27
C THR A 10 -6.70 -11.32 -0.01
N LEU A 11 -5.79 -11.22 0.96
CA LEU A 11 -4.89 -12.33 1.30
C LEU A 11 -4.72 -12.44 2.82
N LYS A 12 -4.25 -13.60 3.29
CA LYS A 12 -4.03 -13.82 4.72
C LYS A 12 -2.56 -13.61 5.08
N LYS A 13 -2.25 -13.72 6.38
CA LYS A 13 -0.88 -13.53 6.86
C LYS A 13 -0.23 -14.86 7.25
N GLN A 14 1.09 -14.93 7.11
CA GLN A 14 1.84 -16.14 7.45
C GLN A 14 3.06 -15.79 8.31
N ASN A 15 3.94 -14.94 7.78
CA ASN A 15 5.14 -14.52 8.49
C ASN A 15 5.37 -13.01 8.29
N GLY A 16 4.28 -12.25 8.23
CA GLY A 16 4.38 -10.81 8.05
C GLY A 16 4.34 -10.43 6.57
N MET A 17 3.87 -9.21 6.29
CA MET A 17 3.78 -8.73 4.92
C MET A 17 5.16 -8.61 4.29
N GLY A 18 6.08 -7.96 5.02
CA GLY A 18 7.45 -7.79 4.54
C GLY A 18 7.52 -7.03 3.22
N LEU A 19 7.48 -5.70 3.30
CA LEU A 19 7.54 -4.84 2.12
C LEU A 19 7.95 -3.41 2.50
N SER A 20 8.05 -2.54 1.49
CA SER A 20 8.45 -1.15 1.73
C SER A 20 7.47 -0.18 1.06
N ILE A 21 7.23 0.96 1.70
CA ILE A 21 6.31 1.97 1.16
C ILE A 21 6.84 3.39 1.38
N VAL A 22 6.55 4.28 0.43
CA VAL A 22 6.99 5.67 0.51
C VAL A 22 5.85 6.64 0.18
N ALA A 23 5.75 7.71 0.98
CA ALA A 23 4.71 8.72 0.78
C ALA A 23 5.12 9.69 -0.33
N ALA A 24 4.14 10.39 -0.91
CA ALA A 24 4.41 11.34 -1.99
C ALA A 24 3.27 12.35 -2.14
N LYS A 25 3.63 13.60 -2.41
CA LYS A 25 2.64 14.66 -2.59
C LYS A 25 2.86 15.38 -3.91
N GLY A 26 2.02 16.39 -4.19
CA GLY A 26 2.14 17.15 -5.41
C GLY A 26 1.48 18.50 -5.29
N ALA A 27 0.83 18.94 -6.35
CA ALA A 27 0.14 20.22 -6.34
C ALA A 27 -1.37 20.02 -6.24
N GLY A 28 -2.02 20.86 -5.44
CA GLY A 28 -3.47 20.75 -5.26
C GLY A 28 -3.85 19.41 -4.64
N GLN A 29 -3.00 18.92 -3.74
CA GLN A 29 -3.23 17.64 -3.07
C GLN A 29 -3.18 17.80 -1.57
N ASP A 30 -4.35 17.79 -0.93
CA ASP A 30 -4.44 17.92 0.52
C ASP A 30 -4.46 16.54 1.19
N LYS A 31 -3.83 15.56 0.56
CA LYS A 31 -3.76 14.20 1.08
C LYS A 31 -2.34 13.63 0.91
N LEU A 32 -2.19 12.33 1.18
CA LEU A 32 -0.89 11.67 1.04
C LEU A 32 -1.08 10.19 0.71
N GLY A 33 -0.46 9.75 -0.39
CA GLY A 33 -0.57 8.37 -0.81
C GLY A 33 0.55 7.49 -0.27
N ILE A 34 0.24 6.20 -0.06
CA ILE A 34 1.23 5.25 0.46
C ILE A 34 1.73 4.34 -0.65
N TYR A 35 2.69 4.84 -1.43
CA TYR A 35 3.26 4.07 -2.54
C TYR A 35 4.14 2.93 -2.03
N VAL A 36 4.49 2.01 -2.92
CA VAL A 36 5.34 0.87 -2.56
C VAL A 36 6.74 1.03 -3.13
N LYS A 37 7.76 0.89 -2.27
CA LYS A 37 9.15 1.00 -2.69
C LYS A 37 9.70 -0.37 -3.10
N SER A 38 9.38 -1.39 -2.31
CA SER A 38 9.83 -2.75 -2.58
C SER A 38 8.98 -3.78 -1.83
N VAL A 39 9.19 -5.06 -2.11
CA VAL A 39 8.45 -6.13 -1.45
C VAL A 39 9.39 -7.26 -1.04
N VAL A 40 9.41 -7.57 0.26
CA VAL A 40 10.26 -8.62 0.77
C VAL A 40 9.74 -9.99 0.36
N LYS A 41 10.60 -10.78 -0.27
CA LYS A 41 10.23 -12.12 -0.73
C LYS A 41 9.94 -13.03 0.45
N GLY A 42 8.74 -13.62 0.45
CA GLY A 42 8.34 -14.50 1.54
C GLY A 42 7.01 -14.10 2.14
N GLY A 43 6.71 -12.79 2.14
CA GLY A 43 5.46 -12.31 2.68
C GLY A 43 4.26 -12.72 1.84
N ALA A 44 3.09 -12.74 2.48
CA ALA A 44 1.84 -13.12 1.81
C ALA A 44 1.65 -12.38 0.47
N ALA A 45 2.06 -11.11 0.44
CA ALA A 45 1.94 -10.31 -0.78
C ALA A 45 2.79 -10.88 -1.91
N ASP A 46 4.06 -11.15 -1.61
CA ASP A 46 4.99 -11.70 -2.60
C ASP A 46 4.55 -13.09 -3.05
N VAL A 47 4.10 -13.91 -2.09
CA VAL A 47 3.65 -15.27 -2.39
C VAL A 47 2.47 -15.27 -3.36
N ASP A 48 1.62 -14.23 -3.26
CA ASP A 48 0.46 -14.12 -4.12
C ASP A 48 0.86 -13.84 -5.58
N GLY A 49 1.63 -12.78 -5.78
CA GLY A 49 2.08 -12.45 -7.12
C GLY A 49 1.11 -11.52 -7.84
N ARG A 50 0.74 -10.41 -7.20
CA ARG A 50 -0.18 -9.44 -7.79
C ARG A 50 0.40 -8.03 -7.73
N LEU A 51 0.54 -7.49 -6.52
CA LEU A 51 1.09 -6.16 -6.32
C LEU A 51 2.58 -6.13 -6.62
N ALA A 52 3.13 -4.93 -6.85
CA ALA A 52 4.54 -4.76 -7.16
C ALA A 52 5.10 -3.48 -6.53
N ALA A 53 6.36 -3.18 -6.85
CA ALA A 53 7.01 -1.98 -6.32
C ALA A 53 6.74 -0.78 -7.22
N GLY A 54 6.13 0.26 -6.65
CA GLY A 54 5.82 1.47 -7.40
C GLY A 54 4.33 1.65 -7.65
N ASP A 55 3.51 1.18 -6.71
CA ASP A 55 2.06 1.31 -6.82
C ASP A 55 1.49 2.16 -5.70
N GLN A 56 0.53 3.03 -6.04
CA GLN A 56 -0.11 3.92 -5.07
C GLN A 56 -1.21 3.17 -4.30
N LEU A 57 -1.36 3.51 -3.02
CA LEU A 57 -2.38 2.87 -2.18
C LEU A 57 -3.65 3.72 -2.10
N LEU A 58 -4.71 3.14 -1.55
CA LEU A 58 -5.98 3.84 -1.40
C LEU A 58 -6.73 3.35 -0.16
N SER A 59 -7.03 2.05 -0.10
CA SER A 59 -7.75 1.47 1.03
C SER A 59 -7.02 0.25 1.60
N VAL A 60 -7.19 0.02 2.90
CA VAL A 60 -6.56 -1.10 3.60
C VAL A 60 -7.52 -1.69 4.63
N ASP A 61 -8.22 -2.76 4.26
CA ASP A 61 -9.17 -3.43 5.16
C ASP A 61 -10.19 -2.43 5.72
N GLY A 62 -10.67 -1.55 4.86
CA GLY A 62 -11.65 -0.54 5.28
C GLY A 62 -11.00 0.67 5.94
N ARG A 63 -9.74 0.94 5.60
CA ARG A 63 -9.02 2.09 6.14
C ARG A 63 -8.58 3.03 5.03
N SER A 64 -8.88 4.31 5.18
CA SER A 64 -8.52 5.31 4.18
C SER A 64 -7.14 5.87 4.45
N LEU A 65 -6.18 5.55 3.57
CA LEU A 65 -4.81 6.03 3.72
C LEU A 65 -4.56 7.23 2.79
N VAL A 66 -5.61 7.97 2.47
CA VAL A 66 -5.50 9.15 1.60
C VAL A 66 -5.66 10.43 2.40
N GLY A 67 -4.62 10.75 3.17
CA GLY A 67 -4.64 11.94 4.00
C GLY A 67 -3.84 11.74 5.29
N LEU A 68 -3.67 10.48 5.69
CA LEU A 68 -2.93 10.15 6.91
C LEU A 68 -1.43 10.15 6.65
N SER A 69 -0.66 10.29 7.73
CA SER A 69 0.80 10.28 7.64
C SER A 69 1.29 8.86 7.41
N GLN A 70 2.40 8.74 6.68
CA GLN A 70 2.98 7.42 6.38
C GLN A 70 2.99 6.52 7.62
N GLU A 71 3.32 7.10 8.78
CA GLU A 71 3.34 6.35 10.04
C GLU A 71 2.03 5.60 10.28
N ARG A 72 0.91 6.34 10.29
CA ARG A 72 -0.40 5.74 10.51
C ARG A 72 -0.71 4.72 9.42
N ALA A 73 -0.37 5.05 8.18
CA ALA A 73 -0.62 4.15 7.05
C ALA A 73 0.06 2.80 7.23
N ALA A 74 1.40 2.82 7.34
CA ALA A 74 2.16 1.58 7.52
C ALA A 74 1.82 0.90 8.84
N GLU A 75 1.58 1.70 9.88
CA GLU A 75 1.23 1.17 11.19
C GLU A 75 -0.15 0.52 11.19
N LEU A 76 -1.08 1.10 10.43
CA LEU A 76 -2.44 0.57 10.34
C LEU A 76 -2.48 -0.72 9.52
N MET A 77 -1.79 -0.72 8.39
CA MET A 77 -1.76 -1.90 7.51
C MET A 77 -1.19 -3.12 8.23
N THR A 78 -0.06 -2.94 8.92
CA THR A 78 0.55 -4.04 9.66
C THR A 78 -0.35 -4.51 10.79
N ARG A 79 -1.09 -3.56 11.39
CA ARG A 79 -2.00 -3.86 12.49
C ARG A 79 -3.37 -4.32 11.99
N THR A 80 -3.40 -5.29 11.06
CA THR A 80 -4.65 -5.81 10.52
C THR A 80 -4.98 -7.17 11.13
N SER A 81 -6.18 -7.68 10.83
CA SER A 81 -6.61 -8.99 11.33
C SER A 81 -5.99 -10.12 10.51
N SER A 82 -6.45 -11.35 10.73
CA SER A 82 -5.95 -12.50 10.00
C SER A 82 -6.02 -12.28 8.47
N VAL A 83 -7.12 -11.68 8.02
CA VAL A 83 -7.31 -11.41 6.60
C VAL A 83 -6.92 -9.97 6.25
N VAL A 84 -6.33 -9.80 5.07
CA VAL A 84 -5.90 -8.47 4.61
C VAL A 84 -6.62 -8.08 3.31
N THR A 85 -6.83 -6.77 3.13
CA THR A 85 -7.49 -6.26 1.93
C THR A 85 -6.88 -4.93 1.51
N LEU A 86 -5.80 -5.00 0.71
CA LEU A 86 -5.12 -3.80 0.23
C LEU A 86 -5.55 -3.45 -1.20
N GLU A 87 -5.71 -2.15 -1.45
CA GLU A 87 -6.11 -1.67 -2.78
C GLU A 87 -5.07 -0.71 -3.35
N VAL A 88 -4.35 -1.16 -4.38
CA VAL A 88 -3.34 -0.34 -5.01
C VAL A 88 -3.80 0.17 -6.38
N ALA A 89 -3.04 1.11 -6.95
CA ALA A 89 -3.35 1.68 -8.24
C ALA A 89 -2.18 1.57 -9.21
N LYS A 90 -2.47 1.21 -10.45
CA LYS A 90 -1.44 1.07 -11.48
C LYS A 90 -1.31 2.36 -12.29
N GLN A 91 -0.11 2.93 -12.28
CA GLN A 91 0.15 4.18 -13.01
C GLN A 91 1.65 4.36 -13.26
N GLY A 92 2.04 5.53 -13.77
CA GLY A 92 3.44 5.81 -14.04
C GLY A 92 3.62 7.02 -14.94
N ALA A 93 4.62 7.83 -14.61
CA ALA A 93 4.93 9.04 -15.38
C ALA A 93 6.44 9.19 -15.57
N LEU B 1 7.30 11.48 1.23
CA LEU B 1 8.71 10.97 1.26
C LEU B 1 8.91 9.98 2.40
N PHE B 2 10.14 9.47 2.53
CA PHE B 2 10.49 8.50 3.57
C PHE B 2 9.91 7.13 3.26
N SER B 3 10.65 6.08 3.61
CA SER B 3 10.21 4.71 3.35
C SER B 3 10.13 3.90 4.64
N THR B 4 9.03 3.16 4.79
CA THR B 4 8.80 2.32 5.97
C THR B 4 8.65 0.86 5.55
N GLU B 5 8.36 -0.01 6.52
CA GLU B 5 8.19 -1.43 6.22
C GLU B 5 6.97 -1.98 6.97
N VAL B 6 5.97 -2.44 6.21
CA VAL B 6 4.75 -3.00 6.76
C VAL B 6 4.66 -4.51 6.53
N MET A 1 -5.08 9.09 -20.59
CA MET A 1 -5.05 9.75 -19.25
C MET A 1 -6.46 10.15 -18.80
N LYS A 2 -7.14 9.23 -18.13
CA LYS A 2 -8.51 9.48 -17.64
C LYS A 2 -9.01 8.31 -16.80
N GLU A 3 -9.25 8.57 -15.51
CA GLU A 3 -9.74 7.54 -14.58
C GLU A 3 -8.69 6.46 -14.33
N PRO A 4 -8.08 6.43 -13.14
CA PRO A 4 -7.05 5.44 -12.78
C PRO A 4 -7.62 4.01 -12.69
N GLU A 5 -6.77 3.06 -12.27
CA GLU A 5 -7.18 1.66 -12.16
C GLU A 5 -6.84 1.11 -10.77
N ILE A 6 -7.85 1.04 -9.91
CA ILE A 6 -7.67 0.54 -8.55
C ILE A 6 -8.14 -0.91 -8.43
N ILE A 7 -7.38 -1.72 -7.68
CA ILE A 7 -7.71 -3.12 -7.48
C ILE A 7 -7.31 -3.59 -6.08
N THR A 8 -8.16 -4.39 -5.44
CA THR A 8 -7.89 -4.90 -4.11
C THR A 8 -7.59 -6.39 -4.14
N VAL A 9 -6.93 -6.89 -3.10
CA VAL A 9 -6.56 -8.30 -3.01
C VAL A 9 -6.72 -8.82 -1.58
N THR A 10 -7.37 -9.98 -1.46
CA THR A 10 -7.59 -10.61 -0.16
C THR A 10 -6.45 -11.56 0.18
N LEU A 11 -5.50 -11.06 0.97
CA LEU A 11 -4.34 -11.86 1.36
C LEU A 11 -4.39 -12.21 2.85
N LYS A 12 -3.51 -13.12 3.27
CA LYS A 12 -3.43 -13.55 4.67
C LYS A 12 -2.10 -13.10 5.29
N LYS A 13 -2.11 -12.93 6.62
CA LYS A 13 -0.91 -12.51 7.35
C LYS A 13 0.00 -13.70 7.63
N GLN A 14 1.07 -13.82 6.86
CA GLN A 14 2.04 -14.90 7.03
C GLN A 14 3.26 -14.40 7.79
N ASN A 15 3.13 -14.28 9.12
CA ASN A 15 4.22 -13.80 9.96
C ASN A 15 4.68 -12.41 9.53
N GLY A 16 3.73 -11.57 9.11
CA GLY A 16 4.06 -10.22 8.66
C GLY A 16 3.98 -10.09 7.14
N MET A 17 3.61 -8.91 6.65
CA MET A 17 3.49 -8.67 5.22
C MET A 17 4.85 -8.76 4.54
N GLY A 18 5.73 -7.80 4.82
CA GLY A 18 7.06 -7.81 4.23
C GLY A 18 7.15 -6.98 2.96
N LEU A 19 7.08 -5.66 3.11
CA LEU A 19 7.17 -4.74 1.97
C LEU A 19 7.53 -3.33 2.45
N SER A 20 7.70 -2.40 1.51
CA SER A 20 8.07 -1.02 1.84
C SER A 20 7.23 0.00 1.07
N ILE A 21 6.86 1.10 1.74
CA ILE A 21 6.07 2.15 1.10
C ILE A 21 6.65 3.55 1.34
N VAL A 22 6.20 4.51 0.53
CA VAL A 22 6.66 5.90 0.64
C VAL A 22 5.51 6.88 0.38
N ALA A 23 5.37 7.86 1.26
CA ALA A 23 4.32 8.87 1.12
C ALA A 23 4.89 10.15 0.51
N ALA A 24 4.37 10.53 -0.66
CA ALA A 24 4.81 11.73 -1.36
C ALA A 24 3.68 12.73 -1.57
N LYS A 25 3.95 13.99 -1.24
CA LYS A 25 2.96 15.06 -1.39
C LYS A 25 3.40 16.07 -2.44
N GLY A 26 2.58 17.10 -2.66
CA GLY A 26 2.90 18.12 -3.65
C GLY A 26 1.95 19.29 -3.55
N ALA A 27 1.56 19.83 -4.70
CA ALA A 27 0.65 20.96 -4.73
C ALA A 27 -0.73 20.51 -5.20
N GLY A 28 -1.77 21.24 -4.77
CA GLY A 28 -3.13 20.88 -5.14
C GLY A 28 -3.49 19.47 -4.69
N GLN A 29 -2.97 19.09 -3.52
CA GLN A 29 -3.21 17.76 -2.97
C GLN A 29 -3.58 17.84 -1.50
N ASP A 30 -4.83 17.59 -1.18
CA ASP A 30 -5.31 17.62 0.20
C ASP A 30 -5.19 16.25 0.87
N LYS A 31 -4.42 15.35 0.25
CA LYS A 31 -4.21 14.01 0.76
C LYS A 31 -2.79 13.53 0.46
N LEU A 32 -2.51 12.26 0.71
CA LEU A 32 -1.19 11.69 0.46
C LEU A 32 -1.28 10.25 0.01
N GLY A 33 -0.51 9.90 -1.03
CA GLY A 33 -0.53 8.55 -1.56
C GLY A 33 0.59 7.69 -1.00
N ILE A 34 0.22 6.52 -0.48
CA ILE A 34 1.20 5.59 0.08
C ILE A 34 1.75 4.67 -1.00
N TYR A 35 2.69 5.20 -1.79
CA TYR A 35 3.30 4.44 -2.89
C TYR A 35 4.18 3.31 -2.36
N VAL A 36 4.41 2.30 -3.20
CA VAL A 36 5.25 1.16 -2.82
C VAL A 36 6.68 1.34 -3.29
N LYS A 37 7.63 1.03 -2.39
CA LYS A 37 9.05 1.15 -2.70
C LYS A 37 9.60 -0.18 -3.22
N SER A 38 9.28 -1.27 -2.52
CA SER A 38 9.73 -2.61 -2.91
C SER A 38 9.17 -3.67 -1.97
N VAL A 39 8.60 -4.73 -2.55
CA VAL A 39 8.03 -5.82 -1.77
C VAL A 39 9.12 -6.80 -1.34
N VAL A 40 9.11 -7.16 -0.06
CA VAL A 40 10.10 -8.09 0.48
C VAL A 40 9.71 -9.54 0.19
N LYS A 41 10.70 -10.36 -0.18
CA LYS A 41 10.47 -11.77 -0.49
C LYS A 41 9.94 -12.53 0.73
N GLY A 42 9.06 -13.49 0.47
CA GLY A 42 8.49 -14.29 1.55
C GLY A 42 7.12 -13.79 1.97
N GLY A 43 6.84 -12.50 1.76
CA GLY A 43 5.57 -11.92 2.12
C GLY A 43 4.41 -12.46 1.29
N ALA A 44 3.23 -12.50 1.90
CA ALA A 44 2.02 -12.98 1.22
C ALA A 44 1.75 -12.22 -0.07
N ALA A 45 2.03 -10.92 -0.07
CA ALA A 45 1.82 -10.09 -1.26
C ALA A 45 2.68 -10.58 -2.43
N ASP A 46 3.92 -10.97 -2.13
CA ASP A 46 4.83 -11.46 -3.14
C ASP A 46 4.46 -12.88 -3.58
N VAL A 47 4.06 -13.71 -2.62
CA VAL A 47 3.68 -15.09 -2.90
C VAL A 47 2.43 -15.16 -3.79
N ASP A 48 1.50 -14.23 -3.58
CA ASP A 48 0.27 -14.18 -4.36
C ASP A 48 0.54 -13.62 -5.76
N GLY A 49 1.41 -12.62 -5.85
CA GLY A 49 1.74 -12.02 -7.14
C GLY A 49 0.60 -11.17 -7.69
N ARG A 50 0.29 -10.08 -6.97
CA ARG A 50 -0.79 -9.18 -7.38
C ARG A 50 -0.28 -7.74 -7.53
N LEU A 51 0.43 -7.26 -6.51
CA LEU A 51 0.98 -5.90 -6.51
C LEU A 51 2.48 -5.90 -6.80
N ALA A 52 3.02 -4.72 -7.13
CA ALA A 52 4.44 -4.58 -7.43
C ALA A 52 5.00 -3.28 -6.87
N ALA A 53 6.31 -3.08 -7.06
CA ALA A 53 6.97 -1.86 -6.59
C ALA A 53 6.65 -0.67 -7.47
N GLY A 54 6.45 0.49 -6.85
CA GLY A 54 6.13 1.70 -7.60
C GLY A 54 4.65 1.85 -7.88
N ASP A 55 3.81 1.29 -7.00
CA ASP A 55 2.36 1.37 -7.15
C ASP A 55 1.76 2.27 -6.07
N GLN A 56 0.59 2.84 -6.36
CA GLN A 56 -0.09 3.72 -5.41
C GLN A 56 -1.14 2.95 -4.61
N LEU A 57 -1.30 3.32 -3.34
CA LEU A 57 -2.29 2.67 -2.47
C LEU A 57 -3.51 3.57 -2.27
N LEU A 58 -4.56 3.00 -1.69
CA LEU A 58 -5.80 3.73 -1.43
C LEU A 58 -6.50 3.22 -0.17
N SER A 59 -6.82 1.93 -0.15
CA SER A 59 -7.49 1.31 0.98
C SER A 59 -6.72 0.09 1.49
N VAL A 60 -6.74 -0.10 2.81
CA VAL A 60 -6.05 -1.23 3.43
C VAL A 60 -6.94 -1.88 4.48
N ASP A 61 -7.37 -3.11 4.21
CA ASP A 61 -8.24 -3.83 5.13
C ASP A 61 -9.54 -3.06 5.37
N GLY A 62 -10.06 -2.44 4.31
CA GLY A 62 -11.28 -1.67 4.41
C GLY A 62 -11.08 -0.30 5.05
N ARG A 63 -9.82 0.07 5.34
CA ARG A 63 -9.52 1.37 5.94
C ARG A 63 -9.07 2.37 4.89
N SER A 64 -9.49 3.62 5.05
CA SER A 64 -9.13 4.67 4.11
C SER A 64 -7.91 5.45 4.62
N LEU A 65 -6.77 5.25 3.96
CA LEU A 65 -5.54 5.95 4.34
C LEU A 65 -5.29 7.15 3.42
N VAL A 66 -6.37 7.78 2.94
CA VAL A 66 -6.27 8.93 2.06
C VAL A 66 -6.22 10.23 2.87
N GLY A 67 -5.01 10.75 3.04
CA GLY A 67 -4.82 11.98 3.79
C GLY A 67 -4.11 11.74 5.11
N LEU A 68 -3.21 10.76 5.14
CA LEU A 68 -2.46 10.43 6.33
C LEU A 68 -0.97 10.35 6.03
N SER A 69 -0.15 10.44 7.08
CA SER A 69 1.30 10.36 6.92
C SER A 69 1.71 8.90 6.75
N GLN A 70 2.85 8.66 6.10
CA GLN A 70 3.33 7.29 5.88
C GLN A 70 3.39 6.53 7.21
N GLU A 71 3.75 7.23 8.29
CA GLU A 71 3.83 6.60 9.61
C GLU A 71 2.50 5.94 9.96
N ARG A 72 1.41 6.70 9.86
CA ARG A 72 0.08 6.18 10.16
C ARG A 72 -0.29 5.07 9.18
N ALA A 73 0.04 5.27 7.90
CA ALA A 73 -0.27 4.28 6.87
C ALA A 73 0.42 2.94 7.16
N ALA A 74 1.76 2.96 7.24
CA ALA A 74 2.53 1.76 7.53
C ALA A 74 2.08 1.08 8.83
N GLU A 75 1.67 1.90 9.81
CA GLU A 75 1.22 1.37 11.10
C GLU A 75 -0.16 0.71 10.98
N LEU A 76 -1.07 1.39 10.29
CA LEU A 76 -2.43 0.87 10.11
C LEU A 76 -2.44 -0.39 9.22
N MET A 77 -1.52 -0.45 8.26
CA MET A 77 -1.43 -1.59 7.35
C MET A 77 -0.85 -2.82 8.06
N THR A 78 0.26 -2.64 8.76
CA THR A 78 0.90 -3.75 9.48
C THR A 78 -0.02 -4.28 10.58
N ARG A 79 -0.78 -3.38 11.20
CA ARG A 79 -1.71 -3.76 12.28
C ARG A 79 -3.04 -4.27 11.71
N THR A 80 -2.98 -5.19 10.75
CA THR A 80 -4.18 -5.76 10.15
C THR A 80 -4.55 -7.08 10.84
N SER A 81 -5.59 -7.75 10.33
CA SER A 81 -6.03 -9.02 10.88
C SER A 81 -5.58 -10.18 9.97
N SER A 82 -6.18 -11.36 10.17
CA SER A 82 -5.85 -12.53 9.34
C SER A 82 -6.07 -12.23 7.86
N VAL A 83 -7.05 -11.37 7.57
CA VAL A 83 -7.37 -11.00 6.20
C VAL A 83 -6.97 -9.55 5.94
N VAL A 84 -6.59 -9.26 4.70
CA VAL A 84 -6.17 -7.91 4.32
C VAL A 84 -6.59 -7.59 2.88
N THR A 85 -7.06 -6.37 2.67
CA THR A 85 -7.50 -5.93 1.35
C THR A 85 -6.76 -4.66 0.93
N LEU A 86 -5.68 -4.84 0.16
CA LEU A 86 -4.88 -3.71 -0.30
C LEU A 86 -5.37 -3.20 -1.65
N GLU A 87 -6.06 -2.07 -1.64
CA GLU A 87 -6.59 -1.46 -2.86
C GLU A 87 -5.49 -0.70 -3.59
N VAL A 88 -4.68 -1.43 -4.37
CA VAL A 88 -3.59 -0.83 -5.12
C VAL A 88 -4.07 -0.26 -6.45
N ALA A 89 -3.48 0.89 -6.84
CA ALA A 89 -3.85 1.55 -8.09
C ALA A 89 -2.67 1.56 -9.06
N LYS A 90 -2.85 0.92 -10.21
CA LYS A 90 -1.80 0.86 -11.24
C LYS A 90 -1.62 2.21 -11.91
N GLN A 91 -0.39 2.51 -12.33
CA GLN A 91 -0.08 3.78 -13.00
C GLN A 91 0.87 3.58 -14.18
N GLY A 92 1.03 4.64 -14.98
CA GLY A 92 1.92 4.58 -16.13
C GLY A 92 3.31 5.09 -15.84
N ALA A 93 3.50 5.58 -14.65
CA ALA A 93 4.78 6.11 -14.20
C ALA A 93 4.86 6.16 -12.68
N LEU B 1 11.56 9.25 7.73
CA LEU B 1 10.12 8.88 7.85
C LEU B 1 9.66 7.99 6.69
N PHE B 2 9.77 8.51 5.46
CA PHE B 2 9.36 7.76 4.27
C PHE B 2 10.20 6.49 4.09
N SER B 3 9.78 5.64 3.14
CA SER B 3 10.47 4.38 2.85
C SER B 3 10.65 3.53 4.10
N THR B 4 9.54 2.99 4.61
CA THR B 4 9.56 2.15 5.80
C THR B 4 9.23 0.69 5.42
N GLU B 5 8.90 -0.13 6.42
CA GLU B 5 8.56 -1.52 6.18
C GLU B 5 7.27 -1.91 6.90
N VAL B 6 6.32 -2.48 6.14
CA VAL B 6 5.04 -2.89 6.69
C VAL B 6 4.77 -4.37 6.40
N MET A 1 -4.21 10.34 -19.11
CA MET A 1 -5.22 9.44 -18.51
C MET A 1 -5.80 10.02 -17.22
N LYS A 2 -7.10 10.32 -17.24
CA LYS A 2 -7.77 10.88 -16.07
C LYS A 2 -8.59 9.83 -15.34
N GLU A 3 -8.20 8.56 -15.48
CA GLU A 3 -8.90 7.46 -14.81
C GLU A 3 -7.96 6.27 -14.58
N PRO A 4 -7.27 6.26 -13.41
CA PRO A 4 -6.32 5.19 -13.06
C PRO A 4 -7.00 3.83 -12.93
N GLU A 5 -6.25 2.83 -12.43
CA GLU A 5 -6.77 1.48 -12.26
C GLU A 5 -6.79 1.08 -10.78
N ILE A 6 -7.87 1.43 -10.11
CA ILE A 6 -8.05 1.11 -8.70
C ILE A 6 -8.59 -0.31 -8.53
N ILE A 7 -7.90 -1.13 -7.74
CA ILE A 7 -8.31 -2.51 -7.50
C ILE A 7 -8.09 -2.90 -6.05
N THR A 8 -9.06 -3.61 -5.47
CA THR A 8 -8.97 -4.05 -4.08
C THR A 8 -8.67 -5.55 -4.00
N VAL A 9 -7.48 -5.89 -3.51
CA VAL A 9 -7.07 -7.28 -3.38
C VAL A 9 -7.23 -7.77 -1.94
N THR A 10 -7.46 -9.07 -1.80
CA THR A 10 -7.63 -9.68 -0.47
C THR A 10 -6.70 -10.88 -0.30
N LEU A 11 -5.82 -10.80 0.70
CA LEU A 11 -4.87 -11.88 0.97
C LEU A 11 -4.83 -12.21 2.47
N LYS A 12 -4.30 -13.38 2.81
CA LYS A 12 -4.20 -13.81 4.19
C LYS A 12 -2.75 -13.81 4.66
N LYS A 13 -2.53 -13.33 5.90
CA LYS A 13 -1.18 -13.27 6.47
C LYS A 13 -0.61 -14.67 6.66
N GLN A 14 0.54 -14.91 6.03
CA GLN A 14 1.22 -16.21 6.13
C GLN A 14 2.25 -16.19 7.26
N ASN A 15 3.12 -15.17 7.23
CA ASN A 15 4.17 -15.02 8.23
C ASN A 15 4.76 -13.59 8.18
N GLY A 16 3.90 -12.60 8.02
CA GLY A 16 4.35 -11.22 7.95
C GLY A 16 4.33 -10.68 6.52
N MET A 17 4.05 -9.39 6.38
CA MET A 17 4.01 -8.75 5.07
C MET A 17 5.40 -8.69 4.44
N GLY A 18 6.28 -7.88 5.02
CA GLY A 18 7.64 -7.76 4.50
C GLY A 18 7.70 -6.98 3.19
N LEU A 19 7.64 -5.65 3.31
CA LEU A 19 7.70 -4.77 2.13
C LEU A 19 8.08 -3.35 2.54
N SER A 20 8.19 -2.45 1.56
CA SER A 20 8.57 -1.06 1.82
C SER A 20 7.59 -0.08 1.18
N ILE A 21 7.30 1.01 1.88
CA ILE A 21 6.37 2.04 1.37
C ILE A 21 6.89 3.45 1.65
N VAL A 22 6.44 4.40 0.83
CA VAL A 22 6.85 5.80 0.97
C VAL A 22 5.68 6.74 0.64
N ALA A 23 5.50 7.76 1.49
CA ALA A 23 4.43 8.74 1.29
C ALA A 23 4.94 9.95 0.51
N ALA A 24 4.07 10.54 -0.30
CA ALA A 24 4.46 11.71 -1.10
C ALA A 24 3.27 12.64 -1.36
N LYS A 25 3.58 13.90 -1.66
CA LYS A 25 2.55 14.91 -1.93
C LYS A 25 2.68 15.46 -3.36
N GLY A 26 1.79 16.37 -3.73
CA GLY A 26 1.82 16.95 -5.06
C GLY A 26 1.02 18.22 -5.15
N ALA A 27 0.37 18.44 -6.28
CA ALA A 27 -0.44 19.63 -6.47
C ALA A 27 -1.93 19.28 -6.50
N GLY A 28 -2.77 20.22 -6.06
CA GLY A 28 -4.20 19.97 -6.02
C GLY A 28 -4.54 18.78 -5.15
N GLN A 29 -3.69 18.54 -4.14
CA GLN A 29 -3.86 17.42 -3.24
C GLN A 29 -3.37 17.79 -1.83
N ASP A 30 -4.31 17.99 -0.92
CA ASP A 30 -4.00 18.35 0.45
C ASP A 30 -4.02 17.11 1.36
N LYS A 31 -3.52 16.00 0.84
CA LYS A 31 -3.46 14.75 1.59
C LYS A 31 -2.11 14.05 1.37
N LEU A 32 -2.05 12.75 1.62
CA LEU A 32 -0.82 11.99 1.44
C LEU A 32 -1.12 10.56 0.99
N GLY A 33 -0.49 10.14 -0.11
CA GLY A 33 -0.72 8.81 -0.63
C GLY A 33 0.46 7.88 -0.38
N ILE A 34 0.16 6.62 -0.09
CA ILE A 34 1.20 5.61 0.16
C ILE A 34 1.65 4.98 -1.15
N TYR A 35 2.97 4.85 -1.30
CA TYR A 35 3.57 4.27 -2.50
C TYR A 35 4.50 3.12 -2.15
N VAL A 36 4.51 2.09 -3.00
CA VAL A 36 5.37 0.92 -2.78
C VAL A 36 6.79 1.19 -3.24
N LYS A 37 7.75 0.89 -2.36
CA LYS A 37 9.17 1.09 -2.67
C LYS A 37 9.85 -0.22 -3.07
N SER A 38 9.51 -1.31 -2.37
CA SER A 38 10.09 -2.62 -2.65
C SER A 38 9.52 -3.69 -1.72
N VAL A 39 9.03 -4.79 -2.30
CA VAL A 39 8.47 -5.87 -1.51
C VAL A 39 9.54 -6.90 -1.16
N VAL A 40 9.57 -7.31 0.11
CA VAL A 40 10.54 -8.29 0.57
C VAL A 40 10.18 -9.69 0.07
N LYS A 41 11.18 -10.38 -0.49
CA LYS A 41 10.98 -11.73 -1.01
C LYS A 41 10.56 -12.69 0.09
N GLY A 42 9.33 -13.21 -0.03
CA GLY A 42 8.82 -14.15 0.97
C GLY A 42 7.43 -13.79 1.45
N GLY A 43 7.11 -12.48 1.44
CA GLY A 43 5.80 -12.04 1.88
C GLY A 43 4.68 -12.54 0.98
N ALA A 44 3.49 -12.71 1.56
CA ALA A 44 2.32 -13.19 0.82
C ALA A 44 2.03 -12.32 -0.41
N ALA A 45 2.26 -11.01 -0.27
CA ALA A 45 2.02 -10.08 -1.38
C ALA A 45 2.97 -10.36 -2.54
N ASP A 46 4.21 -10.74 -2.21
CA ASP A 46 5.21 -11.03 -3.23
C ASP A 46 4.97 -12.39 -3.88
N VAL A 47 4.70 -13.40 -3.06
CA VAL A 47 4.45 -14.75 -3.56
C VAL A 47 3.24 -14.79 -4.50
N ASP A 48 2.21 -14.01 -4.15
CA ASP A 48 1.00 -13.96 -4.97
C ASP A 48 1.23 -13.16 -6.26
N GLY A 49 1.95 -12.05 -6.14
CA GLY A 49 2.24 -11.22 -7.31
C GLY A 49 1.12 -10.23 -7.60
N ARG A 50 0.45 -9.74 -6.57
CA ARG A 50 -0.63 -8.77 -6.74
C ARG A 50 -0.07 -7.35 -6.86
N LEU A 51 0.72 -6.96 -5.87
CA LEU A 51 1.32 -5.63 -5.85
C LEU A 51 2.85 -5.72 -5.97
N ALA A 52 3.47 -4.68 -6.52
CA ALA A 52 4.91 -4.63 -6.69
C ALA A 52 5.45 -3.23 -6.44
N ALA A 53 6.78 -3.10 -6.47
CA ALA A 53 7.43 -1.80 -6.26
C ALA A 53 7.01 -0.79 -7.33
N GLY A 54 6.46 0.34 -6.89
CA GLY A 54 6.03 1.37 -7.81
C GLY A 54 4.52 1.44 -7.96
N ASP A 55 3.80 1.27 -6.85
CA ASP A 55 2.35 1.32 -6.85
C ASP A 55 1.83 2.15 -5.68
N GLN A 56 0.76 2.92 -5.92
CA GLN A 56 0.17 3.75 -4.87
C GLN A 56 -0.97 3.01 -4.16
N LEU A 57 -1.20 3.37 -2.91
CA LEU A 57 -2.26 2.75 -2.11
C LEU A 57 -3.48 3.65 -2.04
N LEU A 58 -4.57 3.12 -1.47
CA LEU A 58 -5.82 3.88 -1.35
C LEU A 58 -6.61 3.44 -0.11
N SER A 59 -6.87 2.13 -0.01
CA SER A 59 -7.63 1.59 1.10
C SER A 59 -6.97 0.33 1.67
N VAL A 60 -7.00 0.21 3.01
CA VAL A 60 -6.42 -0.93 3.69
C VAL A 60 -7.42 -1.54 4.67
N ASP A 61 -7.75 -2.81 4.45
CA ASP A 61 -8.70 -3.53 5.31
C ASP A 61 -10.05 -2.80 5.37
N GLY A 62 -10.43 -2.18 4.24
CA GLY A 62 -11.70 -1.45 4.18
C GLY A 62 -11.64 -0.10 4.87
N ARG A 63 -10.50 0.57 4.78
CA ARG A 63 -10.32 1.89 5.39
C ARG A 63 -9.79 2.89 4.38
N SER A 64 -9.68 4.16 4.79
CA SER A 64 -9.19 5.22 3.91
C SER A 64 -7.96 5.89 4.50
N LEU A 65 -6.85 5.86 3.75
CA LEU A 65 -5.60 6.47 4.21
C LEU A 65 -5.32 7.77 3.45
N VAL A 66 -6.37 8.45 3.01
CA VAL A 66 -6.22 9.71 2.28
C VAL A 66 -6.15 10.89 3.23
N GLY A 67 -4.93 11.35 3.48
CA GLY A 67 -4.71 12.47 4.38
C GLY A 67 -4.08 12.05 5.69
N LEU A 68 -3.32 10.95 5.67
CA LEU A 68 -2.65 10.43 6.84
C LEU A 68 -1.13 10.42 6.66
N SER A 69 -0.41 10.27 7.77
CA SER A 69 1.04 10.23 7.72
C SER A 69 1.52 8.82 7.39
N GLN A 70 2.69 8.74 6.78
CA GLN A 70 3.28 7.45 6.41
C GLN A 70 3.31 6.49 7.60
N GLU A 71 3.45 7.04 8.81
CA GLU A 71 3.47 6.23 10.03
C GLU A 71 2.14 5.54 10.25
N ARG A 72 1.06 6.32 10.20
CA ARG A 72 -0.28 5.79 10.39
C ARG A 72 -0.64 4.79 9.29
N ALA A 73 -0.25 5.11 8.06
CA ALA A 73 -0.52 4.23 6.92
C ALA A 73 0.08 2.84 7.12
N ALA A 74 1.39 2.77 7.28
CA ALA A 74 2.09 1.49 7.49
C ALA A 74 1.60 0.83 8.78
N GLU A 75 1.49 1.61 9.84
CA GLU A 75 1.03 1.10 11.14
C GLU A 75 -0.37 0.49 11.01
N LEU A 76 -1.23 1.14 10.23
CA LEU A 76 -2.60 0.65 10.03
C LEU A 76 -2.61 -0.65 9.23
N MET A 77 -1.67 -0.78 8.28
CA MET A 77 -1.58 -1.98 7.45
C MET A 77 -0.95 -3.15 8.20
N THR A 78 0.10 -2.87 8.97
CA THR A 78 0.76 -3.93 9.74
C THR A 78 -0.12 -4.40 10.90
N ARG A 79 -0.84 -3.46 11.51
CA ARG A 79 -1.73 -3.78 12.63
C ARG A 79 -3.14 -4.14 12.14
N THR A 80 -3.23 -5.13 11.25
CA THR A 80 -4.53 -5.56 10.71
C THR A 80 -4.90 -6.96 11.21
N SER A 81 -6.08 -7.43 10.79
CA SER A 81 -6.56 -8.75 11.19
C SER A 81 -5.86 -9.85 10.39
N SER A 82 -6.27 -11.09 10.59
CA SER A 82 -5.69 -12.23 9.88
C SER A 82 -5.70 -12.00 8.36
N VAL A 83 -6.78 -11.42 7.86
CA VAL A 83 -6.92 -11.13 6.43
C VAL A 83 -6.55 -9.68 6.13
N VAL A 84 -5.99 -9.45 4.93
CA VAL A 84 -5.59 -8.12 4.51
C VAL A 84 -6.30 -7.71 3.22
N THR A 85 -6.82 -6.48 3.19
CA THR A 85 -7.52 -5.98 2.02
C THR A 85 -6.89 -4.68 1.53
N LEU A 86 -5.85 -4.81 0.70
CA LEU A 86 -5.16 -3.64 0.15
C LEU A 86 -5.74 -3.23 -1.20
N GLU A 87 -5.86 -1.92 -1.40
CA GLU A 87 -6.42 -1.38 -2.64
C GLU A 87 -5.43 -0.38 -3.26
N VAL A 88 -4.67 -0.86 -4.25
CA VAL A 88 -3.69 0.00 -4.93
C VAL A 88 -4.16 0.42 -6.32
N ALA A 89 -3.40 1.32 -6.94
CA ALA A 89 -3.72 1.80 -8.27
C ALA A 89 -2.73 1.26 -9.31
N LYS A 90 -3.21 0.32 -10.12
CA LYS A 90 -2.37 -0.29 -11.16
C LYS A 90 -1.96 0.76 -12.20
N GLN A 91 -0.70 1.19 -12.12
CA GLN A 91 -0.18 2.20 -13.04
C GLN A 91 1.21 1.82 -13.55
N GLY A 92 1.60 2.39 -14.69
CA GLY A 92 2.91 2.11 -15.26
C GLY A 92 3.94 3.18 -14.98
N ALA A 93 3.52 4.18 -14.23
CA ALA A 93 4.38 5.30 -13.87
C ALA A 93 4.60 5.34 -12.35
N LEU B 1 8.76 10.83 1.10
CA LEU B 1 9.74 11.50 2.00
C LEU B 1 10.48 10.49 2.89
N PHE B 2 9.81 9.41 3.27
CA PHE B 2 10.41 8.38 4.12
C PHE B 2 10.01 6.98 3.64
N SER B 3 10.78 5.96 4.03
CA SER B 3 10.49 4.59 3.66
C SER B 3 10.48 3.68 4.88
N THR B 4 9.33 3.06 5.15
CA THR B 4 9.19 2.16 6.30
C THR B 4 9.01 0.71 5.84
N GLU B 5 8.55 -0.15 6.74
CA GLU B 5 8.33 -1.56 6.41
C GLU B 5 7.10 -2.10 7.11
N VAL B 6 6.08 -2.45 6.32
CA VAL B 6 4.84 -2.98 6.87
C VAL B 6 4.76 -4.50 6.69
N MET A 1 -10.66 12.91 -13.98
CA MET A 1 -11.40 12.05 -14.93
C MET A 1 -10.60 10.81 -15.32
N LYS A 2 -11.26 9.85 -15.98
CA LYS A 2 -10.62 8.61 -16.40
C LYS A 2 -10.13 7.79 -15.20
N GLU A 3 -11.00 6.94 -14.67
CA GLU A 3 -10.68 6.09 -13.53
C GLU A 3 -9.66 5.02 -13.90
N PRO A 4 -8.46 5.06 -13.29
CA PRO A 4 -7.39 4.09 -13.56
C PRO A 4 -7.77 2.66 -13.17
N GLU A 5 -6.76 1.79 -13.06
CA GLU A 5 -6.99 0.39 -12.70
C GLU A 5 -6.68 0.15 -11.22
N ILE A 6 -7.68 0.40 -10.39
CA ILE A 6 -7.55 0.21 -8.95
C ILE A 6 -8.09 -1.15 -8.52
N ILE A 7 -7.26 -1.91 -7.79
CA ILE A 7 -7.66 -3.24 -7.33
C ILE A 7 -7.12 -3.51 -5.92
N THR A 8 -7.77 -4.41 -5.20
CA THR A 8 -7.35 -4.75 -3.85
C THR A 8 -6.96 -6.22 -3.74
N VAL A 9 -5.77 -6.46 -3.19
CA VAL A 9 -5.27 -7.82 -3.02
C VAL A 9 -5.74 -8.41 -1.69
N THR A 10 -6.88 -9.09 -1.73
CA THR A 10 -7.45 -9.69 -0.53
C THR A 10 -6.80 -11.04 -0.23
N LEU A 11 -5.93 -11.06 0.78
CA LEU A 11 -5.21 -12.28 1.18
C LEU A 11 -5.14 -12.40 2.71
N LYS A 12 -4.55 -13.50 3.18
CA LYS A 12 -4.41 -13.73 4.62
C LYS A 12 -2.98 -13.46 5.07
N LYS A 13 -2.81 -13.09 6.34
CA LYS A 13 -1.49 -12.80 6.88
C LYS A 13 -0.59 -14.03 6.85
N GLN A 14 0.29 -14.08 5.86
CA GLN A 14 1.22 -15.20 5.71
C GLN A 14 2.59 -14.84 6.29
N ASN A 15 2.72 -14.93 7.61
CA ASN A 15 3.98 -14.61 8.30
C ASN A 15 4.43 -13.18 7.97
N GLY A 16 3.46 -12.28 7.83
CA GLY A 16 3.77 -10.89 7.53
C GLY A 16 3.60 -10.55 6.06
N MET A 17 3.47 -9.27 5.76
CA MET A 17 3.30 -8.81 4.38
C MET A 17 4.63 -8.83 3.63
N GLY A 18 5.71 -8.45 4.31
CA GLY A 18 7.02 -8.43 3.70
C GLY A 18 7.12 -7.46 2.54
N LEU A 19 7.09 -6.16 2.83
CA LEU A 19 7.19 -5.13 1.81
C LEU A 19 7.60 -3.78 2.42
N SER A 20 7.78 -2.78 1.56
CA SER A 20 8.19 -1.45 2.00
C SER A 20 7.34 -0.38 1.32
N ILE A 21 6.78 0.53 2.10
CA ILE A 21 5.95 1.61 1.56
C ILE A 21 6.49 2.98 1.94
N VAL A 22 6.19 3.98 1.10
CA VAL A 22 6.66 5.35 1.33
C VAL A 22 5.60 6.37 0.93
N ALA A 23 5.55 7.50 1.65
CA ALA A 23 4.58 8.56 1.37
C ALA A 23 5.26 9.77 0.73
N ALA A 24 4.52 10.47 -0.14
CA ALA A 24 5.05 11.64 -0.82
C ALA A 24 3.95 12.66 -1.14
N LYS A 25 4.33 13.92 -1.27
CA LYS A 25 3.38 15.00 -1.58
C LYS A 25 3.76 15.69 -2.90
N GLY A 26 2.97 16.68 -3.30
CA GLY A 26 3.24 17.40 -4.54
C GLY A 26 2.49 18.70 -4.60
N ALA A 27 2.03 19.07 -5.79
CA ALA A 27 1.28 20.31 -5.96
C ALA A 27 -0.20 20.02 -6.19
N GLY A 28 -1.06 20.91 -5.70
CA GLY A 28 -2.49 20.72 -5.83
C GLY A 28 -2.95 19.41 -5.20
N GLN A 29 -2.21 18.97 -4.18
CA GLN A 29 -2.51 17.73 -3.48
C GLN A 29 -2.11 17.83 -2.02
N ASP A 30 -3.12 17.97 -1.14
CA ASP A 30 -2.87 18.09 0.29
C ASP A 30 -3.02 16.73 0.98
N LYS A 31 -2.75 15.66 0.26
CA LYS A 31 -2.84 14.31 0.81
C LYS A 31 -1.48 13.60 0.70
N LEU A 32 -1.47 12.28 0.88
CA LEU A 32 -0.23 11.51 0.81
C LEU A 32 -0.49 10.13 0.21
N GLY A 33 0.24 9.82 -0.86
CA GLY A 33 0.08 8.54 -1.52
C GLY A 33 0.98 7.47 -0.94
N ILE A 34 0.38 6.40 -0.41
CA ILE A 34 1.14 5.30 0.18
C ILE A 34 1.68 4.37 -0.90
N TYR A 35 2.71 4.81 -1.61
CA TYR A 35 3.33 4.03 -2.67
C TYR A 35 4.11 2.84 -2.12
N VAL A 36 4.50 1.93 -3.00
CA VAL A 36 5.26 0.74 -2.62
C VAL A 36 6.72 0.85 -3.07
N LYS A 37 7.62 1.04 -2.10
CA LYS A 37 9.05 1.16 -2.39
C LYS A 37 9.60 -0.15 -2.97
N SER A 38 9.23 -1.27 -2.33
CA SER A 38 9.68 -2.59 -2.78
C SER A 38 9.05 -3.70 -1.93
N VAL A 39 8.95 -4.90 -2.49
CA VAL A 39 8.37 -6.03 -1.77
C VAL A 39 9.47 -6.97 -1.28
N VAL A 40 9.38 -7.35 0.00
CA VAL A 40 10.36 -8.25 0.60
C VAL A 40 10.07 -9.71 0.22
N LYS A 41 11.12 -10.41 -0.20
CA LYS A 41 10.99 -11.81 -0.60
C LYS A 41 10.51 -12.67 0.57
N GLY A 42 9.45 -13.44 0.33
CA GLY A 42 8.90 -14.29 1.37
C GLY A 42 7.57 -13.78 1.90
N GLY A 43 7.30 -12.49 1.72
CA GLY A 43 6.06 -11.91 2.19
C GLY A 43 4.84 -12.48 1.49
N ALA A 44 3.68 -12.38 2.15
CA ALA A 44 2.41 -12.88 1.60
C ALA A 44 2.08 -12.24 0.25
N ALA A 45 2.36 -10.95 0.12
CA ALA A 45 2.09 -10.23 -1.13
C ALA A 45 3.10 -10.57 -2.21
N ASP A 46 4.36 -10.77 -1.81
CA ASP A 46 5.42 -11.09 -2.76
C ASP A 46 5.18 -12.44 -3.43
N VAL A 47 4.80 -13.43 -2.63
CA VAL A 47 4.53 -14.78 -3.14
C VAL A 47 3.37 -14.78 -4.15
N ASP A 48 2.38 -13.91 -3.92
CA ASP A 48 1.22 -13.82 -4.81
C ASP A 48 1.61 -13.25 -6.17
N GLY A 49 2.25 -12.08 -6.16
CA GLY A 49 2.67 -11.45 -7.41
C GLY A 49 1.58 -10.60 -8.04
N ARG A 50 0.71 -10.01 -7.21
CA ARG A 50 -0.38 -9.16 -7.70
C ARG A 50 0.13 -7.76 -7.97
N LEU A 51 0.92 -7.22 -7.04
CA LEU A 51 1.48 -5.87 -7.17
C LEU A 51 3.01 -5.93 -7.29
N ALA A 52 3.62 -4.76 -7.44
CA ALA A 52 5.07 -4.66 -7.58
C ALA A 52 5.60 -3.33 -7.04
N ALA A 53 6.92 -3.18 -7.04
CA ALA A 53 7.55 -1.96 -6.56
C ALA A 53 7.28 -0.80 -7.51
N GLY A 54 6.87 0.34 -6.96
CA GLY A 54 6.58 1.51 -7.78
C GLY A 54 5.09 1.64 -8.08
N ASP A 55 4.25 1.15 -7.17
CA ASP A 55 2.81 1.22 -7.34
C ASP A 55 2.19 2.20 -6.33
N GLN A 56 0.89 2.44 -6.46
CA GLN A 56 0.18 3.36 -5.57
C GLN A 56 -0.92 2.64 -4.77
N LEU A 57 -1.12 3.06 -3.52
CA LEU A 57 -2.13 2.46 -2.66
C LEU A 57 -3.25 3.46 -2.36
N LEU A 58 -4.49 2.96 -2.34
CA LEU A 58 -5.66 3.79 -2.05
C LEU A 58 -6.16 3.56 -0.63
N SER A 59 -6.51 2.31 -0.32
CA SER A 59 -7.01 1.96 1.01
C SER A 59 -6.40 0.67 1.52
N VAL A 60 -6.39 0.50 2.84
CA VAL A 60 -5.84 -0.70 3.47
C VAL A 60 -6.83 -1.29 4.45
N ASP A 61 -7.18 -2.56 4.24
CA ASP A 61 -8.14 -3.25 5.11
C ASP A 61 -9.55 -2.66 4.97
N GLY A 62 -9.76 -1.81 3.96
CA GLY A 62 -11.07 -1.21 3.75
C GLY A 62 -11.20 0.19 4.35
N ARG A 63 -10.07 0.84 4.64
CA ARG A 63 -10.10 2.19 5.22
C ARG A 63 -9.28 3.16 4.37
N SER A 64 -9.77 4.39 4.26
CA SER A 64 -9.09 5.43 3.48
C SER A 64 -7.86 5.95 4.21
N LEU A 65 -6.73 5.98 3.52
CA LEU A 65 -5.48 6.47 4.10
C LEU A 65 -4.78 7.44 3.15
N VAL A 66 -5.56 8.18 2.36
CA VAL A 66 -5.02 9.15 1.42
C VAL A 66 -5.21 10.57 1.94
N GLY A 67 -4.28 10.98 2.79
CA GLY A 67 -4.34 12.31 3.38
C GLY A 67 -3.55 12.41 4.67
N LEU A 68 -3.45 11.29 5.39
CA LEU A 68 -2.71 11.24 6.66
C LEU A 68 -1.24 10.92 6.43
N SER A 69 -0.42 11.11 7.47
CA SER A 69 1.01 10.81 7.37
C SER A 69 1.23 9.30 7.31
N GLN A 70 2.38 8.88 6.80
CA GLN A 70 2.71 7.46 6.68
C GLN A 70 2.58 6.77 8.04
N GLU A 71 2.80 7.50 9.12
CA GLU A 71 2.72 6.95 10.47
C GLU A 71 1.31 6.40 10.75
N ARG A 72 0.29 7.07 10.23
CA ARG A 72 -1.09 6.65 10.44
C ARG A 72 -1.44 5.47 9.51
N ALA A 73 -1.00 5.57 8.26
CA ALA A 73 -1.28 4.53 7.27
C ALA A 73 -0.43 3.28 7.53
N ALA A 74 0.88 3.45 7.68
CA ALA A 74 1.78 2.34 7.93
C ALA A 74 1.42 1.60 9.22
N GLU A 75 1.17 2.35 10.29
CA GLU A 75 0.80 1.76 11.56
C GLU A 75 -0.45 0.88 11.41
N LEU A 76 -1.45 1.42 10.71
CA LEU A 76 -2.70 0.68 10.49
C LEU A 76 -2.46 -0.55 9.61
N MET A 77 -1.53 -0.45 8.67
CA MET A 77 -1.23 -1.56 7.76
C MET A 77 -0.74 -2.79 8.53
N THR A 78 0.33 -2.62 9.31
CA THR A 78 0.86 -3.73 10.11
C THR A 78 -0.17 -4.20 11.13
N ARG A 79 -0.89 -3.26 11.71
CA ARG A 79 -1.92 -3.56 12.71
C ARG A 79 -3.27 -3.91 12.04
N THR A 80 -3.24 -4.86 11.10
CA THR A 80 -4.46 -5.29 10.41
C THR A 80 -5.01 -6.58 11.02
N SER A 81 -6.15 -7.03 10.51
CA SER A 81 -6.80 -8.25 10.99
C SER A 81 -6.17 -9.47 10.31
N SER A 82 -6.74 -10.64 10.56
CA SER A 82 -6.25 -11.88 9.95
C SER A 82 -6.18 -11.78 8.43
N VAL A 83 -7.12 -11.02 7.84
CA VAL A 83 -7.16 -10.84 6.39
C VAL A 83 -6.71 -9.43 6.01
N VAL A 84 -6.01 -9.33 4.87
CA VAL A 84 -5.51 -8.05 4.39
C VAL A 84 -6.23 -7.62 3.10
N THR A 85 -6.43 -6.32 2.93
CA THR A 85 -7.09 -5.78 1.75
C THR A 85 -6.48 -4.45 1.32
N LEU A 86 -5.35 -4.52 0.59
CA LEU A 86 -4.67 -3.32 0.12
C LEU A 86 -5.09 -2.96 -1.31
N GLU A 87 -5.79 -1.83 -1.45
CA GLU A 87 -6.25 -1.36 -2.76
C GLU A 87 -5.13 -0.66 -3.50
N VAL A 88 -4.39 -1.42 -4.31
CA VAL A 88 -3.28 -0.87 -5.09
C VAL A 88 -3.71 -0.56 -6.53
N ALA A 89 -3.30 0.60 -7.02
CA ALA A 89 -3.63 1.02 -8.38
C ALA A 89 -2.49 0.74 -9.35
N LYS A 90 -2.86 0.39 -10.59
CA LYS A 90 -1.86 0.10 -11.63
C LYS A 90 -1.62 1.31 -12.52
N GLN A 91 -0.38 1.76 -12.59
CA GLN A 91 0.00 2.91 -13.41
C GLN A 91 1.50 2.95 -13.64
N GLY A 92 1.98 4.02 -14.29
CA GLY A 92 3.39 4.17 -14.55
C GLY A 92 3.68 5.13 -15.70
N ALA A 93 4.71 5.94 -15.53
CA ALA A 93 5.12 6.90 -16.55
C ALA A 93 5.95 6.24 -17.65
N LEU B 1 5.63 10.38 6.30
CA LEU B 1 6.46 10.61 5.09
C LEU B 1 7.83 9.92 5.20
N PHE B 2 7.81 8.61 5.46
CA PHE B 2 9.03 7.83 5.60
C PHE B 2 8.89 6.46 4.93
N SER B 3 9.97 5.68 4.95
CA SER B 3 9.97 4.34 4.35
C SER B 3 9.84 3.27 5.43
N THR B 4 8.66 2.67 5.55
CA THR B 4 8.43 1.63 6.55
C THR B 4 8.87 0.26 6.02
N GLU B 5 8.20 -0.80 6.49
CA GLU B 5 8.52 -2.15 6.04
C GLU B 5 7.47 -3.12 6.55
N VAL B 6 6.23 -2.72 6.34
CA VAL B 6 5.08 -3.50 6.79
C VAL B 6 5.09 -4.92 6.20
N MET A 1 -7.03 10.68 -23.12
CA MET A 1 -7.31 10.86 -21.66
C MET A 1 -7.08 9.55 -20.91
N LYS A 2 -5.81 9.29 -20.57
CA LYS A 2 -5.44 8.07 -19.83
C LYS A 2 -5.65 8.27 -18.34
N GLU A 3 -6.36 7.33 -17.72
CA GLU A 3 -6.64 7.39 -16.28
C GLU A 3 -6.18 6.12 -15.58
N PRO A 4 -5.79 6.21 -14.30
CA PRO A 4 -5.34 5.06 -13.51
C PRO A 4 -6.46 4.07 -13.21
N GLU A 5 -6.10 2.92 -12.64
CA GLU A 5 -7.07 1.88 -12.31
C GLU A 5 -6.83 1.37 -10.89
N ILE A 6 -7.64 1.87 -9.97
CA ILE A 6 -7.55 1.47 -8.57
C ILE A 6 -8.40 0.22 -8.30
N ILE A 7 -7.84 -0.73 -7.55
CA ILE A 7 -8.54 -1.97 -7.23
C ILE A 7 -8.24 -2.43 -5.81
N THR A 8 -9.24 -3.04 -5.17
CA THR A 8 -9.09 -3.55 -3.80
C THR A 8 -9.01 -5.07 -3.80
N VAL A 9 -7.95 -5.60 -3.17
CA VAL A 9 -7.76 -7.04 -3.07
C VAL A 9 -7.76 -7.51 -1.63
N THR A 10 -7.92 -8.82 -1.43
CA THR A 10 -7.94 -9.40 -0.09
C THR A 10 -6.92 -10.54 0.01
N LEU A 11 -5.88 -10.33 0.82
CA LEU A 11 -4.83 -11.32 1.01
C LEU A 11 -4.66 -11.66 2.49
N LYS A 12 -4.38 -12.93 2.79
CA LYS A 12 -4.19 -13.37 4.16
C LYS A 12 -2.71 -13.38 4.55
N LYS A 13 -2.43 -13.27 5.84
CA LYS A 13 -1.06 -13.26 6.35
C LYS A 13 -0.51 -14.68 6.44
N GLN A 14 0.67 -14.89 5.83
CA GLN A 14 1.31 -16.20 5.84
C GLN A 14 2.34 -16.28 6.98
N ASN A 15 3.25 -15.30 7.00
CA ASN A 15 4.28 -15.23 8.03
C ASN A 15 4.92 -13.84 8.06
N GLY A 16 4.08 -12.81 7.99
CA GLY A 16 4.56 -11.43 7.99
C GLY A 16 4.45 -10.78 6.63
N MET A 17 4.28 -9.46 6.61
CA MET A 17 4.17 -8.71 5.36
C MET A 17 5.53 -8.59 4.67
N GLY A 18 6.42 -7.78 5.25
CA GLY A 18 7.74 -7.60 4.69
C GLY A 18 7.72 -6.78 3.41
N LEU A 19 7.59 -5.46 3.56
CA LEU A 19 7.57 -4.55 2.41
C LEU A 19 7.88 -3.11 2.85
N SER A 20 7.93 -2.20 1.87
CA SER A 20 8.21 -0.79 2.15
C SER A 20 7.20 0.12 1.48
N ILE A 21 7.03 1.33 2.03
CA ILE A 21 6.09 2.30 1.48
C ILE A 21 6.62 3.73 1.62
N VAL A 22 6.00 4.66 0.88
CA VAL A 22 6.41 6.06 0.90
C VAL A 22 5.21 7.00 0.84
N ALA A 23 5.27 8.07 1.65
CA ALA A 23 4.20 9.07 1.69
C ALA A 23 4.47 10.15 0.64
N ALA A 24 3.85 9.99 -0.54
CA ALA A 24 4.05 10.94 -1.63
C ALA A 24 2.97 12.02 -1.65
N LYS A 25 3.37 13.23 -2.06
CA LYS A 25 2.47 14.36 -2.14
C LYS A 25 2.62 15.08 -3.49
N GLY A 26 1.84 16.15 -3.67
CA GLY A 26 1.91 16.91 -4.90
C GLY A 26 1.00 18.11 -4.88
N ALA A 27 0.39 18.40 -6.02
CA ALA A 27 -0.53 19.54 -6.11
C ALA A 27 -1.98 19.05 -6.15
N GLY A 28 -2.89 19.86 -5.61
CA GLY A 28 -4.29 19.49 -5.58
C GLY A 28 -4.52 18.22 -4.77
N GLN A 29 -3.67 18.00 -3.76
CA GLN A 29 -3.75 16.83 -2.91
C GLN A 29 -3.77 17.21 -1.44
N ASP A 30 -4.95 17.15 -0.83
CA ASP A 30 -5.09 17.49 0.59
C ASP A 30 -4.91 16.25 1.48
N LYS A 31 -4.23 15.24 0.95
CA LYS A 31 -3.98 14.01 1.68
C LYS A 31 -2.56 13.50 1.42
N LEU A 32 -2.30 12.23 1.75
CA LEU A 32 -0.99 11.62 1.55
C LEU A 32 -1.14 10.19 1.06
N GLY A 33 -0.66 9.91 -0.16
CA GLY A 33 -0.74 8.58 -0.72
C GLY A 33 0.38 7.68 -0.23
N ILE A 34 0.01 6.46 0.17
CA ILE A 34 0.99 5.49 0.66
C ILE A 34 1.48 4.60 -0.48
N TYR A 35 2.53 5.05 -1.16
CA TYR A 35 3.10 4.30 -2.28
C TYR A 35 4.05 3.21 -1.78
N VAL A 36 4.53 2.37 -2.69
CA VAL A 36 5.44 1.27 -2.33
C VAL A 36 6.88 1.60 -2.73
N LYS A 37 7.81 1.31 -1.82
CA LYS A 37 9.24 1.57 -2.07
C LYS A 37 9.94 0.29 -2.53
N SER A 38 9.65 -0.83 -1.86
CA SER A 38 10.25 -2.11 -2.20
C SER A 38 9.68 -3.24 -1.34
N VAL A 39 8.86 -4.10 -1.95
CA VAL A 39 8.26 -5.21 -1.23
C VAL A 39 9.22 -6.39 -1.12
N VAL A 40 9.28 -7.01 0.05
CA VAL A 40 10.17 -8.15 0.27
C VAL A 40 9.61 -9.43 -0.34
N LYS A 41 10.45 -10.15 -1.07
CA LYS A 41 10.04 -11.40 -1.72
C LYS A 41 9.73 -12.47 -0.67
N GLY A 42 8.84 -13.39 -1.02
CA GLY A 42 8.47 -14.46 -0.11
C GLY A 42 7.17 -14.16 0.64
N GLY A 43 6.88 -12.88 0.85
CA GLY A 43 5.67 -12.49 1.54
C GLY A 43 4.42 -12.78 0.72
N ALA A 44 3.28 -12.91 1.40
CA ALA A 44 2.00 -13.20 0.74
C ALA A 44 1.75 -12.26 -0.45
N ALA A 45 2.09 -10.98 -0.28
CA ALA A 45 1.90 -10.00 -1.34
C ALA A 45 2.62 -10.41 -2.62
N ASP A 46 3.80 -11.01 -2.47
CA ASP A 46 4.58 -11.46 -3.62
C ASP A 46 4.16 -12.86 -4.08
N VAL A 47 3.89 -13.73 -3.12
CA VAL A 47 3.48 -15.10 -3.42
C VAL A 47 2.10 -15.15 -4.09
N ASP A 48 1.18 -14.28 -3.66
CA ASP A 48 -0.16 -14.24 -4.23
C ASP A 48 -0.14 -13.73 -5.67
N GLY A 49 0.64 -12.68 -5.91
CA GLY A 49 0.74 -12.11 -7.25
C GLY A 49 -0.42 -11.20 -7.58
N ARG A 50 -0.40 -9.99 -7.03
CA ARG A 50 -1.45 -9.01 -7.28
C ARG A 50 -0.85 -7.62 -7.55
N LEU A 51 0.03 -7.18 -6.66
CA LEU A 51 0.69 -5.87 -6.81
C LEU A 51 2.20 -6.01 -6.82
N ALA A 52 2.90 -4.88 -7.00
CA ALA A 52 4.36 -4.86 -7.04
C ALA A 52 4.91 -3.54 -6.51
N ALA A 53 6.24 -3.37 -6.62
CA ALA A 53 6.90 -2.16 -6.15
C ALA A 53 6.57 -0.96 -7.05
N GLY A 54 6.60 0.24 -6.47
CA GLY A 54 6.28 1.43 -7.23
C GLY A 54 4.79 1.60 -7.46
N ASP A 55 3.98 1.04 -6.57
CA ASP A 55 2.54 1.11 -6.67
C ASP A 55 1.96 2.07 -5.63
N GLN A 56 0.68 2.41 -5.77
CA GLN A 56 0.01 3.30 -4.83
C GLN A 56 -0.83 2.50 -3.83
N LEU A 57 -1.27 3.17 -2.76
CA LEU A 57 -2.08 2.52 -1.72
C LEU A 57 -2.92 3.55 -0.97
N LEU A 58 -4.21 3.26 -0.83
CA LEU A 58 -5.12 4.16 -0.13
C LEU A 58 -5.98 3.41 0.90
N SER A 59 -6.52 2.25 0.52
CA SER A 59 -7.36 1.47 1.42
C SER A 59 -6.56 0.37 2.13
N VAL A 60 -6.89 0.14 3.39
CA VAL A 60 -6.23 -0.88 4.20
C VAL A 60 -7.22 -1.56 5.14
N ASP A 61 -7.32 -2.88 5.01
CA ASP A 61 -8.23 -3.68 5.85
C ASP A 61 -9.67 -3.16 5.74
N GLY A 62 -10.05 -2.70 4.56
CA GLY A 62 -11.39 -2.18 4.35
C GLY A 62 -11.59 -0.79 4.93
N ARG A 63 -10.48 -0.04 5.07
CA ARG A 63 -10.55 1.31 5.61
C ARG A 63 -9.89 2.30 4.65
N SER A 64 -9.80 3.57 5.05
CA SER A 64 -9.20 4.60 4.21
C SER A 64 -8.05 5.30 4.95
N LEU A 65 -6.84 5.16 4.41
CA LEU A 65 -5.67 5.78 5.02
C LEU A 65 -5.13 6.91 4.14
N VAL A 66 -6.03 7.57 3.42
CA VAL A 66 -5.65 8.68 2.55
C VAL A 66 -5.71 9.99 3.31
N GLY A 67 -4.53 10.46 3.71
CA GLY A 67 -4.43 11.71 4.45
C GLY A 67 -3.84 11.51 5.83
N LEU A 68 -2.79 10.69 5.91
CA LEU A 68 -2.11 10.41 7.18
C LEU A 68 -0.66 10.89 7.14
N SER A 69 0.07 10.67 8.24
CA SER A 69 1.46 11.07 8.34
C SER A 69 2.41 9.92 7.98
N GLN A 70 1.88 8.93 7.28
CA GLN A 70 2.65 7.75 6.86
C GLN A 70 2.81 6.75 8.00
N GLU A 71 3.36 7.22 9.13
CA GLU A 71 3.56 6.35 10.30
C GLU A 71 2.27 5.65 10.69
N ARG A 72 1.16 6.39 10.69
CA ARG A 72 -0.14 5.84 11.04
C ARG A 72 -0.61 4.81 10.00
N ALA A 73 -0.23 5.03 8.74
CA ALA A 73 -0.61 4.11 7.66
C ALA A 73 0.07 2.76 7.82
N ALA A 74 1.40 2.75 7.76
CA ALA A 74 2.18 1.52 7.91
C ALA A 74 1.86 0.83 9.23
N GLU A 75 1.74 1.62 10.30
CA GLU A 75 1.43 1.09 11.63
C GLU A 75 0.06 0.39 11.63
N LEU A 76 -0.87 0.90 10.81
CA LEU A 76 -2.20 0.30 10.73
C LEU A 76 -2.18 -0.97 9.88
N MET A 77 -1.53 -0.90 8.73
CA MET A 77 -1.43 -2.05 7.82
C MET A 77 -0.80 -3.26 8.53
N THR A 78 0.25 -3.01 9.32
CA THR A 78 0.92 -4.08 10.05
C THR A 78 0.05 -4.56 11.22
N ARG A 79 -0.72 -3.65 11.80
CA ARG A 79 -1.60 -3.97 12.93
C ARG A 79 -2.97 -4.47 12.43
N THR A 80 -2.96 -5.42 11.50
CA THR A 80 -4.21 -5.97 10.96
C THR A 80 -4.35 -7.45 11.32
N SER A 81 -5.53 -8.02 11.06
CA SER A 81 -5.81 -9.43 11.35
C SER A 81 -5.25 -10.33 10.24
N SER A 82 -5.60 -11.62 10.30
CA SER A 82 -5.12 -12.58 9.29
C SER A 82 -5.46 -12.09 7.89
N VAL A 83 -6.71 -11.69 7.67
CA VAL A 83 -7.15 -11.19 6.38
C VAL A 83 -6.84 -9.70 6.22
N VAL A 84 -6.17 -9.34 5.13
CA VAL A 84 -5.81 -7.97 4.85
C VAL A 84 -6.38 -7.49 3.52
N THR A 85 -6.83 -6.23 3.48
CA THR A 85 -7.40 -5.67 2.26
C THR A 85 -6.59 -4.45 1.80
N LEU A 86 -5.83 -4.62 0.73
CA LEU A 86 -5.01 -3.53 0.18
C LEU A 86 -5.57 -3.05 -1.17
N GLU A 87 -5.68 -1.73 -1.32
CA GLU A 87 -6.18 -1.14 -2.55
C GLU A 87 -5.10 -0.31 -3.25
N VAL A 88 -4.55 -0.86 -4.34
CA VAL A 88 -3.51 -0.18 -5.10
C VAL A 88 -4.05 0.40 -6.40
N ALA A 89 -3.19 1.14 -7.11
CA ALA A 89 -3.55 1.74 -8.39
C ALA A 89 -2.60 1.30 -9.49
N LYS A 90 -3.14 1.10 -10.69
CA LYS A 90 -2.36 0.67 -11.84
C LYS A 90 -1.71 1.88 -12.52
N GLN A 91 -0.45 2.12 -12.20
CA GLN A 91 0.30 3.25 -12.75
C GLN A 91 1.76 2.88 -13.01
N GLY A 92 2.57 3.87 -13.38
CA GLY A 92 3.97 3.64 -13.64
C GLY A 92 4.54 4.62 -14.64
N ALA A 93 5.77 5.06 -14.39
CA ALA A 93 6.46 6.01 -15.26
C ALA A 93 5.73 7.37 -15.32
N LEU B 1 11.06 12.25 -0.24
CA LEU B 1 12.12 11.48 0.45
C LEU B 1 11.59 10.74 1.69
N PHE B 2 10.42 10.10 1.53
CA PHE B 2 9.80 9.35 2.63
C PHE B 2 10.06 7.86 2.48
N SER B 3 9.86 7.10 3.57
CA SER B 3 10.07 5.65 3.55
C SER B 3 9.50 4.99 4.80
N THR B 4 8.95 3.79 4.63
CA THR B 4 8.37 3.03 5.74
C THR B 4 8.42 1.54 5.44
N GLU B 5 8.04 0.73 6.44
CA GLU B 5 8.02 -0.72 6.29
C GLU B 5 6.89 -1.34 7.10
N VAL B 6 6.08 -2.18 6.45
CA VAL B 6 4.96 -2.84 7.10
C VAL B 6 5.00 -4.35 6.89
N MET A 1 -5.20 12.79 -16.99
CA MET A 1 -4.49 12.05 -18.09
C MET A 1 -5.27 10.81 -18.50
N LYS A 2 -5.32 9.81 -17.62
CA LYS A 2 -6.03 8.56 -17.90
C LYS A 2 -6.38 7.85 -16.59
N GLU A 3 -7.62 7.38 -16.48
CA GLU A 3 -8.07 6.68 -15.28
C GLU A 3 -7.23 5.44 -15.01
N PRO A 4 -6.44 5.43 -13.91
CA PRO A 4 -5.57 4.31 -13.55
C PRO A 4 -6.35 3.04 -13.19
N GLU A 5 -5.65 2.06 -12.62
CA GLU A 5 -6.28 0.80 -12.24
C GLU A 5 -6.26 0.62 -10.73
N ILE A 6 -7.39 0.92 -10.10
CA ILE A 6 -7.53 0.80 -8.65
C ILE A 6 -8.34 -0.44 -8.28
N ILE A 7 -7.70 -1.37 -7.58
CA ILE A 7 -8.37 -2.61 -7.16
C ILE A 7 -7.92 -3.05 -5.77
N THR A 8 -8.81 -3.71 -5.04
CA THR A 8 -8.51 -4.20 -3.70
C THR A 8 -8.44 -5.72 -3.67
N VAL A 9 -7.28 -6.24 -3.27
CA VAL A 9 -7.08 -7.69 -3.18
C VAL A 9 -7.30 -8.19 -1.76
N THR A 10 -7.35 -9.52 -1.60
CA THR A 10 -7.56 -10.13 -0.29
C THR A 10 -6.70 -11.38 -0.12
N LEU A 11 -5.75 -11.33 0.81
CA LEU A 11 -4.84 -12.45 1.07
C LEU A 11 -4.69 -12.69 2.56
N LYS A 12 -4.17 -13.88 2.92
CA LYS A 12 -3.97 -14.24 4.32
C LYS A 12 -2.53 -13.95 4.75
N LYS A 13 -2.37 -13.52 6.01
CA LYS A 13 -1.05 -13.20 6.54
C LYS A 13 -0.39 -14.45 7.14
N GLN A 14 0.60 -15.00 6.43
CA GLN A 14 1.31 -16.18 6.91
C GLN A 14 2.18 -15.85 8.11
N ASN A 15 3.10 -14.90 7.94
CA ASN A 15 3.99 -14.46 9.02
C ASN A 15 4.47 -13.03 8.78
N GLY A 16 3.58 -12.19 8.23
CA GLY A 16 3.92 -10.81 7.96
C GLY A 16 3.80 -10.46 6.48
N MET A 17 3.43 -9.22 6.18
CA MET A 17 3.28 -8.77 4.81
C MET A 17 4.61 -8.84 4.05
N GLY A 18 5.65 -8.24 4.64
CA GLY A 18 6.97 -8.27 4.02
C GLY A 18 7.08 -7.32 2.84
N LEU A 19 6.94 -6.02 3.11
CA LEU A 19 7.03 -5.00 2.07
C LEU A 19 7.33 -3.63 2.68
N SER A 20 7.45 -2.60 1.82
CA SER A 20 7.74 -1.25 2.29
C SER A 20 6.89 -0.22 1.54
N ILE A 21 6.60 0.92 2.19
CA ILE A 21 5.81 1.98 1.56
C ILE A 21 6.41 3.36 1.77
N VAL A 22 6.08 4.30 0.88
CA VAL A 22 6.57 5.67 0.94
C VAL A 22 5.46 6.68 0.65
N ALA A 23 5.38 7.72 1.47
CA ALA A 23 4.37 8.76 1.30
C ALA A 23 4.87 9.85 0.34
N ALA A 24 4.06 10.16 -0.68
CA ALA A 24 4.43 11.18 -1.66
C ALA A 24 3.26 12.12 -1.96
N LYS A 25 3.58 13.40 -2.17
CA LYS A 25 2.57 14.40 -2.47
C LYS A 25 2.82 15.05 -3.83
N GLY A 26 1.96 16.00 -4.21
CA GLY A 26 2.09 16.69 -5.48
C GLY A 26 1.23 17.92 -5.54
N ALA A 27 0.62 18.16 -6.70
CA ALA A 27 -0.24 19.32 -6.88
C ALA A 27 -1.70 18.89 -6.98
N GLY A 28 -2.61 19.76 -6.55
CA GLY A 28 -4.04 19.45 -6.59
C GLY A 28 -4.35 18.22 -5.76
N GLN A 29 -3.68 18.08 -4.62
CA GLN A 29 -3.86 16.94 -3.73
C GLN A 29 -4.02 17.41 -2.28
N ASP A 30 -5.23 17.31 -1.77
CA ASP A 30 -5.51 17.71 -0.38
C ASP A 30 -5.34 16.53 0.58
N LYS A 31 -4.62 15.51 0.14
CA LYS A 31 -4.37 14.32 0.96
C LYS A 31 -2.97 13.77 0.69
N LEU A 32 -2.68 12.57 1.20
CA LEU A 32 -1.38 11.94 1.01
C LEU A 32 -1.54 10.50 0.51
N GLY A 33 -0.64 10.09 -0.39
CA GLY A 33 -0.70 8.75 -0.93
C GLY A 33 0.42 7.85 -0.42
N ILE A 34 0.06 6.67 0.08
CA ILE A 34 1.03 5.72 0.60
C ILE A 34 1.45 4.75 -0.50
N TYR A 35 2.53 5.11 -1.20
CA TYR A 35 3.04 4.29 -2.30
C TYR A 35 3.90 3.13 -1.78
N VAL A 36 4.21 2.18 -2.67
CA VAL A 36 5.02 1.03 -2.29
C VAL A 36 6.49 1.26 -2.62
N LYS A 37 7.34 1.06 -1.63
CA LYS A 37 8.79 1.23 -1.79
C LYS A 37 9.40 0.01 -2.45
N SER A 38 9.08 -1.18 -1.94
CA SER A 38 9.61 -2.43 -2.47
C SER A 38 9.05 -3.63 -1.71
N VAL A 39 8.20 -4.42 -2.37
CA VAL A 39 7.61 -5.61 -1.75
C VAL A 39 8.64 -6.72 -1.62
N VAL A 40 8.76 -7.28 -0.42
CA VAL A 40 9.72 -8.35 -0.16
C VAL A 40 9.20 -9.69 -0.68
N LYS A 41 10.11 -10.49 -1.24
CA LYS A 41 9.76 -11.80 -1.77
C LYS A 41 9.46 -12.78 -0.65
N GLY A 42 8.60 -13.77 -0.94
CA GLY A 42 8.24 -14.77 0.05
C GLY A 42 6.93 -14.46 0.74
N GLY A 43 6.68 -13.17 1.01
CA GLY A 43 5.45 -12.77 1.66
C GLY A 43 4.22 -13.12 0.84
N ALA A 44 3.09 -13.34 1.51
CA ALA A 44 1.82 -13.69 0.85
C ALA A 44 1.49 -12.70 -0.27
N ALA A 45 1.80 -11.42 -0.05
CA ALA A 45 1.53 -10.38 -1.06
C ALA A 45 2.38 -10.58 -2.30
N ASP A 46 3.62 -11.02 -2.10
CA ASP A 46 4.55 -11.25 -3.21
C ASP A 46 4.23 -12.56 -3.93
N VAL A 47 3.90 -13.60 -3.16
CA VAL A 47 3.59 -14.91 -3.73
C VAL A 47 2.42 -14.84 -4.72
N ASP A 48 1.46 -13.94 -4.44
CA ASP A 48 0.30 -13.78 -5.30
C ASP A 48 0.70 -13.17 -6.65
N GLY A 49 1.35 -12.02 -6.60
CA GLY A 49 1.78 -11.35 -7.81
C GLY A 49 0.72 -10.41 -8.37
N ARG A 50 -0.08 -9.80 -7.48
CA ARG A 50 -1.13 -8.88 -7.90
C ARG A 50 -0.59 -7.46 -8.02
N LEU A 51 0.22 -7.05 -7.02
CA LEU A 51 0.81 -5.72 -7.00
C LEU A 51 2.33 -5.80 -7.08
N ALA A 52 2.99 -4.63 -7.04
CA ALA A 52 4.44 -4.56 -7.10
C ALA A 52 4.97 -3.25 -6.51
N ALA A 53 6.29 -3.07 -6.57
CA ALA A 53 6.92 -1.86 -6.04
C ALA A 53 6.63 -0.66 -6.94
N GLY A 54 6.73 0.55 -6.37
CA GLY A 54 6.48 1.76 -7.13
C GLY A 54 5.01 1.95 -7.47
N ASP A 55 4.13 1.39 -6.62
CA ASP A 55 2.68 1.52 -6.83
C ASP A 55 2.06 2.43 -5.78
N GLN A 56 0.78 2.75 -5.93
CA GLN A 56 0.08 3.61 -4.99
C GLN A 56 -0.94 2.81 -4.18
N LEU A 57 -1.16 3.22 -2.93
CA LEU A 57 -2.11 2.53 -2.05
C LEU A 57 -3.27 3.46 -1.67
N LEU A 58 -4.47 2.88 -1.60
CA LEU A 58 -5.67 3.63 -1.26
C LEU A 58 -6.14 3.31 0.16
N SER A 59 -6.39 2.03 0.43
CA SER A 59 -6.86 1.60 1.75
C SER A 59 -6.34 0.21 2.12
N VAL A 60 -6.30 -0.05 3.43
CA VAL A 60 -5.83 -1.34 3.95
C VAL A 60 -6.79 -1.86 5.01
N ASP A 61 -7.34 -3.06 4.77
CA ASP A 61 -8.29 -3.68 5.71
C ASP A 61 -9.53 -2.80 5.92
N GLY A 62 -9.96 -2.11 4.86
CA GLY A 62 -11.13 -1.26 4.95
C GLY A 62 -10.89 0.00 5.77
N ARG A 63 -9.64 0.46 5.83
CA ARG A 63 -9.29 1.66 6.58
C ARG A 63 -9.23 2.87 5.66
N SER A 64 -8.89 4.03 6.23
CA SER A 64 -8.78 5.27 5.45
C SER A 64 -7.38 5.85 5.54
N LEU A 65 -6.59 5.67 4.48
CA LEU A 65 -5.22 6.20 4.44
C LEU A 65 -5.11 7.38 3.49
N VAL A 66 -6.21 8.13 3.34
CA VAL A 66 -6.23 9.30 2.46
C VAL A 66 -6.33 10.59 3.28
N GLY A 67 -5.20 11.25 3.45
CA GLY A 67 -5.15 12.49 4.21
C GLY A 67 -4.45 12.34 5.55
N LEU A 68 -3.48 11.42 5.60
CA LEU A 68 -2.71 11.16 6.82
C LEU A 68 -1.23 11.10 6.50
N SER A 69 -0.41 10.88 7.53
CA SER A 69 1.03 10.78 7.35
C SER A 69 1.45 9.32 7.20
N GLN A 70 2.70 9.12 6.81
CA GLN A 70 3.26 7.78 6.62
C GLN A 70 3.26 6.99 7.93
N GLU A 71 3.20 7.68 9.07
CA GLU A 71 3.20 7.03 10.38
C GLU A 71 1.83 6.46 10.71
N ARG A 72 0.78 7.19 10.33
CA ARG A 72 -0.59 6.78 10.58
C ARG A 72 -0.96 5.54 9.77
N ALA A 73 -0.82 5.65 8.45
CA ALA A 73 -1.13 4.54 7.54
C ALA A 73 -0.26 3.32 7.82
N ALA A 74 1.05 3.55 7.98
CA ALA A 74 1.99 2.47 8.25
C ALA A 74 1.60 1.68 9.49
N GLU A 75 1.43 2.38 10.62
CA GLU A 75 1.05 1.75 11.87
C GLU A 75 -0.23 0.93 11.71
N LEU A 76 -1.16 1.43 10.88
CA LEU A 76 -2.42 0.75 10.64
C LEU A 76 -2.21 -0.51 9.78
N MET A 77 -1.34 -0.41 8.79
CA MET A 77 -1.06 -1.54 7.90
C MET A 77 -0.41 -2.69 8.65
N THR A 78 0.70 -2.41 9.33
CA THR A 78 1.40 -3.43 10.11
C THR A 78 0.46 -4.05 11.16
N ARG A 79 -0.41 -3.21 11.71
CA ARG A 79 -1.37 -3.65 12.73
C ARG A 79 -2.63 -4.26 12.08
N THR A 80 -2.43 -5.22 11.18
CA THR A 80 -3.56 -5.87 10.51
C THR A 80 -3.88 -7.23 11.15
N SER A 81 -5.02 -7.81 10.77
CA SER A 81 -5.43 -9.11 11.31
C SER A 81 -4.95 -10.24 10.40
N SER A 82 -5.51 -11.44 10.58
CA SER A 82 -5.13 -12.60 9.78
C SER A 82 -5.33 -12.33 8.27
N VAL A 83 -6.37 -11.56 7.95
CA VAL A 83 -6.67 -11.22 6.56
C VAL A 83 -6.07 -9.87 6.18
N VAL A 84 -5.73 -9.70 4.91
CA VAL A 84 -5.16 -8.46 4.41
C VAL A 84 -5.85 -7.99 3.13
N THR A 85 -6.42 -6.79 3.18
CA THR A 85 -7.11 -6.23 2.01
C THR A 85 -6.52 -4.86 1.63
N LEU A 86 -5.60 -4.87 0.67
CA LEU A 86 -4.96 -3.63 0.22
C LEU A 86 -5.43 -3.23 -1.17
N GLU A 87 -5.60 -1.92 -1.39
CA GLU A 87 -6.04 -1.40 -2.67
C GLU A 87 -4.88 -0.70 -3.39
N VAL A 88 -4.36 -1.34 -4.44
CA VAL A 88 -3.24 -0.79 -5.19
C VAL A 88 -3.72 -0.04 -6.45
N ALA A 89 -2.97 0.98 -6.85
CA ALA A 89 -3.29 1.78 -8.02
C ALA A 89 -2.15 1.73 -9.03
N LYS A 90 -2.35 0.96 -10.10
CA LYS A 90 -1.34 0.83 -11.15
C LYS A 90 -1.20 2.14 -11.94
N GLN A 91 0.05 2.56 -12.15
CA GLN A 91 0.33 3.80 -12.87
C GLN A 91 1.76 3.81 -13.41
N GLY A 92 2.23 4.99 -13.83
CA GLY A 92 3.58 5.13 -14.35
C GLY A 92 3.91 6.55 -14.74
N ALA A 93 5.09 6.99 -14.35
CA ALA A 93 5.56 8.34 -14.65
C ALA A 93 6.33 8.38 -15.98
N LEU B 1 8.66 10.59 0.77
CA LEU B 1 9.61 11.12 1.79
C LEU B 1 10.40 9.99 2.46
N PHE B 2 9.72 9.20 3.30
CA PHE B 2 10.37 8.09 3.99
C PHE B 2 9.79 6.76 3.54
N SER B 3 10.50 5.67 3.85
CA SER B 3 10.04 4.33 3.47
C SER B 3 9.85 3.44 4.70
N THR B 4 8.65 2.87 4.83
CA THR B 4 8.33 2.00 5.96
C THR B 4 8.83 0.57 5.72
N GLU B 5 8.12 -0.43 6.25
CA GLU B 5 8.50 -1.83 6.09
C GLU B 5 7.46 -2.71 6.77
N VAL B 6 6.22 -2.49 6.39
CA VAL B 6 5.11 -3.22 6.97
C VAL B 6 5.14 -4.71 6.61
N MET A 1 -6.56 13.31 -14.01
CA MET A 1 -6.75 11.84 -14.06
C MET A 1 -8.03 11.48 -14.81
N LYS A 2 -7.91 10.57 -15.78
CA LYS A 2 -9.05 10.14 -16.59
C LYS A 2 -9.42 8.69 -16.26
N GLU A 3 -9.95 8.47 -15.06
CA GLU A 3 -10.35 7.14 -14.61
C GLU A 3 -9.17 6.17 -14.59
N PRO A 4 -8.40 6.17 -13.48
CA PRO A 4 -7.22 5.30 -13.32
C PRO A 4 -7.61 3.83 -13.10
N GLU A 5 -6.59 2.97 -12.94
CA GLU A 5 -6.81 1.54 -12.72
C GLU A 5 -6.51 1.15 -11.28
N ILE A 6 -7.55 1.15 -10.45
CA ILE A 6 -7.42 0.78 -9.04
C ILE A 6 -8.19 -0.49 -8.73
N ILE A 7 -7.51 -1.48 -8.16
CA ILE A 7 -8.13 -2.75 -7.81
C ILE A 7 -7.69 -3.23 -6.43
N THR A 8 -8.64 -3.75 -5.66
CA THR A 8 -8.35 -4.25 -4.31
C THR A 8 -8.09 -5.76 -4.34
N VAL A 9 -7.20 -6.21 -3.47
CA VAL A 9 -6.85 -7.63 -3.39
C VAL A 9 -7.05 -8.15 -1.97
N THR A 10 -7.84 -9.23 -1.85
CA THR A 10 -8.12 -9.83 -0.55
C THR A 10 -7.20 -11.03 -0.31
N LEU A 11 -6.30 -10.89 0.66
CA LEU A 11 -5.35 -11.96 0.99
C LEU A 11 -5.30 -12.20 2.50
N LYS A 12 -4.93 -13.42 2.89
CA LYS A 12 -4.84 -13.78 4.30
C LYS A 12 -3.42 -13.52 4.83
N LYS A 13 -3.33 -12.84 5.96
CA LYS A 13 -2.05 -12.52 6.58
C LYS A 13 -1.41 -13.77 7.20
N GLN A 14 -0.20 -14.10 6.77
CA GLN A 14 0.52 -15.26 7.30
C GLN A 14 1.67 -14.82 8.21
N ASN A 15 2.38 -13.76 7.81
CA ASN A 15 3.49 -13.24 8.59
C ASN A 15 3.81 -11.80 8.22
N GLY A 16 2.76 -10.98 8.06
CA GLY A 16 2.94 -9.59 7.70
C GLY A 16 3.21 -9.42 6.21
N MET A 17 3.69 -8.24 5.82
CA MET A 17 3.99 -7.95 4.42
C MET A 17 5.42 -7.44 4.26
N GLY A 18 6.36 -8.36 4.05
CA GLY A 18 7.76 -7.98 3.89
C GLY A 18 8.00 -7.06 2.71
N LEU A 19 7.81 -5.76 2.94
CA LEU A 19 8.01 -4.75 1.89
C LEU A 19 8.18 -3.36 2.50
N SER A 20 8.40 -2.37 1.64
CA SER A 20 8.59 -0.98 2.09
C SER A 20 7.72 -0.02 1.28
N ILE A 21 7.38 1.11 1.89
CA ILE A 21 6.55 2.13 1.22
C ILE A 21 7.12 3.53 1.37
N VAL A 22 6.72 4.41 0.44
CA VAL A 22 7.19 5.81 0.45
C VAL A 22 6.03 6.77 0.19
N ALA A 23 6.01 7.87 0.94
CA ALA A 23 4.97 8.89 0.79
C ALA A 23 5.28 9.85 -0.34
N ALA A 24 4.25 10.52 -0.87
CA ALA A 24 4.42 11.48 -1.96
C ALA A 24 3.31 12.53 -1.95
N LYS A 25 3.68 13.77 -2.27
CA LYS A 25 2.73 14.89 -2.31
C LYS A 25 2.86 15.67 -3.61
N GLY A 26 2.03 16.71 -3.75
CA GLY A 26 2.07 17.53 -4.95
C GLY A 26 1.25 18.79 -4.79
N ALA A 27 0.55 19.17 -5.85
CA ALA A 27 -0.30 20.34 -5.82
C ALA A 27 -1.77 19.95 -5.76
N GLY A 28 -2.55 20.72 -5.00
CA GLY A 28 -3.97 20.42 -4.86
C GLY A 28 -4.20 19.05 -4.25
N GLN A 29 -3.32 18.69 -3.31
CA GLN A 29 -3.42 17.39 -2.65
C GLN A 29 -3.55 17.56 -1.14
N ASP A 30 -4.78 17.42 -0.64
CA ASP A 30 -5.05 17.54 0.79
C ASP A 30 -4.92 16.18 1.50
N LYS A 31 -4.23 15.24 0.85
CA LYS A 31 -4.02 13.91 1.41
C LYS A 31 -2.59 13.43 1.13
N LEU A 32 -2.33 12.17 1.43
CA LEU A 32 -1.00 11.60 1.21
C LEU A 32 -1.09 10.20 0.59
N GLY A 33 -0.15 9.90 -0.30
CA GLY A 33 -0.14 8.61 -0.97
C GLY A 33 1.03 7.75 -0.53
N ILE A 34 0.73 6.60 0.06
CA ILE A 34 1.77 5.69 0.53
C ILE A 34 2.07 4.64 -0.53
N TYR A 35 2.98 4.98 -1.43
CA TYR A 35 3.36 4.10 -2.53
C TYR A 35 4.36 3.03 -2.07
N VAL A 36 4.65 2.08 -2.96
CA VAL A 36 5.59 1.00 -2.66
C VAL A 36 6.94 1.27 -3.35
N LYS A 37 8.02 0.82 -2.71
CA LYS A 37 9.36 1.01 -3.27
C LYS A 37 10.09 -0.32 -3.44
N SER A 38 9.89 -1.25 -2.50
CA SER A 38 10.54 -2.55 -2.57
C SER A 38 9.73 -3.61 -1.85
N VAL A 39 9.52 -4.75 -2.53
CA VAL A 39 8.76 -5.85 -1.96
C VAL A 39 9.70 -7.01 -1.62
N VAL A 40 9.96 -7.20 -0.33
CA VAL A 40 10.85 -8.26 0.14
C VAL A 40 10.24 -9.64 -0.11
N LYS A 41 11.06 -10.56 -0.62
CA LYS A 41 10.60 -11.92 -0.88
C LYS A 41 10.37 -12.68 0.42
N GLY A 42 9.39 -13.59 0.39
CA GLY A 42 9.07 -14.38 1.58
C GLY A 42 7.89 -13.82 2.36
N GLY A 43 7.51 -12.58 2.08
CA GLY A 43 6.39 -11.97 2.78
C GLY A 43 5.05 -12.54 2.36
N ALA A 44 3.99 -11.75 2.53
CA ALA A 44 2.65 -12.17 2.16
C ALA A 44 2.29 -11.75 0.74
N ALA A 45 2.66 -10.52 0.38
CA ALA A 45 2.38 -9.98 -0.95
C ALA A 45 3.24 -10.64 -2.03
N ASP A 46 4.47 -11.02 -1.69
CA ASP A 46 5.38 -11.65 -2.63
C ASP A 46 4.94 -13.08 -2.98
N VAL A 47 4.45 -13.81 -1.98
CA VAL A 47 4.01 -15.20 -2.20
C VAL A 47 2.79 -15.27 -3.11
N ASP A 48 1.74 -14.53 -2.75
CA ASP A 48 0.51 -14.52 -3.54
C ASP A 48 0.75 -13.94 -4.94
N GLY A 49 1.38 -12.76 -4.99
CA GLY A 49 1.67 -12.13 -6.27
C GLY A 49 0.57 -11.21 -6.76
N ARG A 50 0.36 -10.10 -6.05
CA ARG A 50 -0.66 -9.13 -6.42
C ARG A 50 -0.19 -7.71 -6.13
N LEU A 51 1.11 -7.47 -6.27
CA LEU A 51 1.70 -6.15 -6.02
C LEU A 51 2.96 -5.95 -6.85
N ALA A 52 3.53 -4.74 -6.76
CA ALA A 52 4.75 -4.39 -7.50
C ALA A 52 5.37 -3.11 -6.97
N ALA A 53 6.70 -3.06 -6.93
CA ALA A 53 7.41 -1.88 -6.43
C ALA A 53 7.12 -0.67 -7.33
N GLY A 54 6.63 0.41 -6.71
CA GLY A 54 6.31 1.62 -7.45
C GLY A 54 4.81 1.76 -7.71
N ASP A 55 4.00 1.22 -6.82
CA ASP A 55 2.55 1.28 -6.95
C ASP A 55 1.93 2.09 -5.80
N GLN A 56 0.71 2.57 -6.01
CA GLN A 56 0.01 3.37 -5.00
C GLN A 56 -0.94 2.53 -4.15
N LEU A 57 -1.20 3.00 -2.93
CA LEU A 57 -2.10 2.32 -2.01
C LEU A 57 -3.20 3.27 -1.55
N LEU A 58 -4.39 3.15 -2.14
CA LEU A 58 -5.52 4.00 -1.79
C LEU A 58 -6.04 3.69 -0.38
N SER A 59 -6.48 2.43 -0.19
CA SER A 59 -7.00 2.01 1.10
C SER A 59 -6.53 0.59 1.45
N VAL A 60 -6.57 0.27 2.73
CA VAL A 60 -6.14 -1.05 3.21
C VAL A 60 -7.16 -1.64 4.17
N ASP A 61 -7.62 -2.85 3.85
CA ASP A 61 -8.61 -3.54 4.67
C ASP A 61 -9.87 -2.69 4.86
N GLY A 62 -10.19 -1.87 3.85
CA GLY A 62 -11.36 -1.02 3.92
C GLY A 62 -11.37 -0.13 5.15
N ARG A 63 -10.19 0.34 5.56
CA ARG A 63 -10.07 1.19 6.75
C ARG A 63 -9.88 2.67 6.36
N SER A 64 -10.14 2.98 5.09
CA SER A 64 -10.01 4.34 4.58
C SER A 64 -8.65 4.94 4.95
N LEU A 65 -7.67 4.72 4.08
CA LEU A 65 -6.31 5.24 4.31
C LEU A 65 -5.96 6.32 3.29
N VAL A 66 -6.72 7.41 3.31
CA VAL A 66 -6.47 8.52 2.39
C VAL A 66 -6.44 9.86 3.14
N GLY A 67 -5.22 10.31 3.43
CA GLY A 67 -5.04 11.57 4.14
C GLY A 67 -4.10 11.44 5.33
N LEU A 68 -3.99 10.22 5.87
CA LEU A 68 -3.12 9.96 7.02
C LEU A 68 -1.65 10.13 6.63
N SER A 69 -0.77 10.02 7.63
CA SER A 69 0.66 10.15 7.43
C SER A 69 1.28 8.81 7.08
N GLN A 70 2.49 8.84 6.52
CA GLN A 70 3.23 7.63 6.15
C GLN A 70 3.33 6.65 7.33
N GLU A 71 3.31 7.18 8.55
CA GLU A 71 3.41 6.34 9.74
C GLU A 71 2.07 5.67 10.05
N ARG A 72 1.02 6.49 10.17
CA ARG A 72 -0.31 5.97 10.47
C ARG A 72 -0.75 4.95 9.42
N ALA A 73 -0.35 5.16 8.17
CA ALA A 73 -0.71 4.24 7.09
C ALA A 73 0.04 2.91 7.22
N ALA A 74 1.37 2.97 7.20
CA ALA A 74 2.19 1.77 7.32
C ALA A 74 1.88 1.00 8.60
N GLU A 75 1.82 1.72 9.72
CA GLU A 75 1.53 1.09 11.01
C GLU A 75 0.19 0.36 10.97
N LEU A 76 -0.84 1.00 10.40
CA LEU A 76 -2.16 0.40 10.30
C LEU A 76 -2.15 -0.80 9.36
N MET A 77 -1.38 -0.68 8.26
CA MET A 77 -1.29 -1.75 7.27
C MET A 77 -0.71 -3.03 7.87
N THR A 78 0.48 -2.93 8.46
CA THR A 78 1.12 -4.09 9.08
C THR A 78 0.26 -4.63 10.21
N ARG A 79 -0.36 -3.73 10.97
CA ARG A 79 -1.22 -4.11 12.09
C ARG A 79 -2.65 -4.42 11.61
N THR A 80 -2.78 -5.30 10.63
CA THR A 80 -4.09 -5.68 10.10
C THR A 80 -4.57 -7.00 10.71
N SER A 81 -5.76 -7.44 10.31
CA SER A 81 -6.34 -8.69 10.80
C SER A 81 -6.02 -9.84 9.85
N SER A 82 -6.73 -10.97 10.01
CA SER A 82 -6.52 -12.14 9.16
C SER A 82 -6.70 -11.77 7.69
N VAL A 83 -7.78 -11.07 7.38
CA VAL A 83 -8.06 -10.66 6.01
C VAL A 83 -7.42 -9.31 5.70
N VAL A 84 -6.93 -9.15 4.47
CA VAL A 84 -6.29 -7.91 4.04
C VAL A 84 -6.76 -7.50 2.66
N THR A 85 -7.52 -6.41 2.59
CA THR A 85 -8.03 -5.91 1.31
C THR A 85 -7.28 -4.64 0.90
N LEU A 86 -6.13 -4.82 0.27
CA LEU A 86 -5.30 -3.69 -0.17
C LEU A 86 -5.60 -3.31 -1.62
N GLU A 87 -5.69 -2.01 -1.88
CA GLU A 87 -5.97 -1.51 -3.22
C GLU A 87 -4.68 -0.97 -3.88
N VAL A 88 -4.52 -1.25 -5.17
CA VAL A 88 -3.34 -0.80 -5.91
C VAL A 88 -3.73 -0.07 -7.19
N ALA A 89 -3.03 1.03 -7.47
CA ALA A 89 -3.28 1.82 -8.67
C ALA A 89 -2.14 1.68 -9.68
N LYS A 90 -2.45 1.12 -10.84
CA LYS A 90 -1.45 0.92 -11.89
C LYS A 90 -0.86 2.24 -12.35
N GLN A 91 0.46 2.38 -12.20
CA GLN A 91 1.17 3.60 -12.59
C GLN A 91 2.07 3.35 -13.81
N GLY A 92 2.88 4.35 -14.15
CA GLY A 92 3.78 4.22 -15.29
C GLY A 92 5.08 3.52 -14.95
N ALA A 93 5.18 3.08 -13.72
CA ALA A 93 6.36 2.37 -13.24
C ALA A 93 6.46 0.97 -13.84
N LEU B 1 8.08 11.80 2.73
CA LEU B 1 8.95 11.23 1.68
C LEU B 1 10.08 10.40 2.30
N PHE B 2 9.74 9.20 2.77
CA PHE B 2 10.71 8.30 3.39
C PHE B 2 10.43 6.86 3.00
N SER B 3 11.11 5.90 3.64
CA SER B 3 10.92 4.49 3.34
C SER B 3 10.74 3.67 4.61
N THR B 4 9.52 3.16 4.83
CA THR B 4 9.22 2.35 6.00
C THR B 4 9.28 0.86 5.65
N GLU B 5 8.72 0.02 6.53
CA GLU B 5 8.69 -1.41 6.29
C GLU B 5 7.44 -2.04 6.90
N VAL B 6 6.40 -2.16 6.09
CA VAL B 6 5.13 -2.73 6.53
C VAL B 6 5.18 -4.27 6.52
N MET A 1 -8.58 13.97 -16.80
CA MET A 1 -7.93 13.04 -17.77
C MET A 1 -6.97 12.08 -17.06
N LYS A 2 -6.59 11.00 -17.76
CA LYS A 2 -5.68 10.00 -17.20
C LYS A 2 -6.31 9.31 -15.99
N GLU A 3 -7.18 8.34 -16.25
CA GLU A 3 -7.84 7.60 -15.19
C GLU A 3 -7.01 6.39 -14.76
N PRO A 4 -6.59 6.35 -13.48
CA PRO A 4 -5.78 5.24 -12.94
C PRO A 4 -6.59 3.95 -12.82
N GLU A 5 -5.94 2.89 -12.33
CA GLU A 5 -6.57 1.59 -12.16
C GLU A 5 -6.45 1.11 -10.72
N ILE A 6 -7.49 1.39 -9.93
CA ILE A 6 -7.52 0.99 -8.54
C ILE A 6 -8.17 -0.38 -8.37
N ILE A 7 -7.56 -1.23 -7.55
CA ILE A 7 -8.06 -2.58 -7.31
C ILE A 7 -7.88 -3.00 -5.85
N THR A 8 -8.89 -3.64 -5.28
CA THR A 8 -8.84 -4.09 -3.90
C THR A 8 -8.60 -5.60 -3.83
N VAL A 9 -7.35 -6.00 -3.61
CA VAL A 9 -7.00 -7.41 -3.52
C VAL A 9 -7.11 -7.93 -2.09
N THR A 10 -7.03 -9.25 -1.93
CA THR A 10 -7.12 -9.87 -0.62
C THR A 10 -5.89 -10.74 -0.35
N LEU A 11 -5.04 -10.29 0.58
CA LEU A 11 -3.83 -11.03 0.93
C LEU A 11 -3.95 -11.61 2.35
N LYS A 12 -3.20 -12.68 2.60
CA LYS A 12 -3.22 -13.33 3.91
C LYS A 12 -1.94 -13.05 4.68
N LYS A 13 -2.07 -12.40 5.84
CA LYS A 13 -0.91 -12.05 6.67
C LYS A 13 -0.19 -13.31 7.15
N GLN A 14 0.92 -13.64 6.49
CA GLN A 14 1.71 -14.82 6.84
C GLN A 14 2.93 -14.42 7.65
N ASN A 15 2.76 -14.34 8.98
CA ASN A 15 3.85 -13.97 9.88
C ASN A 15 4.44 -12.60 9.51
N GLY A 16 3.57 -11.67 9.13
CA GLY A 16 4.01 -10.34 8.75
C GLY A 16 4.20 -10.21 7.25
N MET A 17 4.07 -8.99 6.73
CA MET A 17 4.23 -8.74 5.30
C MET A 17 5.71 -8.66 4.92
N GLY A 18 6.33 -7.51 5.17
CA GLY A 18 7.73 -7.33 4.83
C GLY A 18 7.97 -6.35 3.70
N LEU A 19 6.88 -5.79 3.15
CA LEU A 19 6.99 -4.83 2.06
C LEU A 19 7.35 -3.45 2.59
N SER A 20 7.60 -2.51 1.67
CA SER A 20 7.96 -1.15 2.05
C SER A 20 7.07 -0.12 1.35
N ILE A 21 6.88 1.03 2.01
CA ILE A 21 6.05 2.11 1.46
C ILE A 21 6.69 3.48 1.70
N VAL A 22 6.40 4.42 0.80
CA VAL A 22 6.93 5.78 0.90
C VAL A 22 5.82 6.82 0.86
N ALA A 23 6.01 7.92 1.59
CA ALA A 23 5.03 9.00 1.64
C ALA A 23 5.54 10.22 0.87
N ALA A 24 4.80 10.62 -0.17
CA ALA A 24 5.18 11.78 -0.98
C ALA A 24 3.96 12.61 -1.38
N LYS A 25 4.19 13.90 -1.58
CA LYS A 25 3.12 14.83 -1.97
C LYS A 25 3.40 15.46 -3.33
N GLY A 26 2.49 16.33 -3.77
CA GLY A 26 2.66 16.99 -5.05
C GLY A 26 1.82 18.25 -5.13
N ALA A 27 1.22 18.48 -6.29
CA ALA A 27 0.37 19.64 -6.49
C ALA A 27 -1.10 19.24 -6.59
N GLY A 28 -1.98 20.07 -6.04
CA GLY A 28 -3.40 19.77 -6.07
C GLY A 28 -3.72 18.49 -5.32
N GLN A 29 -3.07 18.30 -4.18
CA GLN A 29 -3.26 17.11 -3.38
C GLN A 29 -3.45 17.46 -1.90
N ASP A 30 -4.68 17.33 -1.43
CA ASP A 30 -5.00 17.62 -0.03
C ASP A 30 -4.88 16.37 0.85
N LYS A 31 -4.13 15.38 0.35
CA LYS A 31 -3.91 14.13 1.08
C LYS A 31 -2.48 13.65 0.90
N LEU A 32 -2.20 12.40 1.29
CA LEU A 32 -0.85 11.84 1.15
C LEU A 32 -0.91 10.41 0.63
N GLY A 33 -0.18 10.15 -0.45
CA GLY A 33 -0.17 8.83 -1.05
C GLY A 33 0.89 7.92 -0.45
N ILE A 34 0.48 6.71 -0.06
CA ILE A 34 1.41 5.74 0.52
C ILE A 34 1.94 4.78 -0.54
N TYR A 35 2.80 5.31 -1.41
CA TYR A 35 3.40 4.51 -2.49
C TYR A 35 4.23 3.35 -1.92
N VAL A 36 4.49 2.35 -2.76
CA VAL A 36 5.28 1.19 -2.34
C VAL A 36 6.75 1.34 -2.75
N LYS A 37 7.63 1.31 -1.76
CA LYS A 37 9.07 1.42 -2.00
C LYS A 37 9.66 0.09 -2.46
N SER A 38 9.26 -1.00 -1.80
CA SER A 38 9.75 -2.33 -2.14
C SER A 38 8.76 -3.40 -1.68
N VAL A 39 9.07 -4.67 -1.96
CA VAL A 39 8.20 -5.78 -1.58
C VAL A 39 9.00 -6.99 -1.13
N VAL A 40 8.74 -7.45 0.10
CA VAL A 40 9.43 -8.61 0.66
C VAL A 40 9.39 -9.80 -0.29
N LYS A 41 10.55 -10.42 -0.50
CA LYS A 41 10.65 -11.58 -1.38
C LYS A 41 10.47 -12.87 -0.58
N GLY A 42 9.22 -13.35 -0.53
CA GLY A 42 8.93 -14.57 0.21
C GLY A 42 7.62 -14.52 0.97
N GLY A 43 7.14 -13.30 1.24
CA GLY A 43 5.88 -13.15 1.96
C GLY A 43 4.67 -13.55 1.15
N ALA A 44 3.48 -13.19 1.65
CA ALA A 44 2.23 -13.52 0.98
C ALA A 44 1.87 -12.51 -0.12
N ALA A 45 2.70 -11.49 -0.29
CA ALA A 45 2.44 -10.46 -1.32
C ALA A 45 3.20 -10.77 -2.59
N ASP A 46 4.47 -11.18 -2.44
CA ASP A 46 5.32 -11.50 -3.58
C ASP A 46 4.90 -12.82 -4.23
N VAL A 47 4.65 -13.83 -3.40
CA VAL A 47 4.25 -15.15 -3.89
C VAL A 47 2.90 -15.11 -4.59
N ASP A 48 1.97 -14.33 -4.03
CA ASP A 48 0.63 -14.20 -4.62
C ASP A 48 0.69 -13.43 -5.94
N GLY A 49 1.38 -12.30 -5.95
CA GLY A 49 1.50 -11.50 -7.15
C GLY A 49 0.33 -10.54 -7.33
N ARG A 50 -0.06 -9.87 -6.24
CA ARG A 50 -1.18 -8.92 -6.30
C ARG A 50 -0.66 -7.49 -6.32
N LEU A 51 0.40 -7.22 -5.56
CA LEU A 51 0.99 -5.88 -5.50
C LEU A 51 2.48 -5.93 -5.80
N ALA A 52 3.04 -4.80 -6.20
CA ALA A 52 4.46 -4.70 -6.51
C ALA A 52 5.03 -3.34 -6.10
N ALA A 53 6.30 -3.10 -6.44
CA ALA A 53 6.97 -1.84 -6.10
C ALA A 53 6.49 -0.72 -7.00
N GLY A 54 6.27 0.46 -6.41
CA GLY A 54 5.82 1.60 -7.18
C GLY A 54 4.30 1.62 -7.37
N ASP A 55 3.58 1.23 -6.33
CA ASP A 55 2.11 1.21 -6.39
C ASP A 55 1.51 2.21 -5.39
N GLN A 56 0.48 2.92 -5.83
CA GLN A 56 -0.19 3.91 -4.97
C GLN A 56 -1.18 3.23 -4.03
N LEU A 57 -1.34 3.81 -2.82
CA LEU A 57 -2.25 3.26 -1.82
C LEU A 57 -3.57 4.04 -1.78
N LEU A 58 -4.63 3.37 -1.34
CA LEU A 58 -5.95 3.98 -1.24
C LEU A 58 -6.68 3.53 0.02
N SER A 59 -6.86 2.21 0.17
CA SER A 59 -7.54 1.66 1.34
C SER A 59 -6.79 0.46 1.91
N VAL A 60 -7.01 0.17 3.19
CA VAL A 60 -6.37 -0.95 3.86
C VAL A 60 -7.34 -1.64 4.82
N ASP A 61 -7.55 -2.94 4.62
CA ASP A 61 -8.45 -3.72 5.47
C ASP A 61 -9.87 -3.13 5.47
N GLY A 62 -10.27 -2.56 4.33
CA GLY A 62 -11.59 -1.97 4.23
C GLY A 62 -11.74 -0.69 5.04
N ARG A 63 -10.63 0.03 5.25
CA ARG A 63 -10.65 1.27 6.01
C ARG A 63 -10.29 2.46 5.13
N SER A 64 -10.57 3.67 5.62
CA SER A 64 -10.26 4.89 4.88
C SER A 64 -9.08 5.62 5.50
N LEU A 65 -7.93 5.56 4.82
CA LEU A 65 -6.73 6.23 5.31
C LEU A 65 -6.24 7.26 4.29
N VAL A 66 -7.18 7.88 3.58
CA VAL A 66 -6.85 8.90 2.59
C VAL A 66 -6.58 10.25 3.26
N GLY A 67 -5.31 10.55 3.44
CA GLY A 67 -4.91 11.80 4.07
C GLY A 67 -4.32 11.59 5.45
N LEU A 68 -3.69 10.43 5.67
CA LEU A 68 -3.07 10.11 6.94
C LEU A 68 -1.56 10.08 6.82
N SER A 69 -0.87 10.24 7.95
CA SER A 69 0.59 10.23 7.97
C SER A 69 1.11 8.85 7.59
N GLN A 70 2.32 8.81 7.04
CA GLN A 70 2.94 7.56 6.62
C GLN A 70 2.94 6.54 7.77
N GLU A 71 3.09 7.04 8.99
CA GLU A 71 3.10 6.19 10.18
C GLU A 71 1.74 5.52 10.39
N ARG A 72 0.67 6.32 10.33
CA ARG A 72 -0.69 5.79 10.53
C ARG A 72 -1.06 4.79 9.44
N ALA A 73 -0.74 5.13 8.18
CA ALA A 73 -1.04 4.27 7.05
C ALA A 73 -0.36 2.91 7.18
N ALA A 74 0.96 2.91 7.33
CA ALA A 74 1.73 1.68 7.47
C ALA A 74 1.32 0.91 8.73
N GLU A 75 1.22 1.64 9.84
CA GLU A 75 0.83 1.05 11.13
C GLU A 75 -0.52 0.36 11.04
N LEU A 76 -1.38 0.81 10.11
CA LEU A 76 -2.70 0.23 9.92
C LEU A 76 -2.63 -1.13 9.23
N MET A 77 -1.88 -1.21 8.14
CA MET A 77 -1.75 -2.46 7.39
C MET A 77 -1.15 -3.57 8.24
N THR A 78 -0.05 -3.27 8.94
CA THR A 78 0.58 -4.25 9.82
C THR A 78 -0.38 -4.69 10.92
N ARG A 79 -1.19 -3.75 11.40
CA ARG A 79 -2.17 -4.03 12.45
C ARG A 79 -3.47 -4.61 11.88
N THR A 80 -3.35 -5.69 11.09
CA THR A 80 -4.53 -6.33 10.49
C THR A 80 -4.65 -7.77 10.98
N SER A 81 -5.73 -8.44 10.56
CA SER A 81 -5.97 -9.84 10.94
C SER A 81 -5.39 -10.79 9.88
N SER A 82 -5.82 -12.05 9.92
CA SER A 82 -5.34 -13.05 8.97
C SER A 82 -5.55 -12.57 7.52
N VAL A 83 -6.64 -11.83 7.30
CA VAL A 83 -6.95 -11.30 5.97
C VAL A 83 -6.65 -9.80 5.89
N VAL A 84 -6.11 -9.37 4.75
CA VAL A 84 -5.78 -7.97 4.55
C VAL A 84 -6.20 -7.51 3.15
N THR A 85 -7.10 -6.53 3.11
CA THR A 85 -7.58 -6.00 1.84
C THR A 85 -6.83 -4.72 1.45
N LEU A 86 -5.86 -4.86 0.55
CA LEU A 86 -5.06 -3.72 0.10
C LEU A 86 -5.54 -3.21 -1.26
N GLU A 87 -6.00 -1.96 -1.26
CA GLU A 87 -6.49 -1.33 -2.49
C GLU A 87 -5.44 -0.40 -3.06
N VAL A 88 -4.73 -0.85 -4.09
CA VAL A 88 -3.69 -0.06 -4.73
C VAL A 88 -4.08 0.35 -6.15
N ALA A 89 -3.27 1.23 -6.75
CA ALA A 89 -3.52 1.70 -8.10
C ALA A 89 -2.38 1.28 -9.04
N LYS A 90 -2.76 0.81 -10.22
CA LYS A 90 -1.79 0.37 -11.23
C LYS A 90 -1.48 1.50 -12.20
N GLN A 91 -0.22 1.93 -12.21
CA GLN A 91 0.24 3.01 -13.07
C GLN A 91 1.75 2.97 -13.24
N GLY A 92 2.27 3.72 -14.21
CA GLY A 92 3.70 3.74 -14.43
C GLY A 92 4.05 4.01 -15.87
N ALA A 93 4.75 3.05 -16.46
CA ALA A 93 5.17 3.13 -17.86
C ALA A 93 4.01 2.90 -18.83
N LEU B 1 12.13 10.32 -1.07
CA LEU B 1 11.65 11.28 -0.04
C LEU B 1 11.50 10.61 1.33
N PHE B 2 10.66 9.57 1.41
CA PHE B 2 10.42 8.85 2.66
C PHE B 2 10.62 7.34 2.49
N SER B 3 10.36 6.57 3.55
CA SER B 3 10.52 5.12 3.51
C SER B 3 9.90 4.43 4.74
N THR B 4 9.38 3.23 4.54
CA THR B 4 8.75 2.44 5.61
C THR B 4 8.73 0.96 5.26
N GLU B 5 8.60 0.11 6.28
CA GLU B 5 8.57 -1.34 6.07
C GLU B 5 7.45 -1.96 6.91
N VAL B 6 6.25 -2.01 6.33
CA VAL B 6 5.08 -2.56 7.01
C VAL B 6 5.15 -4.09 7.13
N MET A 1 -4.37 8.60 -23.00
CA MET A 1 -5.01 8.75 -21.65
C MET A 1 -4.45 7.73 -20.66
N LYS A 2 -3.79 8.23 -19.61
CA LYS A 2 -3.20 7.36 -18.58
C LYS A 2 -4.08 7.36 -17.32
N GLU A 3 -4.96 6.36 -17.23
CA GLU A 3 -5.85 6.24 -16.08
C GLU A 3 -5.42 5.08 -15.18
N PRO A 4 -5.28 5.33 -13.86
CA PRO A 4 -4.89 4.29 -12.89
C PRO A 4 -5.84 3.11 -12.86
N GLU A 5 -5.49 2.09 -12.07
CA GLU A 5 -6.32 0.89 -11.96
C GLU A 5 -6.46 0.49 -10.49
N ILE A 6 -7.57 0.89 -9.89
CA ILE A 6 -7.86 0.58 -8.50
C ILE A 6 -8.39 -0.84 -8.34
N ILE A 7 -7.71 -1.65 -7.54
CA ILE A 7 -8.12 -3.04 -7.29
C ILE A 7 -7.82 -3.46 -5.86
N THR A 8 -8.75 -4.20 -5.25
CA THR A 8 -8.58 -4.68 -3.88
C THR A 8 -8.14 -6.14 -3.86
N VAL A 9 -7.05 -6.41 -3.16
CA VAL A 9 -6.53 -7.78 -3.05
C VAL A 9 -6.62 -8.30 -1.63
N THR A 10 -7.15 -9.51 -1.48
CA THR A 10 -7.30 -10.13 -0.16
C THR A 10 -6.26 -11.24 0.04
N LEU A 11 -5.47 -11.11 1.11
CA LEU A 11 -4.43 -12.10 1.43
C LEU A 11 -4.36 -12.35 2.93
N LYS A 12 -3.76 -13.48 3.30
CA LYS A 12 -3.62 -13.85 4.72
C LYS A 12 -2.20 -13.55 5.22
N LYS A 13 -2.03 -13.53 6.53
CA LYS A 13 -0.72 -13.26 7.14
C LYS A 13 0.03 -14.56 7.39
N GLN A 14 0.95 -14.90 6.47
CA GLN A 14 1.75 -16.11 6.59
C GLN A 14 2.83 -15.94 7.65
N ASN A 15 3.60 -14.86 7.52
CA ASN A 15 4.67 -14.54 8.47
C ASN A 15 5.16 -13.11 8.25
N GLY A 16 4.22 -12.19 8.10
CA GLY A 16 4.56 -10.79 7.86
C GLY A 16 4.26 -10.35 6.45
N MET A 17 3.93 -9.07 6.27
CA MET A 17 3.62 -8.52 4.94
C MET A 17 4.85 -8.57 4.04
N GLY A 18 5.92 -7.88 4.46
CA GLY A 18 7.16 -7.87 3.70
C GLY A 18 7.07 -7.02 2.45
N LEU A 19 7.05 -5.70 2.62
CA LEU A 19 7.00 -4.76 1.49
C LEU A 19 7.45 -3.36 1.93
N SER A 20 7.48 -2.42 0.99
CA SER A 20 7.91 -1.05 1.28
C SER A 20 6.87 -0.03 0.80
N ILE A 21 6.68 1.03 1.61
CA ILE A 21 5.71 2.09 1.27
C ILE A 21 6.33 3.48 1.46
N VAL A 22 5.73 4.48 0.80
CA VAL A 22 6.22 5.86 0.88
C VAL A 22 5.06 6.87 0.81
N ALA A 23 5.22 8.01 1.48
CA ALA A 23 4.20 9.06 1.49
C ALA A 23 4.61 10.22 0.60
N ALA A 24 3.62 10.88 -0.01
CA ALA A 24 3.88 12.01 -0.90
C ALA A 24 2.72 13.01 -0.90
N LYS A 25 3.04 14.29 -1.12
CA LYS A 25 2.03 15.36 -1.16
C LYS A 25 2.06 16.08 -2.50
N GLY A 26 1.19 17.09 -2.66
CA GLY A 26 1.15 17.84 -3.89
C GLY A 26 0.52 19.20 -3.70
N ALA A 27 -0.23 19.65 -4.71
CA ALA A 27 -0.90 20.95 -4.63
C ALA A 27 -2.41 20.77 -4.52
N GLY A 28 -3.05 21.65 -3.76
CA GLY A 28 -4.50 21.55 -3.57
C GLY A 28 -4.89 20.21 -2.97
N GLN A 29 -4.00 19.65 -2.17
CA GLN A 29 -4.22 18.36 -1.54
C GLN A 29 -3.58 18.31 -0.16
N ASP A 30 -4.42 18.32 0.87
CA ASP A 30 -3.94 18.27 2.25
C ASP A 30 -3.89 16.85 2.79
N LYS A 31 -3.71 15.88 1.89
CA LYS A 31 -3.64 14.47 2.26
C LYS A 31 -2.26 13.90 1.94
N LEU A 32 -2.14 12.57 1.94
CA LEU A 32 -0.87 11.93 1.65
C LEU A 32 -1.07 10.62 0.89
N GLY A 33 -0.25 10.39 -0.13
CA GLY A 33 -0.36 9.18 -0.93
C GLY A 33 0.63 8.11 -0.51
N ILE A 34 0.12 6.98 -0.02
CA ILE A 34 0.98 5.87 0.41
C ILE A 34 1.35 4.98 -0.78
N TYR A 35 2.36 5.42 -1.52
CA TYR A 35 2.84 4.69 -2.69
C TYR A 35 3.75 3.54 -2.28
N VAL A 36 3.68 2.44 -3.04
CA VAL A 36 4.51 1.27 -2.75
C VAL A 36 5.91 1.42 -3.35
N LYS A 37 6.92 1.32 -2.51
CA LYS A 37 8.31 1.43 -2.94
C LYS A 37 8.82 0.11 -3.52
N SER A 38 8.49 -0.99 -2.83
CA SER A 38 8.91 -2.32 -3.27
C SER A 38 8.19 -3.42 -2.49
N VAL A 39 8.51 -4.68 -2.81
CA VAL A 39 7.89 -5.82 -2.14
C VAL A 39 8.95 -6.83 -1.74
N VAL A 40 8.92 -7.26 -0.48
CA VAL A 40 9.89 -8.23 0.03
C VAL A 40 9.46 -9.67 -0.32
N LYS A 41 10.40 -10.42 -0.89
CA LYS A 41 10.13 -11.81 -1.28
C LYS A 41 9.73 -12.64 -0.08
N GLY A 42 8.71 -13.48 -0.26
CA GLY A 42 8.23 -14.34 0.81
C GLY A 42 6.89 -13.88 1.38
N GLY A 43 6.60 -12.58 1.25
CA GLY A 43 5.35 -12.05 1.75
C GLY A 43 4.13 -12.59 1.00
N ALA A 44 2.97 -12.52 1.65
CA ALA A 44 1.71 -13.00 1.05
C ALA A 44 1.44 -12.33 -0.30
N ALA A 45 1.71 -11.03 -0.40
CA ALA A 45 1.49 -10.28 -1.63
C ALA A 45 2.54 -10.64 -2.69
N ASP A 46 3.79 -10.80 -2.26
CA ASP A 46 4.88 -11.14 -3.17
C ASP A 46 4.62 -12.48 -3.86
N VAL A 47 4.06 -13.43 -3.12
CA VAL A 47 3.75 -14.75 -3.67
C VAL A 47 2.54 -14.69 -4.60
N ASP A 48 1.54 -13.89 -4.24
CA ASP A 48 0.33 -13.76 -5.05
C ASP A 48 0.65 -13.26 -6.45
N GLY A 49 1.53 -12.25 -6.54
CA GLY A 49 1.91 -11.71 -7.83
C GLY A 49 0.82 -10.86 -8.46
N ARG A 50 0.08 -10.12 -7.62
CA ARG A 50 -1.00 -9.26 -8.11
C ARG A 50 -0.53 -7.81 -8.23
N LEU A 51 0.16 -7.33 -7.19
CA LEU A 51 0.67 -5.96 -7.17
C LEU A 51 2.17 -5.94 -7.49
N ALA A 52 2.71 -4.73 -7.68
CA ALA A 52 4.13 -4.57 -7.98
C ALA A 52 4.71 -3.33 -7.30
N ALA A 53 5.96 -3.01 -7.63
CA ALA A 53 6.63 -1.84 -7.05
C ALA A 53 6.25 -0.57 -7.80
N GLY A 54 6.40 0.57 -7.14
CA GLY A 54 6.06 1.85 -7.74
C GLY A 54 4.56 2.02 -7.94
N ASP A 55 3.77 1.42 -7.06
CA ASP A 55 2.32 1.51 -7.14
C ASP A 55 1.77 2.48 -6.09
N GLN A 56 0.45 2.61 -6.02
CA GLN A 56 -0.20 3.51 -5.06
C GLN A 56 -1.23 2.76 -4.22
N LEU A 57 -1.46 3.24 -3.00
CA LEU A 57 -2.43 2.62 -2.09
C LEU A 57 -3.64 3.53 -1.87
N LEU A 58 -4.81 2.92 -1.78
CA LEU A 58 -6.06 3.67 -1.57
C LEU A 58 -6.69 3.32 -0.22
N SER A 59 -6.93 2.04 0.04
CA SER A 59 -7.53 1.61 1.29
C SER A 59 -6.90 0.32 1.83
N VAL A 60 -6.98 0.14 3.15
CA VAL A 60 -6.43 -1.04 3.81
C VAL A 60 -7.45 -1.63 4.77
N ASP A 61 -7.93 -2.83 4.45
CA ASP A 61 -8.92 -3.52 5.27
C ASP A 61 -10.18 -2.66 5.46
N GLY A 62 -10.54 -1.91 4.42
CA GLY A 62 -11.71 -1.05 4.48
C GLY A 62 -11.46 0.24 5.24
N ARG A 63 -10.23 0.74 5.18
CA ARG A 63 -9.87 1.99 5.87
C ARG A 63 -9.19 2.95 4.92
N SER A 64 -9.37 4.26 5.15
CA SER A 64 -8.78 5.29 4.31
C SER A 64 -7.42 5.72 4.85
N LEU A 65 -6.42 5.79 3.97
CA LEU A 65 -5.08 6.20 4.35
C LEU A 65 -4.75 7.60 3.83
N VAL A 66 -5.35 7.99 2.70
CA VAL A 66 -5.10 9.30 2.12
C VAL A 66 -5.51 10.42 3.08
N GLY A 67 -4.51 10.97 3.77
CA GLY A 67 -4.76 12.04 4.72
C GLY A 67 -3.89 11.94 5.96
N LEU A 68 -3.60 10.72 6.40
CA LEU A 68 -2.76 10.50 7.58
C LEU A 68 -1.28 10.45 7.19
N SER A 69 -0.41 10.53 8.21
CA SER A 69 1.03 10.48 7.99
C SER A 69 1.48 9.08 7.63
N GLN A 70 2.66 8.97 7.05
CA GLN A 70 3.21 7.68 6.65
C GLN A 70 3.22 6.70 7.82
N GLU A 71 3.65 7.18 8.99
CA GLU A 71 3.69 6.36 10.20
C GLU A 71 2.28 5.87 10.57
N ARG A 72 1.29 6.75 10.42
CA ARG A 72 -0.10 6.39 10.72
C ARG A 72 -0.65 5.40 9.69
N ALA A 73 -0.23 5.56 8.42
CA ALA A 73 -0.69 4.68 7.35
C ALA A 73 -0.07 3.30 7.46
N ALA A 74 1.27 3.24 7.39
CA ALA A 74 2.00 1.98 7.48
C ALA A 74 1.63 1.22 8.75
N GLU A 75 1.47 1.95 9.86
CA GLU A 75 1.11 1.34 11.14
C GLU A 75 -0.26 0.67 11.04
N LEU A 76 -1.25 1.40 10.54
CA LEU A 76 -2.61 0.87 10.40
C LEU A 76 -2.61 -0.40 9.55
N MET A 77 -1.70 -0.48 8.58
CA MET A 77 -1.60 -1.64 7.70
C MET A 77 -1.07 -2.86 8.44
N THR A 78 0.13 -2.76 9.00
CA THR A 78 0.74 -3.88 9.74
C THR A 78 -0.15 -4.30 10.90
N ARG A 79 -0.82 -3.31 11.52
CA ARG A 79 -1.70 -3.56 12.64
C ARG A 79 -3.12 -3.94 12.17
N THR A 80 -3.21 -4.93 11.28
CA THR A 80 -4.51 -5.40 10.77
C THR A 80 -4.84 -6.79 11.30
N SER A 81 -5.98 -7.34 10.88
CA SER A 81 -6.41 -8.66 11.30
C SER A 81 -5.72 -9.75 10.47
N SER A 82 -6.12 -11.01 10.68
CA SER A 82 -5.53 -12.14 9.96
C SER A 82 -5.58 -11.89 8.44
N VAL A 83 -6.71 -11.41 7.95
CA VAL A 83 -6.88 -11.13 6.53
C VAL A 83 -6.52 -9.68 6.21
N VAL A 84 -5.84 -9.47 5.07
CA VAL A 84 -5.44 -8.14 4.65
C VAL A 84 -6.05 -7.78 3.30
N THR A 85 -6.82 -6.70 3.26
CA THR A 85 -7.45 -6.25 2.03
C THR A 85 -6.87 -4.91 1.58
N LEU A 86 -5.72 -4.96 0.92
CA LEU A 86 -5.05 -3.77 0.43
C LEU A 86 -5.50 -3.43 -0.99
N GLU A 87 -6.05 -2.23 -1.16
CA GLU A 87 -6.51 -1.78 -2.47
C GLU A 87 -5.53 -0.78 -3.08
N VAL A 88 -4.74 -1.24 -4.05
CA VAL A 88 -3.76 -0.39 -4.71
C VAL A 88 -4.23 0.07 -6.08
N ALA A 89 -3.49 1.00 -6.67
CA ALA A 89 -3.82 1.54 -7.99
C ALA A 89 -2.75 1.17 -9.01
N LYS A 90 -3.02 0.12 -9.78
CA LYS A 90 -2.09 -0.34 -10.80
C LYS A 90 -1.88 0.72 -11.88
N GLN A 91 -0.62 1.06 -12.14
CA GLN A 91 -0.28 2.07 -13.15
C GLN A 91 1.07 1.77 -13.79
N GLY A 92 1.37 2.52 -14.86
CA GLY A 92 2.63 2.33 -15.56
C GLY A 92 3.77 3.12 -14.97
N ALA A 93 3.44 3.96 -14.02
CA ALA A 93 4.41 4.82 -13.33
C ALA A 93 4.94 5.92 -14.26
N LEU B 1 13.24 12.05 3.23
CA LEU B 1 13.43 10.57 3.07
C LEU B 1 12.20 9.81 3.57
N PHE B 2 11.26 9.55 2.66
CA PHE B 2 10.03 8.84 3.01
C PHE B 2 10.08 7.39 2.53
N SER B 3 10.03 6.45 3.48
CA SER B 3 10.06 5.02 3.14
C SER B 3 9.88 4.14 4.38
N THR B 4 8.81 3.33 4.38
CA THR B 4 8.53 2.42 5.49
C THR B 4 8.46 0.97 4.99
N GLU B 5 8.64 0.02 5.89
CA GLU B 5 8.59 -1.40 5.55
C GLU B 5 7.51 -2.11 6.37
N VAL B 6 6.29 -2.12 5.83
CA VAL B 6 5.16 -2.75 6.50
C VAL B 6 5.12 -4.26 6.25
N MET A 1 -9.72 7.78 -21.95
CA MET A 1 -9.32 6.35 -21.81
C MET A 1 -8.02 6.20 -21.01
N LYS A 2 -7.14 7.20 -21.09
CA LYS A 2 -5.87 7.15 -20.37
C LYS A 2 -6.10 7.36 -18.86
N GLU A 3 -6.52 6.30 -18.19
CA GLU A 3 -6.79 6.35 -16.75
C GLU A 3 -6.19 5.14 -16.05
N PRO A 4 -5.72 5.31 -14.80
CA PRO A 4 -5.13 4.22 -14.00
C PRO A 4 -6.09 3.05 -13.78
N GLU A 5 -5.62 2.03 -13.04
CA GLU A 5 -6.44 0.86 -12.76
C GLU A 5 -6.46 0.55 -11.27
N ILE A 6 -7.51 1.01 -10.61
CA ILE A 6 -7.68 0.79 -9.18
C ILE A 6 -8.41 -0.53 -8.92
N ILE A 7 -7.79 -1.38 -8.09
CA ILE A 7 -8.39 -2.67 -7.75
C ILE A 7 -8.15 -3.03 -6.29
N THR A 8 -9.15 -3.66 -5.67
CA THR A 8 -9.05 -4.06 -4.27
C THR A 8 -8.70 -5.54 -4.15
N VAL A 9 -7.54 -5.82 -3.57
CA VAL A 9 -7.08 -7.20 -3.38
C VAL A 9 -7.08 -7.58 -1.91
N THR A 10 -7.36 -8.86 -1.64
CA THR A 10 -7.39 -9.35 -0.26
C THR A 10 -6.37 -10.48 -0.07
N LEU A 11 -5.53 -10.34 0.96
CA LEU A 11 -4.49 -11.33 1.24
C LEU A 11 -4.46 -11.68 2.73
N LYS A 12 -3.77 -12.78 3.06
CA LYS A 12 -3.64 -13.23 4.45
C LYS A 12 -2.22 -13.02 4.96
N LYS A 13 -2.00 -13.33 6.24
CA LYS A 13 -0.68 -13.18 6.84
C LYS A 13 0.00 -14.53 7.06
N GLN A 14 0.79 -14.95 6.07
CA GLN A 14 1.51 -16.21 6.14
C GLN A 14 2.72 -16.09 7.08
N ASN A 15 3.46 -15.00 6.92
CA ASN A 15 4.63 -14.74 7.75
C ASN A 15 5.09 -13.29 7.56
N GLY A 16 4.13 -12.36 7.59
CA GLY A 16 4.43 -10.96 7.41
C GLY A 16 4.34 -10.53 5.95
N MET A 17 3.90 -9.29 5.73
CA MET A 17 3.76 -8.76 4.37
C MET A 17 5.12 -8.71 3.67
N GLY A 18 6.16 -8.28 4.41
CA GLY A 18 7.49 -8.20 3.85
C GLY A 18 7.59 -7.25 2.67
N LEU A 19 7.44 -5.96 2.93
CA LEU A 19 7.52 -4.94 1.88
C LEU A 19 7.78 -3.55 2.49
N SER A 20 8.11 -2.60 1.62
CA SER A 20 8.39 -1.22 2.07
C SER A 20 7.36 -0.24 1.49
N ILE A 21 7.13 0.87 2.20
CA ILE A 21 6.18 1.89 1.75
C ILE A 21 6.82 3.27 1.63
N VAL A 22 6.13 4.19 0.95
CA VAL A 22 6.65 5.55 0.76
C VAL A 22 5.50 6.56 0.61
N ALA A 23 5.69 7.74 1.21
CA ALA A 23 4.68 8.80 1.14
C ALA A 23 4.90 9.67 -0.10
N ALA A 24 3.84 10.36 -0.53
CA ALA A 24 3.94 11.23 -1.71
C ALA A 24 2.90 12.35 -1.68
N LYS A 25 3.36 13.56 -1.95
CA LYS A 25 2.48 14.74 -1.96
C LYS A 25 2.65 15.52 -3.26
N GLY A 26 1.90 16.62 -3.39
CA GLY A 26 1.98 17.44 -4.58
C GLY A 26 1.17 18.71 -4.43
N ALA A 27 0.50 19.11 -5.50
CA ALA A 27 -0.33 20.31 -5.47
C ALA A 27 -1.81 19.94 -5.42
N GLY A 28 -2.60 20.79 -4.75
CA GLY A 28 -4.03 20.52 -4.63
C GLY A 28 -4.29 19.21 -3.91
N GLN A 29 -3.46 18.92 -2.90
CA GLN A 29 -3.59 17.70 -2.13
C GLN A 29 -3.49 18.00 -0.64
N ASP A 30 -4.62 17.93 0.06
CA ASP A 30 -4.66 18.18 1.49
C ASP A 30 -4.45 16.90 2.30
N LYS A 31 -3.85 15.89 1.65
CA LYS A 31 -3.59 14.61 2.31
C LYS A 31 -2.26 14.02 1.82
N LEU A 32 -2.01 12.75 2.16
CA LEU A 32 -0.78 12.07 1.76
C LEU A 32 -1.09 10.64 1.33
N GLY A 33 -0.56 10.25 0.17
CA GLY A 33 -0.78 8.90 -0.34
C GLY A 33 0.27 7.91 0.13
N ILE A 34 -0.11 6.64 0.24
CA ILE A 34 0.80 5.59 0.68
C ILE A 34 1.21 4.69 -0.48
N TYR A 35 2.47 4.79 -0.89
CA TYR A 35 2.99 4.00 -2.00
C TYR A 35 3.86 2.83 -1.49
N VAL A 36 4.28 1.97 -2.41
CA VAL A 36 5.11 0.83 -2.06
C VAL A 36 6.53 0.98 -2.63
N LYS A 37 7.50 1.16 -1.74
CA LYS A 37 8.89 1.31 -2.14
C LYS A 37 9.36 0.06 -2.90
N SER A 38 9.12 -1.10 -2.31
CA SER A 38 9.51 -2.37 -2.91
C SER A 38 9.03 -3.56 -2.07
N VAL A 39 8.41 -4.53 -2.72
CA VAL A 39 7.91 -5.71 -2.03
C VAL A 39 9.04 -6.73 -1.85
N VAL A 40 9.23 -7.17 -0.61
CA VAL A 40 10.27 -8.13 -0.30
C VAL A 40 9.84 -9.55 -0.65
N LYS A 41 10.67 -10.24 -1.43
CA LYS A 41 10.37 -11.62 -1.84
C LYS A 41 10.27 -12.53 -0.62
N GLY A 42 9.17 -13.28 -0.55
CA GLY A 42 8.98 -14.20 0.57
C GLY A 42 7.75 -13.85 1.41
N GLY A 43 7.29 -12.61 1.30
CA GLY A 43 6.11 -12.18 2.05
C GLY A 43 4.83 -12.79 1.52
N ALA A 44 3.70 -12.20 1.89
CA ALA A 44 2.39 -12.69 1.45
C ALA A 44 1.92 -12.01 0.17
N ALA A 45 2.25 -10.73 0.01
CA ALA A 45 1.86 -9.97 -1.17
C ALA A 45 2.73 -10.30 -2.38
N ASP A 46 4.01 -10.59 -2.13
CA ASP A 46 4.94 -10.92 -3.21
C ASP A 46 4.59 -12.26 -3.87
N VAL A 47 4.36 -13.29 -3.05
CA VAL A 47 4.03 -14.61 -3.57
C VAL A 47 2.75 -14.59 -4.40
N ASP A 48 1.74 -13.85 -3.91
CA ASP A 48 0.47 -13.75 -4.62
C ASP A 48 0.65 -13.10 -5.99
N GLY A 49 1.56 -12.13 -6.07
CA GLY A 49 1.83 -11.45 -7.33
C GLY A 49 0.65 -10.61 -7.80
N ARG A 50 0.06 -9.85 -6.88
CA ARG A 50 -1.07 -8.98 -7.21
C ARG A 50 -0.62 -7.55 -7.46
N LEU A 51 0.41 -7.12 -6.72
CA LEU A 51 0.93 -5.77 -6.86
C LEU A 51 2.46 -5.78 -6.90
N ALA A 52 3.03 -4.84 -7.66
CA ALA A 52 4.48 -4.73 -7.80
C ALA A 52 5.01 -3.50 -7.08
N ALA A 53 6.28 -3.16 -7.33
CA ALA A 53 6.91 -2.00 -6.71
C ALA A 53 6.39 -0.70 -7.31
N GLY A 54 6.32 0.34 -6.48
CA GLY A 54 5.83 1.64 -6.94
C GLY A 54 4.34 1.64 -7.17
N ASP A 55 3.59 1.11 -6.19
CA ASP A 55 2.14 1.04 -6.27
C ASP A 55 1.50 1.91 -5.19
N GLN A 56 0.55 2.76 -5.60
CA GLN A 56 -0.15 3.64 -4.66
C GLN A 56 -1.26 2.89 -3.93
N LEU A 57 -1.47 3.25 -2.66
CA LEU A 57 -2.51 2.62 -1.84
C LEU A 57 -3.56 3.65 -1.43
N LEU A 58 -4.82 3.38 -1.81
CA LEU A 58 -5.92 4.27 -1.48
C LEU A 58 -6.50 3.95 -0.11
N SER A 59 -6.96 2.71 0.06
CA SER A 59 -7.54 2.27 1.33
C SER A 59 -6.93 0.94 1.78
N VAL A 60 -7.13 0.62 3.06
CA VAL A 60 -6.60 -0.62 3.63
C VAL A 60 -7.62 -1.27 4.57
N ASP A 61 -8.09 -2.45 4.19
CA ASP A 61 -9.07 -3.20 4.98
C ASP A 61 -10.36 -2.39 5.19
N GLY A 62 -10.63 -1.45 4.27
CA GLY A 62 -11.82 -0.63 4.38
C GLY A 62 -11.61 0.60 5.27
N ARG A 63 -10.37 1.09 5.32
CA ARG A 63 -10.03 2.25 6.13
C ARG A 63 -9.39 3.34 5.25
N SER A 64 -9.41 4.57 5.76
CA SER A 64 -8.83 5.69 5.04
C SER A 64 -7.46 6.07 5.61
N LEU A 65 -6.42 5.88 4.79
CA LEU A 65 -5.07 6.21 5.21
C LEU A 65 -4.49 7.36 4.38
N VAL A 66 -5.36 8.27 3.96
CA VAL A 66 -4.95 9.42 3.17
C VAL A 66 -5.16 10.72 3.93
N GLY A 67 -4.07 11.23 4.50
CA GLY A 67 -4.14 12.46 5.27
C GLY A 67 -3.17 12.46 6.45
N LEU A 68 -2.99 11.30 7.06
CA LEU A 68 -2.07 11.16 8.19
C LEU A 68 -0.66 10.89 7.71
N SER A 69 0.31 10.99 8.63
CA SER A 69 1.70 10.73 8.29
C SER A 69 1.89 9.28 7.88
N GLN A 70 2.96 9.00 7.13
CA GLN A 70 3.25 7.64 6.68
C GLN A 70 3.25 6.66 7.86
N GLU A 71 3.63 7.15 9.03
CA GLU A 71 3.68 6.33 10.24
C GLU A 71 2.31 5.70 10.51
N ARG A 72 1.27 6.52 10.55
CA ARG A 72 -0.09 6.04 10.80
C ARG A 72 -0.52 5.03 9.74
N ALA A 73 -0.21 5.34 8.47
CA ALA A 73 -0.58 4.46 7.36
C ALA A 73 0.20 3.15 7.40
N ALA A 74 1.54 3.23 7.30
CA ALA A 74 2.38 2.05 7.33
C ALA A 74 2.13 1.21 8.60
N GLU A 75 1.87 1.89 9.72
CA GLU A 75 1.63 1.20 10.97
C GLU A 75 0.22 0.57 11.00
N LEU A 76 -0.74 1.23 10.36
CA LEU A 76 -2.11 0.72 10.32
C LEU A 76 -2.19 -0.55 9.46
N MET A 77 -1.54 -0.53 8.31
CA MET A 77 -1.55 -1.68 7.40
C MET A 77 -0.96 -2.92 8.07
N THR A 78 0.25 -2.79 8.62
CA THR A 78 0.90 -3.92 9.29
C THR A 78 0.08 -4.39 10.49
N ARG A 79 -0.53 -3.44 11.19
CA ARG A 79 -1.36 -3.76 12.36
C ARG A 79 -2.80 -4.07 11.97
N THR A 80 -2.98 -5.01 11.04
CA THR A 80 -4.33 -5.41 10.59
C THR A 80 -4.69 -6.79 11.10
N SER A 81 -5.92 -7.23 10.82
CA SER A 81 -6.39 -8.55 11.24
C SER A 81 -5.73 -9.64 10.39
N SER A 82 -6.16 -10.89 10.58
CA SER A 82 -5.61 -12.02 9.83
C SER A 82 -5.67 -11.76 8.33
N VAL A 83 -6.72 -11.06 7.89
CA VAL A 83 -6.89 -10.74 6.48
C VAL A 83 -6.63 -9.25 6.22
N VAL A 84 -6.18 -8.94 5.00
CA VAL A 84 -5.88 -7.55 4.63
C VAL A 84 -6.38 -7.24 3.22
N THR A 85 -7.31 -6.29 3.11
CA THR A 85 -7.87 -5.89 1.83
C THR A 85 -7.30 -4.56 1.37
N LEU A 86 -6.23 -4.62 0.56
CA LEU A 86 -5.58 -3.41 0.05
C LEU A 86 -6.05 -3.08 -1.37
N GLU A 87 -6.27 -1.79 -1.63
CA GLU A 87 -6.71 -1.34 -2.96
C GLU A 87 -5.64 -0.46 -3.59
N VAL A 88 -4.86 -1.04 -4.49
CA VAL A 88 -3.79 -0.31 -5.18
C VAL A 88 -4.20 0.08 -6.60
N ALA A 89 -3.34 0.88 -7.25
CA ALA A 89 -3.58 1.33 -8.62
C ALA A 89 -2.43 0.96 -9.54
N LYS A 90 -2.74 0.23 -10.61
CA LYS A 90 -1.72 -0.19 -11.58
C LYS A 90 -1.39 0.96 -12.53
N GLN A 91 -0.31 1.67 -12.22
CA GLN A 91 0.13 2.81 -13.03
C GLN A 91 1.64 2.77 -13.25
N GLY A 92 2.17 3.82 -13.87
CA GLY A 92 3.61 3.89 -14.12
C GLY A 92 3.91 4.31 -15.54
N ALA A 93 4.95 5.15 -15.69
CA ALA A 93 5.37 5.66 -17.00
C ALA A 93 4.27 6.48 -17.66
N LEU B 1 8.42 11.03 6.80
CA LEU B 1 9.44 9.95 6.62
C LEU B 1 8.89 8.83 5.74
N PHE B 2 9.70 8.38 4.78
CA PHE B 2 9.30 7.32 3.87
C PHE B 2 10.12 6.05 4.11
N SER B 3 9.65 4.93 3.57
CA SER B 3 10.33 3.65 3.71
C SER B 3 10.38 3.21 5.18
N THR B 4 9.32 2.55 5.64
CA THR B 4 9.24 2.08 7.02
C THR B 4 8.69 0.66 7.12
N GLU B 5 8.72 -0.06 6.00
CA GLU B 5 8.22 -1.43 5.94
C GLU B 5 6.74 -1.51 6.33
N VAL B 6 6.17 -2.70 6.20
CA VAL B 6 4.76 -2.92 6.54
C VAL B 6 4.33 -4.37 6.26
N MET A 1 -4.28 14.90 -15.79
CA MET A 1 -4.94 13.99 -14.82
C MET A 1 -5.19 12.61 -15.44
N LYS A 2 -4.20 11.72 -15.34
CA LYS A 2 -4.33 10.36 -15.89
C LYS A 2 -5.39 9.57 -15.13
N GLU A 3 -5.77 8.41 -15.67
CA GLU A 3 -6.77 7.57 -15.04
C GLU A 3 -6.16 6.24 -14.57
N PRO A 4 -5.60 6.21 -13.35
CA PRO A 4 -4.97 5.02 -12.78
C PRO A 4 -5.96 3.86 -12.60
N GLU A 5 -5.46 2.73 -12.09
CA GLU A 5 -6.30 1.56 -11.87
C GLU A 5 -6.14 1.05 -10.44
N ILE A 6 -7.03 1.50 -9.58
CA ILE A 6 -7.01 1.10 -8.18
C ILE A 6 -7.72 -0.24 -7.97
N ILE A 7 -6.96 -1.26 -7.59
CA ILE A 7 -7.51 -2.58 -7.36
C ILE A 7 -7.18 -3.08 -5.94
N THR A 8 -8.15 -3.75 -5.32
CA THR A 8 -7.97 -4.27 -3.96
C THR A 8 -7.75 -5.78 -3.98
N VAL A 9 -6.86 -6.26 -3.11
CA VAL A 9 -6.55 -7.69 -3.00
C VAL A 9 -6.87 -8.23 -1.61
N THR A 10 -7.64 -9.31 -1.55
CA THR A 10 -8.01 -9.93 -0.29
C THR A 10 -7.13 -11.14 0.00
N LEU A 11 -6.17 -10.97 0.91
CA LEU A 11 -5.26 -12.05 1.27
C LEU A 11 -4.91 -12.01 2.76
N LYS A 12 -4.65 -13.19 3.34
CA LYS A 12 -4.31 -13.30 4.75
C LYS A 12 -2.81 -13.10 4.97
N LYS A 13 -2.42 -12.93 6.24
CA LYS A 13 -1.02 -12.74 6.59
C LYS A 13 -0.25 -14.05 6.54
N GLN A 14 0.84 -14.07 5.76
CA GLN A 14 1.67 -15.27 5.64
C GLN A 14 3.09 -14.97 6.08
N ASN A 15 3.35 -15.08 7.38
CA ASN A 15 4.66 -14.81 7.95
C ASN A 15 5.12 -13.38 7.63
N GLY A 16 4.16 -12.45 7.59
CA GLY A 16 4.47 -11.06 7.30
C GLY A 16 4.23 -10.70 5.85
N MET A 17 4.05 -9.41 5.57
CA MET A 17 3.82 -8.94 4.21
C MET A 17 5.13 -8.90 3.43
N GLY A 18 6.16 -8.29 4.03
CA GLY A 18 7.46 -8.20 3.39
C GLY A 18 7.44 -7.27 2.19
N LEU A 19 7.41 -5.96 2.46
CA LEU A 19 7.39 -4.96 1.40
C LEU A 19 7.82 -3.58 1.94
N SER A 20 7.97 -2.62 1.04
CA SER A 20 8.39 -1.26 1.44
C SER A 20 7.37 -0.23 0.95
N ILE A 21 7.23 0.87 1.70
CA ILE A 21 6.27 1.93 1.33
C ILE A 21 6.86 3.32 1.52
N VAL A 22 6.33 4.29 0.76
CA VAL A 22 6.77 5.68 0.82
C VAL A 22 5.62 6.64 0.55
N ALA A 23 5.52 7.68 1.38
CA ALA A 23 4.48 8.69 1.24
C ALA A 23 4.92 9.81 0.30
N ALA A 24 3.99 10.36 -0.48
CA ALA A 24 4.31 11.45 -1.41
C ALA A 24 3.06 12.25 -1.79
N LYS A 25 3.27 13.48 -2.27
CA LYS A 25 2.17 14.36 -2.69
C LYS A 25 2.33 14.79 -4.14
N GLY A 26 1.38 15.58 -4.64
CA GLY A 26 1.43 16.05 -6.01
C GLY A 26 0.57 17.29 -6.22
N ALA A 27 -0.06 17.39 -7.39
CA ALA A 27 -0.92 18.52 -7.68
C ALA A 27 -2.37 18.10 -7.73
N GLY A 28 -3.27 19.03 -7.38
CA GLY A 28 -4.69 18.73 -7.37
C GLY A 28 -5.01 17.56 -6.45
N GLN A 29 -4.19 17.41 -5.42
CA GLN A 29 -4.34 16.33 -4.45
C GLN A 29 -3.91 16.79 -3.06
N ASP A 30 -4.88 16.99 -2.17
CA ASP A 30 -4.60 17.43 -0.81
C ASP A 30 -4.57 16.25 0.16
N LYS A 31 -4.03 15.11 -0.30
CA LYS A 31 -3.93 13.91 0.52
C LYS A 31 -2.52 13.31 0.41
N LEU A 32 -2.38 12.05 0.83
CA LEU A 32 -1.09 11.38 0.77
C LEU A 32 -1.28 9.88 0.54
N GLY A 33 -0.63 9.36 -0.50
CA GLY A 33 -0.74 7.96 -0.83
C GLY A 33 0.46 7.16 -0.33
N ILE A 34 0.18 5.98 0.23
CA ILE A 34 1.24 5.11 0.74
C ILE A 34 1.78 4.21 -0.37
N TYR A 35 2.55 4.81 -1.28
CA TYR A 35 3.14 4.09 -2.40
C TYR A 35 4.07 2.97 -1.91
N VAL A 36 4.33 2.01 -2.79
CA VAL A 36 5.21 0.89 -2.45
C VAL A 36 6.60 1.08 -3.04
N LYS A 37 7.59 1.23 -2.17
CA LYS A 37 8.98 1.42 -2.61
C LYS A 37 9.50 0.17 -3.34
N SER A 38 9.26 -0.99 -2.74
CA SER A 38 9.69 -2.26 -3.32
C SER A 38 9.26 -3.44 -2.44
N VAL A 39 8.54 -4.39 -3.03
CA VAL A 39 8.06 -5.56 -2.30
C VAL A 39 9.22 -6.52 -2.02
N VAL A 40 9.18 -7.14 -0.83
CA VAL A 40 10.23 -8.08 -0.43
C VAL A 40 9.87 -9.51 -0.81
N LYS A 41 10.85 -10.25 -1.32
CA LYS A 41 10.64 -11.63 -1.73
C LYS A 41 10.21 -12.50 -0.55
N GLY A 42 9.48 -13.58 -0.85
CA GLY A 42 9.02 -14.48 0.20
C GLY A 42 7.91 -13.87 1.04
N GLY A 43 7.31 -12.78 0.55
CA GLY A 43 6.23 -12.14 1.27
C GLY A 43 4.86 -12.67 0.86
N ALA A 44 3.87 -12.47 1.73
CA ALA A 44 2.50 -12.92 1.46
C ALA A 44 1.96 -12.34 0.15
N ALA A 45 2.32 -11.09 -0.15
CA ALA A 45 1.87 -10.42 -1.37
C ALA A 45 2.75 -10.81 -2.56
N ASP A 46 4.05 -11.01 -2.31
CA ASP A 46 4.99 -11.37 -3.36
C ASP A 46 4.72 -12.77 -3.89
N VAL A 47 4.53 -13.73 -2.98
CA VAL A 47 4.27 -15.11 -3.37
C VAL A 47 2.94 -15.24 -4.12
N ASP A 48 1.89 -14.61 -3.60
CA ASP A 48 0.57 -14.65 -4.23
C ASP A 48 0.60 -14.02 -5.61
N GLY A 49 1.27 -12.87 -5.72
CA GLY A 49 1.36 -12.18 -7.01
C GLY A 49 0.12 -11.38 -7.33
N ARG A 50 -0.15 -10.35 -6.53
CA ARG A 50 -1.31 -9.49 -6.75
C ARG A 50 -0.95 -8.01 -6.56
N LEU A 51 0.34 -7.69 -6.74
CA LEU A 51 0.82 -6.32 -6.60
C LEU A 51 2.32 -6.23 -6.85
N ALA A 52 2.87 -5.03 -6.79
CA ALA A 52 4.30 -4.81 -7.03
C ALA A 52 4.74 -3.43 -6.53
N ALA A 53 5.97 -3.04 -6.86
CA ALA A 53 6.50 -1.74 -6.46
C ALA A 53 5.84 -0.61 -7.23
N GLY A 54 5.93 0.61 -6.69
CA GLY A 54 5.32 1.77 -7.34
C GLY A 54 3.81 1.66 -7.40
N ASP A 55 3.21 1.01 -6.41
CA ASP A 55 1.77 0.84 -6.36
C ASP A 55 1.15 1.86 -5.40
N GLN A 56 0.20 2.63 -5.92
CA GLN A 56 -0.48 3.65 -5.12
C GLN A 56 -1.54 3.03 -4.22
N LEU A 57 -1.36 3.17 -2.90
CA LEU A 57 -2.30 2.62 -1.94
C LEU A 57 -3.40 3.63 -1.61
N LEU A 58 -4.64 3.13 -1.56
CA LEU A 58 -5.79 3.98 -1.26
C LEU A 58 -6.34 3.68 0.13
N SER A 59 -6.82 2.44 0.32
CA SER A 59 -7.37 2.02 1.60
C SER A 59 -6.73 0.72 2.09
N VAL A 60 -6.57 0.61 3.40
CA VAL A 60 -5.97 -0.58 4.00
C VAL A 60 -6.94 -1.25 4.97
N ASP A 61 -7.31 -2.49 4.67
CA ASP A 61 -8.24 -3.25 5.51
C ASP A 61 -9.60 -2.54 5.61
N GLY A 62 -9.97 -1.84 4.53
CA GLY A 62 -11.24 -1.12 4.53
C GLY A 62 -11.17 0.24 5.19
N ARG A 63 -10.02 0.56 5.81
CA ARG A 63 -9.85 1.85 6.49
C ARG A 63 -9.50 2.94 5.49
N SER A 64 -9.82 4.19 5.86
CA SER A 64 -9.54 5.33 5.00
C SER A 64 -8.24 6.02 5.40
N LEU A 65 -7.17 5.74 4.66
CA LEU A 65 -5.87 6.35 4.95
C LEU A 65 -5.49 7.35 3.86
N VAL A 66 -6.46 8.17 3.46
CA VAL A 66 -6.23 9.18 2.43
C VAL A 66 -6.04 10.56 3.06
N GLY A 67 -4.78 10.97 3.17
CA GLY A 67 -4.46 12.26 3.76
C GLY A 67 -3.53 12.14 4.96
N LEU A 68 -3.62 11.02 5.68
CA LEU A 68 -2.80 10.78 6.86
C LEU A 68 -1.32 10.67 6.48
N SER A 69 -0.46 10.70 7.50
CA SER A 69 0.98 10.59 7.29
C SER A 69 1.40 9.13 7.25
N GLN A 70 2.64 8.88 6.82
CA GLN A 70 3.16 7.51 6.75
C GLN A 70 3.10 6.83 8.11
N GLU A 71 3.22 7.62 9.18
CA GLU A 71 3.18 7.09 10.54
C GLU A 71 1.89 6.33 10.79
N ARG A 72 0.75 6.99 10.58
CA ARG A 72 -0.55 6.37 10.76
C ARG A 72 -0.74 5.20 9.80
N ALA A 73 -0.40 5.44 8.52
CA ALA A 73 -0.52 4.42 7.49
C ALA A 73 0.32 3.19 7.84
N ALA A 74 1.62 3.38 8.01
CA ALA A 74 2.53 2.29 8.36
C ALA A 74 1.99 1.47 9.54
N GLU A 75 1.58 2.17 10.60
CA GLU A 75 1.04 1.51 11.80
C GLU A 75 -0.21 0.70 11.48
N LEU A 76 -1.26 1.38 11.02
CA LEU A 76 -2.53 0.71 10.69
C LEU A 76 -2.32 -0.41 9.67
N MET A 77 -1.32 -0.26 8.79
CA MET A 77 -1.04 -1.26 7.76
C MET A 77 -0.55 -2.56 8.40
N THR A 78 0.60 -2.51 9.06
CA THR A 78 1.16 -3.70 9.71
C THR A 78 0.23 -4.20 10.81
N ARG A 79 -0.43 -3.27 11.50
CA ARG A 79 -1.35 -3.61 12.57
C ARG A 79 -2.76 -3.90 12.02
N THR A 80 -2.84 -4.75 11.00
CA THR A 80 -4.13 -5.11 10.40
C THR A 80 -4.67 -6.39 11.02
N SER A 81 -5.93 -6.71 10.72
CA SER A 81 -6.57 -7.91 11.25
C SER A 81 -6.06 -9.17 10.53
N SER A 82 -6.71 -10.31 10.76
CA SER A 82 -6.32 -11.57 10.14
C SER A 82 -6.16 -11.40 8.62
N VAL A 83 -7.22 -10.90 7.98
CA VAL A 83 -7.19 -10.67 6.53
C VAL A 83 -6.59 -9.31 6.21
N VAL A 84 -5.90 -9.22 5.07
CA VAL A 84 -5.28 -7.97 4.66
C VAL A 84 -5.80 -7.53 3.28
N THR A 85 -6.55 -6.43 3.28
CA THR A 85 -7.11 -5.90 2.04
C THR A 85 -6.44 -4.57 1.67
N LEU A 86 -5.57 -4.61 0.65
CA LEU A 86 -4.87 -3.42 0.20
C LEU A 86 -5.29 -3.05 -1.22
N GLU A 87 -5.62 -1.77 -1.43
CA GLU A 87 -6.03 -1.28 -2.73
C GLU A 87 -4.89 -0.53 -3.40
N VAL A 88 -4.14 -1.23 -4.25
CA VAL A 88 -3.01 -0.63 -4.95
C VAL A 88 -3.45 -0.03 -6.29
N ALA A 89 -2.53 0.67 -6.94
CA ALA A 89 -2.82 1.30 -8.22
C ALA A 89 -1.76 0.98 -9.27
N LYS A 90 -2.17 0.32 -10.35
CA LYS A 90 -1.25 -0.04 -11.43
C LYS A 90 -0.54 1.19 -11.97
N GLN A 91 0.75 1.30 -11.64
CA GLN A 91 1.55 2.44 -12.07
C GLN A 91 1.83 2.37 -13.58
N GLY A 92 2.58 3.35 -14.08
CA GLY A 92 2.91 3.40 -15.48
C GLY A 92 2.64 4.77 -16.10
N ALA A 93 3.49 5.15 -17.05
CA ALA A 93 3.35 6.44 -17.72
C ALA A 93 2.24 6.40 -18.77
N LEU B 1 7.07 10.90 8.33
CA LEU B 1 7.70 9.65 7.83
C LEU B 1 7.32 9.37 6.37
N PHE B 2 8.11 8.52 5.71
CA PHE B 2 7.86 8.17 4.31
C PHE B 2 8.77 7.03 3.85
N SER B 3 9.04 6.09 4.75
CA SER B 3 9.92 4.95 4.44
C SER B 3 9.73 3.82 5.46
N THR B 4 8.65 3.06 5.31
CA THR B 4 8.35 1.95 6.22
C THR B 4 8.84 0.62 5.63
N GLU B 5 8.20 -0.49 6.01
CA GLU B 5 8.59 -1.81 5.52
C GLU B 5 7.60 -2.84 6.06
N VAL B 6 6.33 -2.52 5.92
CA VAL B 6 5.26 -3.37 6.40
C VAL B 6 5.35 -4.78 5.82
N MET A 1 -5.45 13.33 -17.10
CA MET A 1 -5.87 12.87 -18.46
C MET A 1 -5.80 11.34 -18.59
N LYS A 2 -4.75 10.73 -18.03
CA LYS A 2 -4.57 9.28 -18.09
C LYS A 2 -5.51 8.58 -17.12
N GLU A 3 -5.76 7.29 -17.37
CA GLU A 3 -6.64 6.50 -16.51
C GLU A 3 -5.90 5.32 -15.89
N PRO A 4 -5.56 5.41 -14.59
CA PRO A 4 -4.84 4.35 -13.87
C PRO A 4 -5.71 3.10 -13.65
N GLU A 5 -5.22 2.17 -12.84
CA GLU A 5 -5.95 0.94 -12.56
C GLU A 5 -5.97 0.64 -11.06
N ILE A 6 -7.10 0.92 -10.44
CA ILE A 6 -7.27 0.69 -9.00
C ILE A 6 -7.95 -0.66 -8.75
N ILE A 7 -7.36 -1.45 -7.83
CA ILE A 7 -7.90 -2.76 -7.50
C ILE A 7 -7.57 -3.14 -6.06
N THR A 8 -8.39 -4.00 -5.47
CA THR A 8 -8.18 -4.45 -4.09
C THR A 8 -8.05 -5.97 -4.02
N VAL A 9 -7.02 -6.45 -3.31
CA VAL A 9 -6.78 -7.88 -3.17
C VAL A 9 -6.93 -8.31 -1.72
N THR A 10 -7.60 -9.46 -1.51
CA THR A 10 -7.81 -9.99 -0.17
C THR A 10 -6.83 -11.13 0.11
N LEU A 11 -5.90 -10.89 1.04
CA LEU A 11 -4.90 -11.90 1.41
C LEU A 11 -4.75 -12.01 2.92
N LYS A 12 -4.04 -13.04 3.38
CA LYS A 12 -3.82 -13.26 4.80
C LYS A 12 -2.35 -13.01 5.16
N LYS A 13 -2.11 -12.72 6.44
CA LYS A 13 -0.75 -12.47 6.91
C LYS A 13 -0.05 -13.78 7.29
N GLN A 14 0.26 -14.59 6.27
CA GLN A 14 0.92 -15.88 6.49
C GLN A 14 2.07 -15.77 7.50
N ASN A 15 2.83 -14.69 7.39
CA ASN A 15 3.97 -14.44 8.29
C ASN A 15 4.54 -13.05 8.04
N GLY A 16 3.65 -12.06 7.91
CA GLY A 16 4.06 -10.69 7.66
C GLY A 16 3.92 -10.30 6.20
N MET A 17 3.72 -9.01 5.95
CA MET A 17 3.56 -8.51 4.58
C MET A 17 4.91 -8.47 3.86
N GLY A 18 5.90 -7.84 4.50
CA GLY A 18 7.22 -7.75 3.92
C GLY A 18 7.25 -6.94 2.63
N LEU A 19 7.28 -5.61 2.77
CA LEU A 19 7.32 -4.72 1.61
C LEU A 19 7.81 -3.33 2.01
N SER A 20 7.89 -2.43 1.04
CA SER A 20 8.34 -1.06 1.29
C SER A 20 7.30 -0.04 0.81
N ILE A 21 7.13 1.04 1.58
CA ILE A 21 6.17 2.09 1.23
C ILE A 21 6.76 3.49 1.43
N VAL A 22 6.19 4.48 0.73
CA VAL A 22 6.66 5.87 0.82
C VAL A 22 5.48 6.85 0.69
N ALA A 23 5.60 8.01 1.36
CA ALA A 23 4.55 9.02 1.32
C ALA A 23 4.92 10.16 0.37
N ALA A 24 3.98 10.54 -0.50
CA ALA A 24 4.21 11.61 -1.47
C ALA A 24 2.97 12.48 -1.63
N LYS A 25 3.21 13.78 -1.89
CA LYS A 25 2.12 14.74 -2.07
C LYS A 25 2.22 15.42 -3.44
N GLY A 26 1.28 16.33 -3.71
CA GLY A 26 1.29 17.05 -4.98
C GLY A 26 0.42 18.29 -4.91
N ALA A 27 -0.30 18.56 -5.99
CA ALA A 27 -1.18 19.72 -6.04
C ALA A 27 -2.63 19.30 -6.01
N GLY A 28 -3.48 20.13 -5.40
CA GLY A 28 -4.90 19.80 -5.29
C GLY A 28 -5.12 18.50 -4.55
N GLN A 29 -4.36 18.30 -3.48
CA GLN A 29 -4.44 17.09 -2.68
C GLN A 29 -4.49 17.44 -1.19
N ASP A 30 -5.66 17.30 -0.59
CA ASP A 30 -5.84 17.58 0.84
C ASP A 30 -5.60 16.31 1.67
N LYS A 31 -4.83 15.36 1.12
CA LYS A 31 -4.53 14.12 1.81
C LYS A 31 -3.10 13.66 1.50
N LEU A 32 -2.80 12.40 1.81
CA LEU A 32 -1.46 11.85 1.57
C LEU A 32 -1.57 10.42 1.04
N GLY A 33 -0.79 10.11 0.01
CA GLY A 33 -0.80 8.79 -0.58
C GLY A 33 0.45 7.99 -0.25
N ILE A 34 0.25 6.78 0.27
CA ILE A 34 1.37 5.90 0.63
C ILE A 34 1.67 4.92 -0.50
N TYR A 35 2.62 5.30 -1.35
CA TYR A 35 3.02 4.47 -2.49
C TYR A 35 3.94 3.33 -2.07
N VAL A 36 4.16 2.37 -2.98
CA VAL A 36 5.03 1.22 -2.69
C VAL A 36 6.42 1.41 -3.32
N LYS A 37 7.46 1.14 -2.54
CA LYS A 37 8.84 1.27 -3.00
C LYS A 37 9.39 -0.09 -3.45
N SER A 38 9.06 -1.14 -2.68
CA SER A 38 9.53 -2.49 -3.00
C SER A 38 8.66 -3.55 -2.30
N VAL A 39 8.92 -4.83 -2.61
CA VAL A 39 8.17 -5.93 -2.01
C VAL A 39 9.11 -7.06 -1.61
N VAL A 40 9.07 -7.43 -0.33
CA VAL A 40 9.91 -8.50 0.20
C VAL A 40 9.34 -9.87 -0.14
N LYS A 41 10.22 -10.87 -0.22
CA LYS A 41 9.81 -12.24 -0.53
C LYS A 41 9.08 -12.88 0.65
N GLY A 42 8.22 -13.84 0.35
CA GLY A 42 7.47 -14.53 1.40
C GLY A 42 6.28 -13.73 1.91
N GLY A 43 5.96 -12.62 1.25
CA GLY A 43 4.84 -11.79 1.67
C GLY A 43 3.57 -12.11 0.90
N ALA A 44 2.42 -11.79 1.49
CA ALA A 44 1.13 -12.04 0.86
C ALA A 44 1.06 -11.42 -0.54
N ALA A 45 1.55 -10.20 -0.67
CA ALA A 45 1.56 -9.50 -1.96
C ALA A 45 2.54 -10.14 -2.93
N ASP A 46 3.66 -10.64 -2.41
CA ASP A 46 4.68 -11.29 -3.24
C ASP A 46 4.23 -12.66 -3.70
N VAL A 47 3.68 -13.46 -2.78
CA VAL A 47 3.22 -14.81 -3.11
C VAL A 47 2.10 -14.77 -4.16
N ASP A 48 1.11 -13.91 -3.93
CA ASP A 48 -0.02 -13.78 -4.86
C ASP A 48 0.44 -13.23 -6.21
N GLY A 49 1.28 -12.20 -6.17
CA GLY A 49 1.79 -11.60 -7.40
C GLY A 49 0.73 -10.78 -8.13
N ARG A 50 -0.22 -10.22 -7.38
CA ARG A 50 -1.27 -9.40 -7.98
C ARG A 50 -0.77 -7.99 -8.29
N LEU A 51 -0.09 -7.39 -7.32
CA LEU A 51 0.46 -6.04 -7.49
C LEU A 51 1.98 -6.07 -7.58
N ALA A 52 2.57 -4.92 -7.93
CA ALA A 52 4.03 -4.81 -8.05
C ALA A 52 4.53 -3.52 -7.41
N ALA A 53 5.86 -3.33 -7.41
CA ALA A 53 6.48 -2.14 -6.84
C ALA A 53 6.17 -0.89 -7.66
N GLY A 54 5.94 0.22 -6.97
CA GLY A 54 5.65 1.47 -7.65
C GLY A 54 4.16 1.68 -7.88
N ASP A 55 3.36 1.38 -6.85
CA ASP A 55 1.90 1.53 -6.94
C ASP A 55 1.37 2.35 -5.78
N GLN A 56 0.32 3.14 -6.04
CA GLN A 56 -0.28 3.97 -5.00
C GLN A 56 -1.28 3.16 -4.17
N LEU A 57 -1.46 3.56 -2.91
CA LEU A 57 -2.39 2.86 -2.01
C LEU A 57 -3.57 3.74 -1.63
N LEU A 58 -4.73 3.09 -1.40
CA LEU A 58 -5.94 3.80 -1.01
C LEU A 58 -6.45 3.30 0.34
N SER A 59 -6.67 1.99 0.44
CA SER A 59 -7.17 1.38 1.68
C SER A 59 -6.45 0.07 2.01
N VAL A 60 -6.37 -0.25 3.30
CA VAL A 60 -5.72 -1.48 3.76
C VAL A 60 -6.46 -2.08 4.95
N ASP A 61 -7.15 -3.19 4.71
CA ASP A 61 -7.92 -3.88 5.76
C ASP A 61 -9.02 -2.96 6.31
N GLY A 62 -9.69 -2.24 5.42
CA GLY A 62 -10.76 -1.34 5.82
C GLY A 62 -10.24 -0.05 6.44
N ARG A 63 -9.14 0.47 5.92
CA ARG A 63 -8.56 1.71 6.43
C ARG A 63 -8.47 2.75 5.33
N SER A 64 -8.32 4.03 5.72
CA SER A 64 -8.21 5.12 4.77
C SER A 64 -6.82 5.75 4.80
N LEU A 65 -5.89 5.14 4.08
CA LEU A 65 -4.51 5.64 4.02
C LEU A 65 -4.46 7.05 3.45
N VAL A 66 -5.49 7.44 2.70
CA VAL A 66 -5.54 8.77 2.11
C VAL A 66 -5.97 9.81 3.14
N GLY A 67 -4.97 10.49 3.70
CA GLY A 67 -5.23 11.52 4.69
C GLY A 67 -4.56 11.24 6.04
N LEU A 68 -3.39 10.62 6.00
CA LEU A 68 -2.64 10.31 7.21
C LEU A 68 -1.15 10.28 6.93
N SER A 69 -0.35 10.31 7.99
CA SER A 69 1.11 10.31 7.85
C SER A 69 1.63 8.89 7.58
N GLN A 70 2.85 8.81 7.08
CA GLN A 70 3.47 7.52 6.78
C GLN A 70 3.51 6.62 8.02
N GLU A 71 3.66 7.24 9.20
CA GLU A 71 3.70 6.50 10.45
C GLU A 71 2.32 5.99 10.82
N ARG A 72 1.29 6.77 10.49
CA ARG A 72 -0.09 6.39 10.78
C ARG A 72 -0.58 5.32 9.79
N ALA A 73 -0.10 5.38 8.55
CA ALA A 73 -0.48 4.42 7.52
C ALA A 73 0.22 3.08 7.71
N ALA A 74 1.56 3.10 7.70
CA ALA A 74 2.35 1.89 7.88
C ALA A 74 1.99 1.17 9.19
N GLU A 75 1.84 1.94 10.27
CA GLU A 75 1.50 1.38 11.57
C GLU A 75 0.14 0.68 11.52
N LEU A 76 -0.81 1.28 10.80
CA LEU A 76 -2.14 0.71 10.68
C LEU A 76 -2.13 -0.53 9.78
N MET A 77 -1.24 -0.56 8.80
CA MET A 77 -1.13 -1.69 7.88
C MET A 77 -0.52 -2.91 8.56
N THR A 78 0.65 -2.75 9.17
CA THR A 78 1.31 -3.86 9.85
C THR A 78 0.43 -4.40 10.99
N ARG A 79 -0.23 -3.50 11.68
CA ARG A 79 -1.11 -3.87 12.80
C ARG A 79 -2.53 -4.18 12.31
N THR A 80 -2.65 -5.12 11.37
CA THR A 80 -3.95 -5.52 10.84
C THR A 80 -4.37 -6.90 11.35
N SER A 81 -5.56 -7.36 10.96
CA SER A 81 -6.06 -8.67 11.38
C SER A 81 -5.59 -9.76 10.42
N SER A 82 -6.15 -10.96 10.56
CA SER A 82 -5.79 -12.08 9.69
C SER A 82 -6.03 -11.73 8.23
N VAL A 83 -7.26 -11.31 7.92
CA VAL A 83 -7.63 -10.94 6.55
C VAL A 83 -7.25 -9.48 6.26
N VAL A 84 -6.73 -9.23 5.07
CA VAL A 84 -6.32 -7.89 4.66
C VAL A 84 -6.91 -7.51 3.30
N THR A 85 -7.11 -6.21 3.11
CA THR A 85 -7.67 -5.70 1.86
C THR A 85 -6.89 -4.47 1.38
N LEU A 86 -5.78 -4.72 0.69
CA LEU A 86 -4.94 -3.64 0.17
C LEU A 86 -5.37 -3.22 -1.23
N GLU A 87 -5.70 -1.94 -1.40
CA GLU A 87 -6.14 -1.41 -2.68
C GLU A 87 -5.03 -0.59 -3.33
N VAL A 88 -4.29 -1.23 -4.24
CA VAL A 88 -3.19 -0.56 -4.93
C VAL A 88 -3.65 0.05 -6.25
N ALA A 89 -2.75 0.78 -6.90
CA ALA A 89 -3.06 1.42 -8.18
C ALA A 89 -2.02 1.06 -9.23
N LYS A 90 -2.38 0.13 -10.12
CA LYS A 90 -1.49 -0.31 -11.19
C LYS A 90 -1.04 0.88 -12.04
N GLN A 91 0.21 1.31 -11.81
CA GLN A 91 0.78 2.43 -12.54
C GLN A 91 2.02 2.01 -13.33
N GLY A 92 2.77 3.00 -13.82
CA GLY A 92 3.98 2.70 -14.57
C GLY A 92 4.66 3.95 -15.09
N ALA A 93 5.97 4.00 -14.93
CA ALA A 93 6.76 5.13 -15.38
C ALA A 93 7.26 4.93 -16.80
N LEU B 1 6.68 11.38 4.50
CA LEU B 1 7.61 11.80 3.41
C LEU B 1 8.94 11.02 3.50
N PHE B 2 8.86 9.73 3.83
CA PHE B 2 10.05 8.88 3.95
C PHE B 2 9.75 7.47 3.46
N SER B 3 10.66 6.52 3.74
CA SER B 3 10.48 5.14 3.31
C SER B 3 10.28 4.21 4.51
N THR B 4 9.24 3.38 4.44
CA THR B 4 8.92 2.43 5.52
C THR B 4 8.85 1.01 4.97
N GLU B 5 8.99 0.03 5.87
CA GLU B 5 8.95 -1.38 5.48
C GLU B 5 7.88 -2.12 6.29
N VAL B 6 6.63 -1.97 5.87
CA VAL B 6 5.50 -2.60 6.54
C VAL B 6 5.44 -4.11 6.27
N MET A 1 -11.34 12.43 -17.58
CA MET A 1 -9.86 12.36 -17.45
C MET A 1 -9.35 10.92 -17.60
N LYS A 2 -8.03 10.73 -17.53
CA LYS A 2 -7.44 9.40 -17.66
C LYS A 2 -7.52 8.65 -16.33
N GLU A 3 -8.59 7.85 -16.17
CA GLU A 3 -8.79 7.07 -14.95
C GLU A 3 -7.84 5.88 -14.89
N PRO A 4 -6.94 5.85 -13.88
CA PRO A 4 -5.96 4.76 -13.72
C PRO A 4 -6.61 3.40 -13.46
N GLU A 5 -5.81 2.44 -12.99
CA GLU A 5 -6.32 1.10 -12.70
C GLU A 5 -6.25 0.80 -11.20
N ILE A 6 -7.37 1.03 -10.53
CA ILE A 6 -7.45 0.78 -9.09
C ILE A 6 -8.11 -0.57 -8.81
N ILE A 7 -7.44 -1.40 -8.01
CA ILE A 7 -7.96 -2.73 -7.65
C ILE A 7 -7.61 -3.10 -6.21
N THR A 8 -8.48 -3.88 -5.58
CA THR A 8 -8.27 -4.30 -4.21
C THR A 8 -8.08 -5.82 -4.13
N VAL A 9 -6.92 -6.24 -3.61
CA VAL A 9 -6.62 -7.66 -3.46
C VAL A 9 -6.97 -8.16 -2.07
N THR A 10 -7.26 -9.46 -1.96
CA THR A 10 -7.62 -10.07 -0.69
C THR A 10 -6.69 -11.25 -0.36
N LEU A 11 -5.79 -11.05 0.59
CA LEU A 11 -4.85 -12.08 1.00
C LEU A 11 -4.68 -12.13 2.52
N LYS A 12 -4.03 -13.19 3.01
CA LYS A 12 -3.80 -13.35 4.44
C LYS A 12 -2.35 -13.03 4.81
N LYS A 13 -2.05 -13.06 6.10
CA LYS A 13 -0.70 -12.77 6.58
C LYS A 13 0.18 -14.03 6.59
N GLN A 14 1.41 -13.89 6.09
CA GLN A 14 2.35 -15.00 6.04
C GLN A 14 3.68 -14.60 6.69
N ASN A 15 3.76 -14.74 8.01
CA ASN A 15 4.96 -14.39 8.76
C ASN A 15 5.35 -12.92 8.50
N GLY A 16 4.34 -12.07 8.37
CA GLY A 16 4.56 -10.66 8.12
C GLY A 16 4.42 -10.31 6.65
N MET A 17 3.89 -9.11 6.38
CA MET A 17 3.70 -8.67 4.99
C MET A 17 5.04 -8.51 4.29
N GLY A 18 5.99 -7.84 4.96
CA GLY A 18 7.31 -7.64 4.38
C GLY A 18 7.28 -6.81 3.12
N LEU A 19 7.26 -5.49 3.28
CA LEU A 19 7.24 -4.57 2.13
C LEU A 19 7.71 -3.17 2.56
N SER A 20 7.72 -2.24 1.61
CA SER A 20 8.15 -0.87 1.88
C SER A 20 7.15 0.15 1.32
N ILE A 21 6.94 1.24 2.06
CA ILE A 21 6.01 2.29 1.64
C ILE A 21 6.57 3.69 1.88
N VAL A 22 6.34 4.59 0.91
CA VAL A 22 6.81 5.96 1.01
C VAL A 22 5.68 6.95 0.74
N ALA A 23 5.56 7.96 1.60
CA ALA A 23 4.52 8.98 1.45
C ALA A 23 5.08 10.22 0.76
N ALA A 24 4.42 10.66 -0.31
CA ALA A 24 4.85 11.84 -1.05
C ALA A 24 3.68 12.79 -1.31
N LYS A 25 3.99 14.09 -1.35
CA LYS A 25 2.97 15.11 -1.59
C LYS A 25 3.29 15.93 -2.84
N GLY A 26 2.44 16.90 -3.16
CA GLY A 26 2.64 17.74 -4.33
C GLY A 26 1.81 18.99 -4.26
N ALA A 27 1.25 19.39 -5.39
CA ALA A 27 0.42 20.58 -5.44
C ALA A 27 -1.05 20.21 -5.64
N GLY A 28 -1.94 20.97 -5.01
CA GLY A 28 -3.37 20.70 -5.11
C GLY A 28 -3.71 19.32 -4.59
N GLN A 29 -3.13 18.98 -3.43
CA GLN A 29 -3.34 17.68 -2.81
C GLN A 29 -3.57 17.82 -1.31
N ASP A 30 -4.81 17.60 -0.88
CA ASP A 30 -5.15 17.70 0.55
C ASP A 30 -5.04 16.34 1.24
N LYS A 31 -4.30 15.42 0.62
CA LYS A 31 -4.09 14.08 1.18
C LYS A 31 -2.65 13.62 0.97
N LEU A 32 -2.40 12.32 1.16
CA LEU A 32 -1.07 11.77 0.99
C LEU A 32 -1.12 10.44 0.23
N GLY A 33 -0.05 10.13 -0.49
CA GLY A 33 0.00 8.89 -1.25
C GLY A 33 1.01 7.90 -0.69
N ILE A 34 0.51 6.79 -0.13
CA ILE A 34 1.37 5.76 0.42
C ILE A 34 1.90 4.85 -0.67
N TYR A 35 2.83 5.38 -1.47
CA TYR A 35 3.43 4.63 -2.57
C TYR A 35 4.28 3.46 -2.06
N VAL A 36 4.45 2.44 -2.91
CA VAL A 36 5.24 1.27 -2.54
C VAL A 36 6.68 1.41 -3.01
N LYS A 37 7.61 1.33 -2.07
CA LYS A 37 9.04 1.44 -2.36
C LYS A 37 9.61 0.08 -2.77
N SER A 38 9.12 -0.99 -2.13
CA SER A 38 9.59 -2.34 -2.42
C SER A 38 8.72 -3.39 -1.74
N VAL A 39 8.99 -4.67 -2.02
CA VAL A 39 8.24 -5.77 -1.44
C VAL A 39 9.17 -6.91 -1.02
N VAL A 40 9.21 -7.21 0.28
CA VAL A 40 10.06 -8.28 0.80
C VAL A 40 9.57 -9.65 0.33
N LYS A 41 10.48 -10.41 -0.29
CA LYS A 41 10.15 -11.74 -0.79
C LYS A 41 9.78 -12.69 0.34
N GLY A 42 8.96 -13.69 0.02
CA GLY A 42 8.53 -14.65 1.01
C GLY A 42 7.13 -14.40 1.53
N GLY A 43 6.74 -13.13 1.55
CA GLY A 43 5.41 -12.77 2.02
C GLY A 43 4.32 -13.13 1.03
N ALA A 44 3.11 -13.33 1.54
CA ALA A 44 1.96 -13.68 0.68
C ALA A 44 1.75 -12.67 -0.43
N ALA A 45 2.11 -11.41 -0.18
CA ALA A 45 1.95 -10.34 -1.18
C ALA A 45 2.69 -10.66 -2.47
N ASP A 46 3.97 -11.01 -2.36
CA ASP A 46 4.79 -11.33 -3.54
C ASP A 46 4.48 -12.74 -4.06
N VAL A 47 4.17 -13.66 -3.13
CA VAL A 47 3.85 -15.04 -3.52
C VAL A 47 2.60 -15.07 -4.39
N ASP A 48 1.65 -14.18 -4.11
CA ASP A 48 0.41 -14.10 -4.86
C ASP A 48 0.65 -13.56 -6.26
N GLY A 49 1.47 -12.50 -6.36
CA GLY A 49 1.77 -11.90 -7.65
C GLY A 49 0.80 -10.79 -8.02
N ARG A 50 0.46 -9.95 -7.03
CA ARG A 50 -0.46 -8.83 -7.26
C ARG A 50 0.11 -7.54 -6.69
N LEU A 51 1.44 -7.42 -6.69
CA LEU A 51 2.10 -6.22 -6.17
C LEU A 51 3.43 -5.97 -6.89
N ALA A 52 3.91 -4.73 -6.80
CA ALA A 52 5.17 -4.34 -7.42
C ALA A 52 5.65 -2.98 -6.93
N ALA A 53 6.97 -2.83 -6.78
CA ALA A 53 7.53 -1.57 -6.31
C ALA A 53 7.25 -0.44 -7.30
N GLY A 54 6.80 0.69 -6.79
CA GLY A 54 6.48 1.83 -7.63
C GLY A 54 4.98 1.98 -7.87
N ASP A 55 4.18 1.54 -6.89
CA ASP A 55 2.72 1.63 -6.99
C ASP A 55 2.17 2.61 -5.96
N GLN A 56 0.84 2.75 -5.91
CA GLN A 56 0.20 3.65 -4.97
C GLN A 56 -0.89 2.94 -4.15
N LEU A 57 -1.12 3.43 -2.94
CA LEU A 57 -2.12 2.85 -2.05
C LEU A 57 -3.31 3.80 -1.86
N LEU A 58 -4.49 3.23 -1.64
CA LEU A 58 -5.70 4.00 -1.45
C LEU A 58 -6.40 3.64 -0.15
N SER A 59 -6.75 2.36 -0.01
CA SER A 59 -7.43 1.87 1.19
C SER A 59 -6.88 0.52 1.64
N VAL A 60 -7.00 0.24 2.94
CA VAL A 60 -6.52 -1.02 3.51
C VAL A 60 -7.54 -1.57 4.51
N ASP A 61 -7.91 -2.84 4.35
CA ASP A 61 -8.87 -3.48 5.24
C ASP A 61 -10.20 -2.71 5.25
N GLY A 62 -10.56 -2.13 4.10
CA GLY A 62 -11.80 -1.37 4.01
C GLY A 62 -11.75 -0.06 4.77
N ARG A 63 -10.55 0.44 5.04
CA ARG A 63 -10.38 1.69 5.78
C ARG A 63 -9.93 2.81 4.86
N SER A 64 -10.19 4.05 5.27
CA SER A 64 -9.80 5.22 4.49
C SER A 64 -8.54 5.86 5.06
N LEU A 65 -7.40 5.55 4.46
CA LEU A 65 -6.13 6.11 4.92
C LEU A 65 -5.63 7.18 3.95
N VAL A 66 -6.57 7.85 3.29
CA VAL A 66 -6.23 8.91 2.34
C VAL A 66 -6.12 10.25 3.06
N GLY A 67 -4.87 10.64 3.30
CA GLY A 67 -4.60 11.89 3.99
C GLY A 67 -3.97 11.69 5.36
N LEU A 68 -3.19 10.61 5.50
CA LEU A 68 -2.53 10.29 6.76
C LEU A 68 -1.01 10.28 6.58
N SER A 69 -0.29 10.50 7.68
CA SER A 69 1.17 10.49 7.64
C SER A 69 1.68 9.08 7.38
N GLN A 70 2.90 8.98 6.87
CA GLN A 70 3.50 7.68 6.57
C GLN A 70 3.43 6.75 7.78
N GLU A 71 3.67 7.31 8.97
CA GLU A 71 3.63 6.52 10.20
C GLU A 71 2.26 5.88 10.39
N ARG A 72 1.21 6.70 10.34
CA ARG A 72 -0.16 6.21 10.49
C ARG A 72 -0.51 5.21 9.39
N ALA A 73 -0.04 5.49 8.17
CA ALA A 73 -0.30 4.61 7.04
C ALA A 73 0.15 3.18 7.33
N ALA A 74 1.47 3.02 7.54
CA ALA A 74 2.02 1.70 7.85
C ALA A 74 1.36 1.12 9.11
N GLU A 75 1.53 1.82 10.23
CA GLU A 75 0.96 1.40 11.51
C GLU A 75 -0.46 0.86 11.36
N LEU A 76 -1.29 1.56 10.58
CA LEU A 76 -2.67 1.13 10.36
C LEU A 76 -2.71 -0.28 9.76
N MET A 77 -1.83 -0.54 8.81
CA MET A 77 -1.74 -1.84 8.15
C MET A 77 -0.96 -2.84 9.01
N THR A 78 -0.03 -2.35 9.82
CA THR A 78 0.78 -3.22 10.68
C THR A 78 -0.10 -3.94 11.69
N ARG A 79 -1.21 -3.29 12.09
CA ARG A 79 -2.13 -3.87 13.06
C ARG A 79 -3.38 -4.44 12.36
N THR A 80 -3.17 -5.14 11.25
CA THR A 80 -4.29 -5.73 10.49
C THR A 80 -4.66 -7.11 11.05
N SER A 81 -5.80 -7.63 10.61
CA SER A 81 -6.27 -8.95 11.05
C SER A 81 -5.78 -10.04 10.12
N SER A 82 -6.37 -11.24 10.22
CA SER A 82 -5.99 -12.37 9.38
C SER A 82 -6.01 -11.98 7.90
N VAL A 83 -7.14 -11.42 7.45
CA VAL A 83 -7.28 -11.00 6.06
C VAL A 83 -6.86 -9.54 5.87
N VAL A 84 -6.20 -9.27 4.75
CA VAL A 84 -5.73 -7.92 4.44
C VAL A 84 -6.19 -7.49 3.04
N THR A 85 -7.11 -6.53 3.00
CA THR A 85 -7.64 -6.02 1.73
C THR A 85 -6.99 -4.68 1.36
N LEU A 86 -5.98 -4.75 0.49
CA LEU A 86 -5.26 -3.55 0.05
C LEU A 86 -5.65 -3.15 -1.36
N GLU A 87 -5.87 -1.86 -1.57
CA GLU A 87 -6.24 -1.34 -2.89
C GLU A 87 -5.05 -0.59 -3.52
N VAL A 88 -4.45 -1.21 -4.53
CA VAL A 88 -3.30 -0.62 -5.21
C VAL A 88 -3.67 -0.12 -6.61
N ALA A 89 -2.95 0.90 -7.08
CA ALA A 89 -3.19 1.46 -8.40
C ALA A 89 -2.16 0.96 -9.41
N LYS A 90 -2.57 -0.05 -10.19
CA LYS A 90 -1.70 -0.64 -11.21
C LYS A 90 -1.46 0.36 -12.34
N GLN A 91 -0.23 0.88 -12.41
CA GLN A 91 0.14 1.86 -13.44
C GLN A 91 1.40 1.42 -14.17
N GLY A 92 1.64 2.02 -15.33
CA GLY A 92 2.82 1.68 -16.12
C GLY A 92 4.07 2.38 -15.67
N ALA A 93 3.90 3.29 -14.74
CA ALA A 93 5.01 4.06 -14.19
C ALA A 93 5.58 5.03 -15.23
N LEU B 1 9.39 10.96 1.77
CA LEU B 1 10.88 10.93 1.84
C LEU B 1 11.38 9.86 2.83
N PHE B 2 10.62 8.77 2.96
CA PHE B 2 10.98 7.68 3.87
C PHE B 2 10.26 6.40 3.47
N SER B 3 10.86 5.25 3.79
CA SER B 3 10.26 3.96 3.47
C SER B 3 10.17 3.06 4.71
N THR B 4 8.96 2.78 5.16
CA THR B 4 8.75 1.94 6.33
C THR B 4 8.58 0.48 5.91
N GLU B 5 8.13 -0.36 6.84
CA GLU B 5 7.93 -1.77 6.55
C GLU B 5 6.74 -2.33 7.33
N VAL B 6 5.68 -2.68 6.60
CA VAL B 6 4.47 -3.23 7.22
C VAL B 6 4.36 -4.73 6.96
#